data_7NL4
#
_entry.id   7NL4
#
_cell.length_a   94.888
_cell.length_b   96.692
_cell.length_c   99.787
_cell.angle_alpha   63.91
_cell.angle_beta   71.16
_cell.angle_gamma   65.07
#
_symmetry.space_group_name_H-M   'P 1'
#
loop_
_entity.id
_entity.type
_entity.pdbx_description
1 polymer 'Aquaporin NIP2-1'
2 non-polymer 'CADMIUM ION'
#
_entity_poly.entity_id   1
_entity_poly.type   'polypeptide(L)'
_entity_poly.pdbx_seq_one_letter_code
;AIADFFPPHLLKKVVSEVVATFLLVFMTCGAAGISGSDLSRISQLGQSIAGGLIVTVMIYAVGHISGAHMNPAVTLAFAV
FRHFPWIQVPFYWAAQFTGAICASFVLKAVIHPVDVIGTTTPVGPHWHSLVVEVIVTFNMMFVTLAVATDTRAVGELAGL
AVGSAVCITSIFAGAISGGSMNPARTLGPALASNKFDGLWIYFLGPVMGTLSGAWTYTFIRFEDTPK
;
_entity_poly.pdbx_strand_id   A,B,C,D,E,F,G,H
#
loop_
_chem_comp.id
_chem_comp.type
_chem_comp.name
_chem_comp.formula
CD non-polymer 'CADMIUM ION' 'Cd 2'
#
# COMPACT_ATOMS: atom_id res chain seq x y z
N PRO A 8 -26.00 9.70 14.90
CA PRO A 8 -24.55 9.85 15.06
C PRO A 8 -23.90 10.39 13.79
N HIS A 9 -24.01 11.70 13.57
CA HIS A 9 -23.51 12.42 12.38
C HIS A 9 -24.23 11.97 11.11
N LEU A 10 -25.56 12.04 11.16
CA LEU A 10 -26.40 11.58 10.07
C LEU A 10 -26.80 12.68 9.10
N LEU A 11 -26.51 13.95 9.38
CA LEU A 11 -26.82 14.98 8.39
C LEU A 11 -25.97 14.81 7.12
N LYS A 12 -24.64 14.89 7.26
CA LYS A 12 -23.81 14.75 6.06
C LYS A 12 -23.94 13.38 5.44
N LYS A 13 -24.37 12.40 6.21
CA LYS A 13 -24.64 11.09 5.63
C LYS A 13 -25.83 11.16 4.69
N VAL A 14 -26.89 11.86 5.09
CA VAL A 14 -28.11 11.88 4.29
C VAL A 14 -28.06 12.90 3.14
N VAL A 15 -27.39 14.04 3.31
CA VAL A 15 -27.14 14.89 2.13
C VAL A 15 -26.36 14.14 1.08
N SER A 16 -25.31 13.43 1.50
CA SER A 16 -24.58 12.56 0.59
C SER A 16 -25.45 11.45 0.05
N GLU A 17 -26.45 11.03 0.82
CA GLU A 17 -27.24 9.93 0.29
C GLU A 17 -28.28 10.46 -0.69
N VAL A 18 -28.80 11.68 -0.48
CA VAL A 18 -29.71 12.26 -1.46
C VAL A 18 -28.96 12.73 -2.70
N VAL A 19 -27.86 13.48 -2.52
CA VAL A 19 -27.23 14.02 -3.72
C VAL A 19 -26.76 12.88 -4.60
N ALA A 20 -26.39 11.75 -3.99
CA ALA A 20 -25.97 10.59 -4.76
C ALA A 20 -27.14 9.99 -5.51
N THR A 21 -28.24 9.72 -4.81
CA THR A 21 -29.38 9.09 -5.47
C THR A 21 -29.96 9.97 -6.58
N PHE A 22 -29.90 11.30 -6.46
CA PHE A 22 -30.33 12.15 -7.58
C PHE A 22 -29.45 11.95 -8.81
N LEU A 23 -28.15 12.24 -8.69
CA LEU A 23 -27.26 12.00 -9.82
C LEU A 23 -27.31 10.55 -10.28
N LEU A 24 -27.57 9.62 -9.35
CA LEU A 24 -27.84 8.22 -9.72
C LEU A 24 -28.97 8.11 -10.73
N VAL A 25 -30.17 8.51 -10.33
CA VAL A 25 -31.36 8.31 -11.15
C VAL A 25 -31.34 9.24 -12.35
N PHE A 26 -31.00 10.52 -12.14
CA PHE A 26 -30.93 11.47 -13.24
C PHE A 26 -30.13 10.93 -14.42
N MET A 27 -29.00 10.26 -14.13
CA MET A 27 -28.16 9.73 -15.19
C MET A 27 -28.70 8.42 -15.73
N THR A 28 -29.01 7.49 -14.80
CA THR A 28 -29.36 6.11 -15.15
C THR A 28 -30.64 6.00 -15.96
N CYS A 29 -31.65 6.81 -15.66
CA CYS A 29 -32.86 6.74 -16.47
C CYS A 29 -32.76 7.60 -17.71
N GLY A 30 -32.27 8.82 -17.55
CA GLY A 30 -32.10 9.73 -18.66
C GLY A 30 -31.35 9.17 -19.85
N ALA A 31 -30.52 8.16 -19.64
CA ALA A 31 -29.97 7.53 -20.83
C ALA A 31 -30.83 6.38 -21.27
N ALA A 32 -31.34 5.56 -20.33
CA ALA A 32 -32.25 4.47 -20.69
C ALA A 32 -33.61 4.98 -21.20
N GLY A 33 -34.08 6.11 -20.67
CA GLY A 33 -35.32 6.70 -21.15
C GLY A 33 -35.17 7.29 -22.53
N ILE A 34 -34.20 8.18 -22.71
CA ILE A 34 -33.84 8.64 -24.04
C ILE A 34 -33.56 7.47 -24.97
N SER A 35 -32.73 6.51 -24.53
CA SER A 35 -32.46 5.36 -25.40
C SER A 35 -33.74 4.58 -25.64
N GLY A 36 -34.56 4.43 -24.61
CA GLY A 36 -35.83 3.73 -24.82
C GLY A 36 -36.81 4.49 -25.71
N SER A 37 -36.38 5.61 -26.30
CA SER A 37 -37.21 6.32 -27.27
C SER A 37 -36.53 6.55 -28.61
N ASP A 38 -35.21 6.45 -28.70
CA ASP A 38 -34.52 6.51 -30.00
C ASP A 38 -33.14 5.90 -29.80
N LEU A 39 -32.99 4.63 -30.22
CA LEU A 39 -31.73 3.88 -30.09
C LEU A 39 -30.64 4.36 -31.05
N SER A 40 -30.93 5.33 -31.90
CA SER A 40 -29.93 5.99 -32.71
C SER A 40 -29.37 7.21 -32.01
N ARG A 41 -30.07 7.63 -30.96
CA ARG A 41 -29.77 8.82 -30.20
C ARG A 41 -28.85 8.49 -29.03
N ILE A 42 -29.13 7.39 -28.34
CA ILE A 42 -28.31 6.80 -27.29
C ILE A 42 -28.41 5.28 -27.41
N SER A 43 -27.27 4.63 -27.65
CA SER A 43 -27.11 3.18 -27.77
C SER A 43 -27.77 2.41 -26.63
N GLN A 44 -28.10 1.14 -26.85
CA GLN A 44 -28.65 0.29 -25.79
C GLN A 44 -27.58 -0.23 -24.85
N LEU A 45 -26.43 -0.64 -25.40
CA LEU A 45 -25.31 -0.97 -24.52
C LEU A 45 -24.83 0.28 -23.83
N GLY A 46 -25.10 1.43 -24.45
CA GLY A 46 -24.71 2.69 -23.89
C GLY A 46 -25.57 3.09 -22.73
N GLN A 47 -26.79 2.60 -22.67
CA GLN A 47 -27.57 2.99 -21.50
C GLN A 47 -27.25 2.10 -20.32
N SER A 48 -26.72 0.88 -20.54
CA SER A 48 -26.24 0.07 -19.44
C SER A 48 -24.88 0.53 -18.93
N ILE A 49 -23.88 0.62 -19.82
CA ILE A 49 -22.58 1.19 -19.44
C ILE A 49 -22.73 2.50 -18.67
N ALA A 50 -23.52 3.44 -19.20
CA ALA A 50 -23.82 4.66 -18.46
C ALA A 50 -24.36 4.34 -17.07
N GLY A 51 -25.34 3.44 -16.99
CA GLY A 51 -25.94 3.16 -15.70
C GLY A 51 -25.02 2.50 -14.70
N GLY A 52 -23.96 1.84 -15.17
CA GLY A 52 -23.07 1.15 -14.28
C GLY A 52 -21.94 2.05 -13.83
N LEU A 53 -21.40 2.82 -14.78
CA LEU A 53 -20.38 3.79 -14.44
C LEU A 53 -20.88 4.73 -13.36
N ILE A 54 -22.11 5.18 -13.46
CA ILE A 54 -22.59 6.17 -12.50
C ILE A 54 -22.62 5.59 -11.10
N VAL A 55 -23.04 4.33 -10.93
CA VAL A 55 -22.98 3.72 -9.60
C VAL A 55 -21.56 3.79 -9.04
N THR A 56 -20.56 3.57 -9.89
CA THR A 56 -19.20 3.56 -9.39
C THR A 56 -18.80 4.93 -8.88
N VAL A 57 -19.06 5.97 -9.67
CA VAL A 57 -18.54 7.26 -9.27
C VAL A 57 -19.22 7.74 -7.99
N MET A 58 -20.45 7.32 -7.71
CA MET A 58 -21.04 7.71 -6.44
C MET A 58 -20.40 6.96 -5.27
N ILE A 59 -19.90 5.74 -5.50
CA ILE A 59 -19.10 5.12 -4.44
C ILE A 59 -17.81 5.91 -4.19
N TYR A 60 -17.20 6.46 -5.22
CA TYR A 60 -16.03 7.29 -4.95
C TYR A 60 -16.41 8.61 -4.31
N ALA A 61 -17.59 9.14 -4.63
CA ALA A 61 -17.99 10.44 -4.13
C ALA A 61 -18.45 10.33 -2.69
N VAL A 62 -19.46 9.51 -2.43
CA VAL A 62 -20.03 9.47 -1.11
C VAL A 62 -19.83 8.13 -0.44
N GLY A 63 -19.03 7.25 -1.03
CA GLY A 63 -18.88 5.95 -0.42
C GLY A 63 -18.27 6.01 0.96
N HIS A 64 -17.31 6.89 1.16
CA HIS A 64 -16.64 6.96 2.45
C HIS A 64 -17.38 7.77 3.49
N ILE A 65 -18.44 8.47 3.09
CA ILE A 65 -19.20 9.34 3.97
C ILE A 65 -20.44 8.59 4.48
N SER A 66 -21.40 8.36 3.60
CA SER A 66 -22.62 7.67 3.98
C SER A 66 -22.47 6.17 3.86
N GLY A 67 -21.59 5.77 2.95
CA GLY A 67 -21.50 4.42 2.44
C GLY A 67 -22.03 4.24 1.04
N ALA A 68 -22.64 5.27 0.46
CA ALA A 68 -23.29 5.17 -0.83
C ALA A 68 -24.21 3.94 -0.90
N HIS A 69 -25.24 3.94 -0.03
CA HIS A 69 -26.22 2.85 -0.05
C HIS A 69 -27.11 2.97 -1.26
N MET A 70 -27.77 4.12 -1.41
CA MET A 70 -28.54 4.49 -2.59
C MET A 70 -29.66 3.49 -2.89
N ASN A 71 -29.93 2.59 -1.96
CA ASN A 71 -30.72 1.40 -2.20
C ASN A 71 -31.34 0.95 -0.89
N PRO A 72 -32.65 1.09 -0.76
CA PRO A 72 -33.29 0.69 0.49
C PRO A 72 -33.13 -0.78 0.77
N ALA A 73 -33.09 -1.62 -0.24
CA ALA A 73 -32.91 -3.03 0.04
C ALA A 73 -31.49 -3.35 0.42
N VAL A 74 -30.56 -2.43 0.18
CA VAL A 74 -29.18 -2.57 0.65
C VAL A 74 -29.02 -1.99 2.05
N THR A 75 -29.46 -0.73 2.27
CA THR A 75 -29.52 -0.18 3.63
C THR A 75 -30.19 -1.16 4.56
N LEU A 76 -31.24 -1.81 4.08
CA LEU A 76 -31.83 -2.90 4.83
C LEU A 76 -30.79 -4.01 5.02
N ALA A 77 -30.19 -4.47 3.93
CA ALA A 77 -29.27 -5.60 4.04
C ALA A 77 -28.11 -5.27 4.95
N PHE A 78 -27.64 -4.00 4.98
CA PHE A 78 -26.60 -3.67 5.97
C PHE A 78 -27.15 -3.69 7.39
N ALA A 79 -28.38 -3.23 7.57
CA ALA A 79 -28.95 -3.26 8.91
C ALA A 79 -29.15 -4.69 9.37
N VAL A 80 -29.41 -5.61 8.44
CA VAL A 80 -29.59 -7.00 8.82
C VAL A 80 -28.25 -7.65 9.20
N PHE A 81 -27.20 -7.37 8.45
CA PHE A 81 -25.99 -8.19 8.59
C PHE A 81 -24.79 -7.47 9.17
N ARG A 82 -24.50 -6.25 8.76
CA ARG A 82 -23.33 -5.64 9.37
C ARG A 82 -23.65 -4.39 10.15
N HIS A 83 -24.51 -4.57 11.14
CA HIS A 83 -24.62 -3.67 12.28
C HIS A 83 -24.93 -2.24 11.85
N PHE A 84 -25.75 -2.08 10.80
CA PHE A 84 -25.88 -0.67 10.44
C PHE A 84 -26.99 -0.04 11.28
N PRO A 85 -26.83 1.24 11.75
CA PRO A 85 -27.80 1.83 12.68
C PRO A 85 -29.25 1.81 12.19
N TRP A 86 -30.03 0.87 12.74
CA TRP A 86 -31.49 0.84 12.63
C TRP A 86 -32.14 2.18 12.86
N ILE A 87 -31.55 3.04 13.69
CA ILE A 87 -32.10 4.38 13.84
C ILE A 87 -31.75 5.27 12.66
N GLN A 88 -30.87 4.80 11.75
CA GLN A 88 -30.40 5.54 10.60
C GLN A 88 -30.99 5.03 9.30
N VAL A 89 -31.39 3.75 9.28
CA VAL A 89 -32.01 3.19 8.08
C VAL A 89 -33.27 3.92 7.65
N PRO A 90 -34.14 4.42 8.54
CA PRO A 90 -35.27 5.23 8.03
C PRO A 90 -34.77 6.50 7.36
N PHE A 91 -33.75 7.13 7.96
CA PHE A 91 -33.21 8.36 7.40
C PHE A 91 -32.59 8.15 6.02
N TYR A 92 -31.97 6.99 5.77
CA TYR A 92 -31.45 6.78 4.43
C TYR A 92 -32.56 6.41 3.45
N TRP A 93 -33.39 5.43 3.83
CA TRP A 93 -34.55 5.07 3.01
C TRP A 93 -35.26 6.34 2.56
N ALA A 94 -35.54 7.21 3.52
CA ALA A 94 -36.07 8.52 3.18
C ALA A 94 -35.16 9.22 2.19
N ALA A 95 -33.85 9.28 2.49
CA ALA A 95 -32.94 10.08 1.67
C ALA A 95 -32.90 9.58 0.23
N GLN A 96 -32.99 8.25 0.05
CA GLN A 96 -32.87 7.67 -1.28
C GLN A 96 -34.11 7.91 -2.11
N PHE A 97 -35.28 7.56 -1.58
CA PHE A 97 -36.52 7.77 -2.30
C PHE A 97 -36.66 9.20 -2.75
N THR A 98 -36.15 10.14 -1.95
CA THR A 98 -36.28 11.56 -2.26
C THR A 98 -35.44 11.95 -3.47
N GLY A 99 -34.11 11.76 -3.37
CA GLY A 99 -33.23 12.16 -4.46
C GLY A 99 -33.61 11.54 -5.79
N ALA A 100 -34.18 10.33 -5.74
CA ALA A 100 -34.60 9.61 -6.95
C ALA A 100 -35.86 10.21 -7.56
N ILE A 101 -36.95 10.20 -6.78
CA ILE A 101 -38.23 10.71 -7.26
C ILE A 101 -38.07 12.13 -7.78
N CYS A 102 -37.26 12.93 -7.08
CA CYS A 102 -36.99 14.30 -7.52
C CYS A 102 -36.39 14.32 -8.93
N ALA A 103 -35.47 13.38 -9.21
CA ALA A 103 -34.72 13.39 -10.46
C ALA A 103 -35.60 13.10 -11.65
N SER A 104 -36.34 11.99 -11.63
CA SER A 104 -37.17 11.61 -12.76
C SER A 104 -38.08 12.74 -13.21
N PHE A 105 -38.58 13.54 -12.26
CA PHE A 105 -39.35 14.73 -12.58
C PHE A 105 -38.47 15.82 -13.17
N VAL A 106 -37.27 16.00 -12.60
CA VAL A 106 -36.33 16.95 -13.18
C VAL A 106 -36.08 16.61 -14.65
N LEU A 107 -36.05 15.32 -14.98
CA LEU A 107 -35.84 14.97 -16.38
C LEU A 107 -37.09 15.09 -17.22
N LYS A 108 -38.25 14.77 -16.63
CA LYS A 108 -39.51 14.86 -17.34
C LYS A 108 -39.49 16.17 -18.12
N ALA A 109 -38.88 17.19 -17.52
CA ALA A 109 -38.78 18.50 -18.14
C ALA A 109 -37.57 18.65 -19.05
N VAL A 110 -36.44 18.01 -18.74
CA VAL A 110 -35.24 18.24 -19.56
C VAL A 110 -35.24 17.38 -20.83
N ILE A 111 -36.01 16.29 -20.87
CA ILE A 111 -36.05 15.42 -22.05
C ILE A 111 -37.43 15.58 -22.67
N HIS A 112 -37.60 16.71 -23.34
CA HIS A 112 -38.90 17.28 -23.64
C HIS A 112 -39.82 16.23 -24.27
N PRO A 113 -39.45 15.60 -25.40
CA PRO A 113 -40.45 14.76 -26.13
C PRO A 113 -40.86 13.48 -25.48
N VAL A 114 -39.96 12.86 -24.73
CA VAL A 114 -40.07 11.49 -24.28
C VAL A 114 -40.60 11.44 -22.86
N ASP A 115 -41.61 10.60 -22.65
CA ASP A 115 -42.24 10.44 -21.35
C ASP A 115 -42.25 8.98 -20.91
N VAL A 116 -41.32 8.17 -21.41
CA VAL A 116 -41.02 6.87 -20.81
C VAL A 116 -39.60 6.96 -20.26
N ILE A 117 -39.50 7.30 -18.97
CA ILE A 117 -38.23 7.65 -18.34
C ILE A 117 -37.61 6.43 -17.71
N GLY A 118 -37.07 5.52 -18.51
CA GLY A 118 -36.54 4.30 -17.94
C GLY A 118 -37.52 3.53 -17.06
N THR A 119 -38.67 3.13 -17.60
CA THR A 119 -39.60 2.33 -16.84
C THR A 119 -39.03 0.92 -16.73
N THR A 120 -38.93 0.39 -15.51
CA THR A 120 -38.62 -1.02 -15.34
C THR A 120 -39.94 -1.77 -15.12
N THR A 121 -40.44 -2.40 -16.19
CA THR A 121 -41.70 -3.13 -16.24
C THR A 121 -41.39 -4.57 -16.60
N PRO A 122 -42.06 -5.55 -15.99
CA PRO A 122 -41.70 -6.94 -16.25
C PRO A 122 -41.88 -7.23 -17.73
N VAL A 123 -41.15 -8.23 -18.22
CA VAL A 123 -41.31 -8.68 -19.60
C VAL A 123 -41.86 -10.10 -19.56
N GLY A 124 -43.01 -10.29 -20.22
CA GLY A 124 -43.70 -11.55 -20.26
C GLY A 124 -44.19 -11.97 -18.89
N PRO A 125 -44.04 -13.27 -18.56
CA PRO A 125 -44.37 -13.74 -17.20
C PRO A 125 -43.72 -12.90 -16.11
N HIS A 126 -44.56 -12.32 -15.26
CA HIS A 126 -44.09 -11.42 -14.21
C HIS A 126 -43.09 -12.09 -13.30
N TRP A 127 -43.24 -13.39 -13.07
CA TRP A 127 -42.32 -14.06 -12.18
C TRP A 127 -40.90 -14.18 -12.75
N HIS A 128 -40.75 -14.19 -14.08
CA HIS A 128 -39.42 -14.18 -14.67
C HIS A 128 -38.58 -13.17 -13.97
N SER A 129 -39.15 -11.97 -13.85
CA SER A 129 -38.42 -10.86 -13.28
C SER A 129 -38.02 -11.17 -11.85
N LEU A 130 -38.93 -11.77 -11.08
CA LEU A 130 -38.69 -12.01 -9.65
C LEU A 130 -37.52 -12.94 -9.46
N VAL A 131 -37.47 -14.01 -10.24
CA VAL A 131 -36.32 -14.89 -10.15
C VAL A 131 -35.07 -14.16 -10.60
N VAL A 132 -35.20 -13.37 -11.66
CA VAL A 132 -34.08 -12.55 -12.09
C VAL A 132 -33.76 -11.48 -11.06
N GLU A 133 -34.77 -10.71 -10.63
CA GLU A 133 -34.52 -9.66 -9.64
C GLU A 133 -34.12 -10.16 -8.27
N VAL A 134 -34.15 -11.46 -8.00
CA VAL A 134 -33.50 -11.95 -6.81
C VAL A 134 -32.13 -12.49 -7.14
N ILE A 135 -31.99 -13.18 -8.25
CA ILE A 135 -30.67 -13.74 -8.50
C ILE A 135 -29.67 -12.62 -8.79
N VAL A 136 -30.05 -11.61 -9.60
CA VAL A 136 -29.11 -10.51 -9.85
C VAL A 136 -28.95 -9.63 -8.62
N THR A 137 -30.01 -9.44 -7.85
CA THR A 137 -29.84 -8.62 -6.66
C THR A 137 -29.02 -9.37 -5.63
N PHE A 138 -29.31 -10.67 -5.46
CA PHE A 138 -28.43 -11.52 -4.69
C PHE A 138 -27.01 -11.34 -5.13
N ASN A 139 -26.77 -11.45 -6.44
CA ASN A 139 -25.44 -11.25 -7.01
C ASN A 139 -24.83 -9.95 -6.57
N MET A 140 -25.56 -8.87 -6.80
CA MET A 140 -25.00 -7.59 -6.43
C MET A 140 -24.72 -7.52 -4.94
N MET A 141 -25.73 -7.76 -4.09
CA MET A 141 -25.49 -7.64 -2.65
C MET A 141 -24.37 -8.57 -2.19
N PHE A 142 -24.33 -9.78 -2.76
CA PHE A 142 -23.24 -10.69 -2.48
C PHE A 142 -21.89 -10.02 -2.66
N VAL A 143 -21.67 -9.34 -3.78
CA VAL A 143 -20.33 -8.78 -3.97
C VAL A 143 -20.22 -7.47 -3.20
N THR A 144 -21.31 -6.66 -3.14
CA THR A 144 -21.28 -5.49 -2.27
C THR A 144 -20.80 -5.87 -0.89
N LEU A 145 -21.12 -7.05 -0.45
CA LEU A 145 -20.78 -7.32 0.92
C LEU A 145 -19.32 -7.78 1.01
N ALA A 146 -18.86 -8.53 0.00
CA ALA A 146 -17.47 -8.96 -0.02
C ALA A 146 -16.49 -7.82 -0.21
N VAL A 147 -16.93 -6.61 -0.54
CA VAL A 147 -15.99 -5.52 -0.75
C VAL A 147 -16.25 -4.34 0.16
N ALA A 148 -17.32 -4.34 0.94
CA ALA A 148 -17.58 -3.17 1.78
C ALA A 148 -16.63 -3.12 2.96
N THR A 149 -16.24 -1.91 3.34
CA THR A 149 -15.29 -1.68 4.42
C THR A 149 -15.90 -1.13 5.68
N ASP A 150 -17.20 -0.85 5.69
CA ASP A 150 -17.89 -0.41 6.89
C ASP A 150 -17.48 1.02 7.25
N THR A 151 -17.37 1.85 6.22
CA THR A 151 -17.48 3.29 6.33
C THR A 151 -18.06 4.05 5.13
N ARG A 152 -18.87 3.45 4.26
CA ARG A 152 -19.60 2.23 4.55
C ARG A 152 -19.34 1.15 3.47
N ALA A 153 -19.53 1.49 2.19
CA ALA A 153 -18.99 0.73 1.03
C ALA A 153 -17.86 1.55 0.39
N VAL A 154 -16.65 1.40 0.88
CA VAL A 154 -15.65 2.39 0.53
C VAL A 154 -14.54 1.75 -0.26
N GLY A 155 -13.98 2.57 -1.15
CA GLY A 155 -12.69 2.25 -1.69
C GLY A 155 -12.67 2.00 -3.17
N GLU A 156 -11.48 2.07 -3.74
CA GLU A 156 -11.43 1.94 -5.18
C GLU A 156 -12.07 0.66 -5.65
N LEU A 157 -11.78 -0.52 -5.03
CA LEU A 157 -12.38 -1.66 -5.71
C LEU A 157 -13.85 -1.81 -5.33
N ALA A 158 -14.30 -1.23 -4.22
CA ALA A 158 -15.73 -1.30 -3.95
C ALA A 158 -16.49 -0.63 -5.06
N GLY A 159 -15.98 0.49 -5.54
CA GLY A 159 -16.63 1.12 -6.69
C GLY A 159 -16.63 0.25 -7.92
N LEU A 160 -15.52 -0.42 -8.22
CA LEU A 160 -15.50 -1.30 -9.37
C LEU A 160 -16.44 -2.47 -9.21
N ALA A 161 -16.40 -3.16 -8.06
CA ALA A 161 -17.20 -4.36 -7.91
C ALA A 161 -18.69 -4.05 -8.11
N VAL A 162 -19.21 -3.11 -7.33
CA VAL A 162 -20.65 -2.86 -7.33
C VAL A 162 -21.08 -2.29 -8.66
N GLY A 163 -20.35 -1.29 -9.16
CA GLY A 163 -20.65 -0.79 -10.49
C GLY A 163 -20.61 -1.89 -11.53
N SER A 164 -19.62 -2.76 -11.46
CA SER A 164 -19.58 -3.85 -12.41
C SER A 164 -20.81 -4.73 -12.28
N ALA A 165 -21.17 -5.15 -11.06
CA ALA A 165 -22.34 -6.01 -10.89
C ALA A 165 -23.57 -5.35 -11.47
N VAL A 166 -23.82 -4.11 -11.06
CA VAL A 166 -24.93 -3.32 -11.59
C VAL A 166 -24.93 -3.30 -13.11
N CYS A 167 -23.77 -3.11 -13.72
CA CYS A 167 -23.80 -3.06 -15.17
C CYS A 167 -24.31 -4.36 -15.74
N ILE A 168 -23.84 -5.50 -15.20
CA ILE A 168 -24.33 -6.80 -15.67
C ILE A 168 -25.83 -6.85 -15.58
N THR A 169 -26.38 -6.26 -14.54
CA THR A 169 -27.81 -6.32 -14.36
C THR A 169 -28.54 -5.62 -15.49
N SER A 170 -28.08 -4.42 -15.92
CA SER A 170 -28.78 -3.76 -17.03
C SER A 170 -28.74 -4.59 -18.30
N ILE A 171 -27.59 -5.19 -18.60
CA ILE A 171 -27.47 -5.93 -19.85
C ILE A 171 -28.42 -7.11 -19.85
N PHE A 172 -28.31 -7.98 -18.86
CA PHE A 172 -29.07 -9.23 -18.84
C PHE A 172 -30.44 -9.10 -18.17
N ALA A 173 -30.47 -8.73 -16.90
CA ALA A 173 -31.74 -8.60 -16.20
C ALA A 173 -32.62 -7.52 -16.82
N GLY A 174 -32.05 -6.63 -17.63
CA GLY A 174 -32.85 -5.66 -18.35
C GLY A 174 -33.76 -6.26 -19.41
N ALA A 175 -33.35 -7.39 -19.99
CA ALA A 175 -34.16 -8.06 -20.99
C ALA A 175 -35.37 -8.77 -20.40
N ILE A 176 -35.31 -9.09 -19.11
CA ILE A 176 -36.38 -9.81 -18.40
C ILE A 176 -37.16 -8.88 -17.47
N SER A 177 -36.51 -8.32 -16.50
CA SER A 177 -37.12 -7.45 -15.51
C SER A 177 -37.10 -5.97 -15.90
N GLY A 178 -36.34 -5.61 -16.92
CA GLY A 178 -35.88 -4.25 -17.02
C GLY A 178 -34.63 -4.02 -16.20
N GLY A 179 -34.37 -4.89 -15.22
CA GLY A 179 -33.14 -4.86 -14.45
C GLY A 179 -33.07 -3.68 -13.50
N SER A 180 -33.61 -3.82 -12.29
CA SER A 180 -33.59 -2.73 -11.33
C SER A 180 -32.70 -3.06 -10.13
N MET A 181 -33.16 -3.96 -9.24
CA MET A 181 -32.57 -4.31 -7.94
C MET A 181 -32.70 -3.22 -6.88
N ASN A 182 -33.48 -2.17 -7.14
CA ASN A 182 -33.53 -1.02 -6.24
C ASN A 182 -34.94 -0.47 -6.15
N PRO A 183 -35.66 -0.74 -5.04
CA PRO A 183 -37.04 -0.24 -4.94
C PRO A 183 -37.13 1.26 -5.12
N ALA A 184 -36.10 2.00 -4.70
CA ALA A 184 -36.15 3.44 -4.86
C ALA A 184 -36.05 3.85 -6.32
N ARG A 185 -35.26 3.14 -7.13
CA ARG A 185 -35.11 3.59 -8.51
C ARG A 185 -36.22 3.12 -9.45
N THR A 186 -36.99 2.09 -9.11
CA THR A 186 -38.15 1.83 -9.95
C THR A 186 -39.24 2.87 -9.68
N LEU A 187 -39.43 3.21 -8.41
CA LEU A 187 -40.55 4.06 -7.99
C LEU A 187 -40.50 5.45 -8.63
N GLY A 188 -39.34 6.12 -8.59
CA GLY A 188 -39.19 7.45 -9.12
C GLY A 188 -39.68 7.59 -10.54
N PRO A 189 -39.07 6.83 -11.45
CA PRO A 189 -39.54 6.82 -12.85
C PRO A 189 -41.00 6.42 -13.00
N ALA A 190 -41.44 5.39 -12.25
CA ALA A 190 -42.82 4.94 -12.36
C ALA A 190 -43.79 6.09 -12.15
N LEU A 191 -43.40 7.07 -11.35
CA LEU A 191 -44.27 8.21 -11.08
C LEU A 191 -44.24 9.24 -12.21
N ALA A 192 -43.09 9.42 -12.86
CA ALA A 192 -43.02 10.43 -13.92
C ALA A 192 -43.69 9.96 -15.20
N SER A 193 -43.78 8.65 -15.42
CA SER A 193 -44.47 8.10 -16.59
C SER A 193 -45.72 7.31 -16.23
N ASN A 194 -46.10 7.28 -14.95
CA ASN A 194 -47.37 6.70 -14.50
C ASN A 194 -47.60 5.30 -15.03
N LYS A 195 -46.57 4.46 -14.98
CA LYS A 195 -46.70 3.07 -15.35
C LYS A 195 -46.20 2.29 -14.15
N PHE A 196 -47.06 1.45 -13.59
CA PHE A 196 -46.75 0.82 -12.32
C PHE A 196 -46.93 -0.69 -12.41
N ASP A 197 -46.73 -1.21 -13.60
CA ASP A 197 -46.94 -2.62 -13.89
C ASP A 197 -45.85 -3.44 -13.22
N GLY A 198 -46.24 -4.36 -12.33
CA GLY A 198 -45.31 -5.23 -11.62
C GLY A 198 -44.47 -4.67 -10.48
N LEU A 199 -44.83 -3.53 -9.87
CA LEU A 199 -44.07 -3.00 -8.73
C LEU A 199 -43.94 -3.94 -7.55
N TRP A 200 -44.81 -4.93 -7.40
CA TRP A 200 -44.61 -5.82 -6.27
C TRP A 200 -43.30 -6.56 -6.41
N ILE A 201 -42.82 -6.74 -7.63
CA ILE A 201 -41.60 -7.48 -7.82
C ILE A 201 -40.36 -6.65 -7.51
N TYR A 202 -40.43 -5.32 -7.71
CA TYR A 202 -39.31 -4.42 -7.46
C TYR A 202 -39.21 -4.02 -6.02
N PHE A 203 -39.90 -4.74 -5.16
CA PHE A 203 -39.69 -4.67 -3.74
C PHE A 203 -39.37 -6.02 -3.14
N LEU A 204 -39.96 -7.07 -3.67
CA LEU A 204 -39.74 -8.38 -3.09
C LEU A 204 -38.60 -9.12 -3.75
N GLY A 205 -38.33 -8.84 -5.02
CA GLY A 205 -37.14 -9.33 -5.67
C GLY A 205 -35.91 -8.83 -4.95
N PRO A 206 -35.77 -7.48 -4.89
CA PRO A 206 -34.67 -6.86 -4.12
C PRO A 206 -34.60 -7.27 -2.65
N VAL A 207 -35.64 -6.97 -1.87
CA VAL A 207 -35.51 -7.23 -0.43
C VAL A 207 -35.12 -8.68 -0.23
N MET A 208 -35.69 -9.57 -1.03
CA MET A 208 -35.30 -10.96 -0.92
C MET A 208 -33.97 -11.23 -1.61
N GLY A 209 -33.59 -10.42 -2.58
CA GLY A 209 -32.32 -10.65 -3.22
C GLY A 209 -31.15 -10.20 -2.37
N THR A 210 -31.27 -9.00 -1.76
CA THR A 210 -30.16 -8.50 -0.94
C THR A 210 -29.97 -9.33 0.31
N LEU A 211 -31.06 -9.66 1.00
CA LEU A 211 -30.92 -10.44 2.23
C LEU A 211 -30.38 -11.83 1.91
N SER A 212 -30.88 -12.47 0.86
CA SER A 212 -30.38 -13.79 0.54
C SER A 212 -28.90 -13.72 0.18
N GLY A 213 -28.54 -12.82 -0.74
CA GLY A 213 -27.14 -12.73 -1.15
C GLY A 213 -26.23 -12.26 -0.03
N ALA A 214 -26.70 -11.33 0.78
CA ALA A 214 -25.91 -10.87 1.91
C ALA A 214 -25.72 -11.99 2.91
N TRP A 215 -26.81 -12.73 3.19
CA TRP A 215 -26.72 -13.90 4.06
C TRP A 215 -25.74 -14.93 3.51
N THR A 216 -25.71 -15.08 2.19
CA THR A 216 -24.87 -16.10 1.57
C THR A 216 -23.40 -15.77 1.79
N TYR A 217 -23.08 -14.47 1.79
CA TYR A 217 -21.70 -14.05 2.01
C TYR A 217 -21.25 -14.32 3.45
N THR A 218 -22.03 -13.81 4.43
CA THR A 218 -21.75 -14.07 5.85
C THR A 218 -21.61 -15.56 6.13
N PHE A 219 -22.22 -16.42 5.32
CA PHE A 219 -22.05 -17.85 5.50
C PHE A 219 -20.60 -18.25 5.25
N ILE A 220 -20.09 -17.93 4.07
CA ILE A 220 -18.77 -18.40 3.66
C ILE A 220 -17.66 -17.49 4.20
N ARG A 221 -18.00 -16.58 5.12
CA ARG A 221 -17.26 -15.33 5.31
C ARG A 221 -15.75 -15.41 5.39
N PHE A 222 -15.19 -16.00 6.44
CA PHE A 222 -13.75 -16.13 6.44
C PHE A 222 -13.35 -17.48 5.90
N GLU A 223 -12.26 -17.45 5.15
CA GLU A 223 -11.79 -18.53 4.30
C GLU A 223 -11.63 -19.93 4.85
N PRO B 8 22.05 -9.75 -20.23
CA PRO B 8 21.83 -9.68 -18.79
C PRO B 8 20.53 -10.35 -18.36
N HIS B 9 20.49 -11.69 -18.28
CA HIS B 9 19.27 -12.44 -17.92
C HIS B 9 18.17 -12.22 -18.96
N LEU B 10 18.54 -12.32 -20.23
CA LEU B 10 17.65 -12.01 -21.34
C LEU B 10 16.89 -13.21 -21.87
N LEU B 11 17.20 -14.41 -21.40
CA LEU B 11 16.54 -15.60 -21.94
C LEU B 11 15.05 -15.57 -21.67
N LYS B 12 14.66 -15.61 -20.40
CA LYS B 12 13.23 -15.58 -20.09
C LYS B 12 12.60 -14.28 -20.54
N LYS B 13 13.39 -13.21 -20.67
CA LYS B 13 12.85 -11.91 -21.02
C LYS B 13 12.25 -11.93 -22.41
N VAL B 14 12.93 -12.59 -23.35
CA VAL B 14 12.51 -12.56 -24.75
C VAL B 14 11.39 -13.59 -25.06
N VAL B 15 11.35 -14.74 -24.39
CA VAL B 15 10.19 -15.63 -24.51
C VAL B 15 8.92 -14.89 -24.12
N SER B 16 8.97 -14.14 -23.01
CA SER B 16 7.79 -13.39 -22.59
C SER B 16 7.36 -12.41 -23.68
N GLU B 17 8.32 -11.96 -24.49
CA GLU B 17 8.00 -10.99 -25.52
C GLU B 17 7.40 -11.63 -26.77
N VAL B 18 7.74 -12.88 -27.09
CA VAL B 18 7.02 -13.51 -28.18
C VAL B 18 5.63 -13.93 -27.74
N VAL B 19 5.52 -14.61 -26.59
CA VAL B 19 4.21 -15.11 -26.19
C VAL B 19 3.26 -13.92 -26.04
N ALA B 20 3.79 -12.79 -25.58
CA ALA B 20 2.96 -11.59 -25.48
C ALA B 20 2.64 -11.06 -26.86
N THR B 21 3.65 -10.89 -27.71
CA THR B 21 3.35 -10.40 -29.06
C THR B 21 2.52 -11.39 -29.88
N PHE B 22 2.71 -12.71 -29.68
CA PHE B 22 1.81 -13.67 -30.33
C PHE B 22 0.38 -13.46 -29.86
N LEU B 23 0.14 -13.66 -28.56
CA LEU B 23 -1.20 -13.41 -28.01
C LEU B 23 -1.68 -11.99 -28.29
N LEU B 24 -0.77 -11.02 -28.40
CA LEU B 24 -1.21 -9.68 -28.81
C LEU B 24 -1.94 -9.75 -30.13
N VAL B 25 -1.25 -10.21 -31.18
CA VAL B 25 -1.80 -10.15 -32.53
C VAL B 25 -2.91 -11.16 -32.73
N PHE B 26 -2.74 -12.40 -32.24
CA PHE B 26 -3.78 -13.42 -32.38
C PHE B 26 -5.15 -12.88 -32.00
N MET B 27 -5.23 -12.07 -30.94
CA MET B 27 -6.55 -11.50 -30.64
C MET B 27 -6.79 -10.20 -31.42
N THR B 28 -5.85 -9.26 -31.39
CA THR B 28 -6.09 -7.95 -32.00
C THR B 28 -6.32 -8.05 -33.51
N CYS B 29 -5.58 -8.91 -34.22
CA CYS B 29 -5.81 -9.07 -35.66
C CYS B 29 -6.90 -10.08 -35.94
N GLY B 30 -6.86 -11.24 -35.27
CA GLY B 30 -7.85 -12.29 -35.35
C GLY B 30 -9.26 -11.83 -35.05
N ALA B 31 -9.41 -10.76 -34.27
CA ALA B 31 -10.74 -10.18 -34.12
C ALA B 31 -10.99 -9.07 -35.12
N ALA B 32 -9.97 -8.28 -35.43
CA ALA B 32 -10.14 -7.26 -36.45
C ALA B 32 -10.38 -7.87 -37.84
N GLY B 33 -9.79 -9.05 -38.11
CA GLY B 33 -9.96 -9.69 -39.41
C GLY B 33 -11.35 -10.27 -39.59
N ILE B 34 -11.79 -11.09 -38.64
CA ILE B 34 -13.18 -11.54 -38.62
C ILE B 34 -14.14 -10.35 -38.66
N SER B 35 -13.97 -9.37 -37.78
CA SER B 35 -14.91 -8.25 -37.72
C SER B 35 -14.94 -7.46 -39.00
N GLY B 36 -13.78 -7.17 -39.58
CA GLY B 36 -13.91 -6.40 -40.81
C GLY B 36 -14.51 -7.17 -41.97
N SER B 37 -14.94 -8.40 -41.70
CA SER B 37 -15.50 -9.29 -42.69
C SER B 37 -16.99 -9.53 -42.46
N ASP B 38 -17.41 -9.96 -41.28
CA ASP B 38 -18.84 -9.97 -40.95
C ASP B 38 -19.01 -9.15 -39.68
N LEU B 39 -19.49 -7.93 -39.87
CA LEU B 39 -19.69 -7.01 -38.78
C LEU B 39 -20.86 -7.45 -37.88
N SER B 40 -21.53 -8.54 -38.25
CA SER B 40 -22.50 -9.24 -37.43
C SER B 40 -21.87 -10.36 -36.64
N ARG B 41 -20.67 -10.75 -37.05
CA ARG B 41 -19.96 -11.88 -36.48
C ARG B 41 -19.09 -11.42 -35.31
N ILE B 42 -18.48 -10.24 -35.45
CA ILE B 42 -17.77 -9.52 -34.39
C ILE B 42 -17.97 -8.02 -34.57
N SER B 43 -18.57 -7.36 -33.57
CA SER B 43 -18.83 -5.92 -33.57
C SER B 43 -17.60 -5.08 -33.87
N GLN B 44 -17.82 -3.87 -34.39
CA GLN B 44 -16.71 -2.94 -34.65
C GLN B 44 -16.22 -2.24 -33.39
N LEU B 45 -17.13 -1.87 -32.47
CA LEU B 45 -16.68 -1.37 -31.16
C LEU B 45 -16.03 -2.49 -30.40
N GLY B 46 -16.43 -3.71 -30.72
CA GLY B 46 -15.90 -4.89 -30.07
C GLY B 46 -14.51 -5.20 -30.50
N GLN B 47 -14.10 -4.71 -31.67
CA GLN B 47 -12.74 -4.99 -32.07
C GLN B 47 -11.77 -3.96 -31.51
N SER B 48 -12.25 -2.79 -31.09
CA SER B 48 -11.39 -1.87 -30.34
C SER B 48 -11.18 -2.36 -28.92
N ILE B 49 -12.29 -2.51 -28.18
CA ILE B 49 -12.31 -3.05 -26.83
C ILE B 49 -11.46 -4.30 -26.71
N ALA B 50 -11.63 -5.26 -27.61
CA ALA B 50 -10.80 -6.47 -27.60
C ALA B 50 -9.31 -6.12 -27.64
N GLY B 51 -8.92 -5.28 -28.61
CA GLY B 51 -7.52 -4.98 -28.78
C GLY B 51 -6.89 -4.22 -27.64
N GLY B 52 -7.68 -3.47 -26.88
CA GLY B 52 -7.07 -2.69 -25.83
C GLY B 52 -6.94 -3.55 -24.60
N LEU B 53 -7.98 -4.37 -24.37
CA LEU B 53 -7.96 -5.33 -23.28
C LEU B 53 -6.74 -6.24 -23.35
N ILE B 54 -6.42 -6.76 -24.55
CA ILE B 54 -5.29 -7.70 -24.63
C ILE B 54 -3.97 -7.01 -24.26
N VAL B 55 -3.76 -5.75 -24.68
CA VAL B 55 -2.57 -5.07 -24.21
C VAL B 55 -2.56 -5.05 -22.67
N THR B 56 -3.73 -4.82 -22.06
CA THR B 56 -3.75 -4.71 -20.60
C THR B 56 -3.40 -6.04 -19.96
N VAL B 57 -3.97 -7.13 -20.45
CA VAL B 57 -3.68 -8.38 -19.76
C VAL B 57 -2.24 -8.82 -20.00
N MET B 58 -1.61 -8.44 -21.13
CA MET B 58 -0.22 -8.82 -21.33
C MET B 58 0.71 -8.02 -20.42
N ILE B 59 0.38 -6.75 -20.17
CA ILE B 59 1.15 -5.95 -19.23
C ILE B 59 1.06 -6.55 -17.82
N TYR B 60 -0.10 -7.06 -17.45
CA TYR B 60 -0.22 -7.75 -16.17
C TYR B 60 0.52 -9.08 -16.16
N ALA B 61 0.65 -9.73 -17.32
CA ALA B 61 1.29 -11.04 -17.41
C ALA B 61 2.82 -10.95 -17.43
N VAL B 62 3.37 -10.21 -18.39
CA VAL B 62 4.81 -10.18 -18.58
C VAL B 62 5.42 -8.83 -18.27
N GLY B 63 4.63 -7.86 -17.80
CA GLY B 63 5.15 -6.51 -17.63
C GLY B 63 6.30 -6.44 -16.65
N HIS B 64 6.22 -7.24 -15.61
CA HIS B 64 7.28 -7.34 -14.63
C HIS B 64 8.45 -8.21 -15.09
N ILE B 65 8.33 -8.93 -16.21
CA ILE B 65 9.41 -9.79 -16.69
C ILE B 65 10.15 -9.08 -17.81
N SER B 66 9.48 -8.91 -18.95
CA SER B 66 10.08 -8.24 -20.10
C SER B 66 9.93 -6.74 -20.03
N GLY B 67 8.88 -6.28 -19.36
CA GLY B 67 8.41 -4.92 -19.49
C GLY B 67 7.20 -4.81 -20.35
N ALA B 68 6.80 -5.92 -20.98
CA ALA B 68 5.72 -5.98 -21.94
C ALA B 68 5.89 -4.86 -22.99
N HIS B 69 6.97 -5.00 -23.75
CA HIS B 69 7.22 -4.05 -24.83
C HIS B 69 6.33 -4.34 -26.05
N MET B 70 6.47 -5.53 -26.65
CA MET B 70 5.61 -6.03 -27.73
C MET B 70 5.58 -5.08 -28.94
N ASN B 71 6.54 -4.18 -29.06
CA ASN B 71 6.45 -3.05 -29.96
C ASN B 71 7.86 -2.55 -30.31
N PRO B 72 8.31 -2.69 -31.56
CA PRO B 72 9.65 -2.20 -31.92
C PRO B 72 9.82 -0.70 -31.72
N ALA B 73 8.77 0.06 -31.88
CA ALA B 73 8.84 1.48 -31.61
C ALA B 73 8.86 1.77 -30.10
N VAL B 74 8.59 0.77 -29.26
CA VAL B 74 8.69 0.90 -27.81
C VAL B 74 10.07 0.53 -27.28
N THR B 75 10.51 -0.71 -27.55
CA THR B 75 11.85 -1.15 -27.15
C THR B 75 12.90 -0.16 -27.58
N LEU B 76 12.75 0.41 -28.77
CA LEU B 76 13.62 1.51 -29.19
C LEU B 76 13.49 2.69 -28.25
N ALA B 77 12.25 3.14 -28.00
CA ALA B 77 12.02 4.33 -27.16
C ALA B 77 12.45 4.10 -25.70
N PHE B 78 12.25 2.89 -25.15
CA PHE B 78 12.82 2.66 -23.81
C PHE B 78 14.32 2.61 -23.87
N ALA B 79 14.88 2.07 -24.96
CA ALA B 79 16.33 2.03 -25.06
C ALA B 79 16.89 3.43 -25.14
N VAL B 80 16.15 4.36 -25.73
CA VAL B 80 16.63 5.73 -25.83
C VAL B 80 16.53 6.50 -24.52
N PHE B 81 15.40 6.39 -23.78
CA PHE B 81 15.18 7.36 -22.70
C PHE B 81 15.26 6.80 -21.28
N ARG B 82 14.66 5.66 -20.97
CA ARG B 82 14.77 5.17 -19.60
C ARG B 82 15.69 3.95 -19.61
N HIS B 83 16.90 4.20 -20.13
CA HIS B 83 18.15 3.38 -20.12
C HIS B 83 17.98 1.88 -20.40
N PHE B 84 17.29 1.54 -21.44
CA PHE B 84 17.16 0.07 -21.54
C PHE B 84 18.31 -0.55 -22.38
N PRO B 85 18.82 -1.82 -22.04
CA PRO B 85 19.97 -2.41 -22.77
C PRO B 85 19.92 -2.55 -24.29
N TRP B 86 20.70 -1.70 -24.96
CA TRP B 86 21.15 -1.87 -26.34
C TRP B 86 21.75 -3.24 -26.67
N ILE B 87 22.29 -4.00 -25.71
CA ILE B 87 22.63 -5.38 -26.07
C ILE B 87 21.38 -6.23 -26.21
N GLN B 88 20.24 -5.72 -25.74
CA GLN B 88 18.98 -6.44 -25.70
C GLN B 88 17.91 -5.89 -26.63
N VAL B 89 18.03 -4.65 -27.10
CA VAL B 89 17.07 -4.12 -28.09
C VAL B 89 17.02 -4.96 -29.36
N PRO B 90 18.13 -5.52 -29.87
CA PRO B 90 17.96 -6.45 -31.00
C PRO B 90 17.26 -7.74 -30.59
N PHE B 91 17.65 -8.32 -29.45
CA PHE B 91 17.04 -9.58 -29.04
C PHE B 91 15.53 -9.45 -28.80
N TYR B 92 15.06 -8.26 -28.35
CA TYR B 92 13.62 -8.03 -28.21
C TYR B 92 12.95 -7.69 -29.55
N TRP B 93 13.53 -6.76 -30.32
CA TRP B 93 13.05 -6.43 -31.67
C TRP B 93 12.77 -7.69 -32.48
N ALA B 94 13.64 -8.69 -32.32
CA ALA B 94 13.37 -10.01 -32.87
C ALA B 94 12.07 -10.58 -32.33
N ALA B 95 11.92 -10.59 -31.00
CA ALA B 95 10.79 -11.29 -30.38
C ALA B 95 9.45 -10.71 -30.79
N GLN B 96 9.39 -9.40 -31.03
CA GLN B 96 8.14 -8.72 -31.39
C GLN B 96 7.77 -9.00 -32.86
N PHE B 97 8.71 -8.77 -33.77
CA PHE B 97 8.46 -9.05 -35.19
C PHE B 97 8.07 -10.50 -35.42
N THR B 98 8.59 -11.42 -34.59
CA THR B 98 8.22 -12.83 -34.71
C THR B 98 6.80 -13.13 -34.21
N GLY B 99 6.53 -12.87 -32.93
CA GLY B 99 5.23 -13.19 -32.37
C GLY B 99 4.08 -12.59 -33.16
N ALA B 100 4.29 -11.44 -33.81
CA ALA B 100 3.26 -10.84 -34.63
C ALA B 100 3.09 -11.60 -35.95
N ILE B 101 4.17 -11.74 -36.71
CA ILE B 101 4.15 -12.51 -37.96
C ILE B 101 3.65 -13.94 -37.75
N CYS B 102 4.11 -14.60 -36.68
CA CYS B 102 3.60 -15.94 -36.40
C CYS B 102 2.08 -15.94 -36.18
N ALA B 103 1.57 -14.95 -35.44
CA ALA B 103 0.17 -14.99 -35.03
C ALA B 103 -0.74 -14.82 -36.25
N SER B 104 -0.52 -13.76 -37.03
CA SER B 104 -1.37 -13.53 -38.20
C SER B 104 -1.44 -14.76 -39.10
N PHE B 105 -0.33 -15.48 -39.26
CA PHE B 105 -0.41 -16.77 -39.97
C PHE B 105 -1.19 -17.81 -39.18
N VAL B 106 -0.91 -17.93 -37.88
CA VAL B 106 -1.71 -18.88 -37.09
C VAL B 106 -3.18 -18.53 -37.25
N LEU B 107 -3.47 -17.24 -37.43
CA LEU B 107 -4.84 -16.81 -37.62
C LEU B 107 -5.35 -17.11 -39.01
N LYS B 108 -4.47 -16.93 -40.02
CA LYS B 108 -4.88 -17.18 -41.39
C LYS B 108 -5.61 -18.51 -41.50
N ALA B 109 -5.24 -19.51 -40.69
CA ALA B 109 -5.89 -20.81 -40.77
C ALA B 109 -7.11 -20.96 -39.85
N VAL B 110 -7.13 -20.36 -38.66
CA VAL B 110 -8.24 -20.58 -37.75
C VAL B 110 -9.46 -19.79 -38.17
N ILE B 111 -9.26 -18.81 -39.05
CA ILE B 111 -10.38 -18.04 -39.55
C ILE B 111 -10.56 -18.27 -41.05
N HIS B 112 -10.73 -19.55 -41.51
CA HIS B 112 -10.56 -19.81 -42.95
C HIS B 112 -11.18 -18.79 -43.89
N PRO B 113 -12.50 -18.55 -43.82
CA PRO B 113 -13.13 -17.82 -44.93
C PRO B 113 -12.59 -16.41 -45.08
N VAL B 114 -12.12 -15.79 -44.01
CA VAL B 114 -11.62 -14.43 -44.06
C VAL B 114 -10.10 -14.48 -44.21
N ASP B 115 -9.59 -13.74 -45.19
CA ASP B 115 -8.19 -13.83 -45.60
C ASP B 115 -7.42 -12.51 -45.59
N VAL B 116 -8.07 -11.39 -45.32
CA VAL B 116 -7.35 -10.19 -44.91
C VAL B 116 -7.28 -10.28 -43.39
N ILE B 117 -6.15 -10.77 -42.89
CA ILE B 117 -6.05 -11.21 -41.51
C ILE B 117 -5.64 -9.97 -40.74
N GLY B 118 -6.60 -9.07 -40.50
CA GLY B 118 -6.30 -7.74 -40.01
C GLY B 118 -5.44 -7.02 -41.02
N THR B 119 -5.73 -5.75 -41.25
CA THR B 119 -4.93 -4.96 -42.18
C THR B 119 -4.80 -3.61 -41.53
N THR B 120 -3.60 -3.11 -41.43
CA THR B 120 -3.47 -1.73 -41.06
C THR B 120 -3.12 -1.06 -42.39
N THR B 121 -4.16 -0.58 -43.05
CA THR B 121 -3.99 0.00 -44.37
C THR B 121 -4.61 1.38 -44.39
N PRO B 122 -3.94 2.36 -44.99
CA PRO B 122 -4.43 3.74 -44.92
C PRO B 122 -5.80 3.89 -45.53
N VAL B 123 -6.50 4.94 -45.08
CA VAL B 123 -7.80 5.31 -45.62
C VAL B 123 -7.59 6.60 -46.38
N GLY B 124 -7.78 6.56 -47.69
CA GLY B 124 -7.61 7.74 -48.50
C GLY B 124 -6.18 8.24 -48.53
N PRO B 125 -6.02 9.57 -48.38
CA PRO B 125 -4.67 10.16 -48.33
C PRO B 125 -3.73 9.51 -47.32
N HIS B 126 -2.62 9.00 -47.86
CA HIS B 126 -1.65 8.29 -47.04
C HIS B 126 -1.04 9.17 -45.94
N TRP B 127 -0.89 10.47 -46.16
CA TRP B 127 -0.32 11.30 -45.11
C TRP B 127 -1.26 11.45 -43.92
N HIS B 128 -2.58 11.35 -44.16
CA HIS B 128 -3.53 11.29 -43.05
C HIS B 128 -3.13 10.22 -42.05
N SER B 129 -2.80 9.04 -42.56
CA SER B 129 -2.41 7.92 -41.71
C SER B 129 -1.08 8.17 -40.99
N LEU B 130 -0.06 8.69 -41.68
CA LEU B 130 1.22 8.88 -41.01
C LEU B 130 1.11 9.91 -39.88
N VAL B 131 0.34 10.99 -40.09
CA VAL B 131 0.17 11.98 -39.02
C VAL B 131 -0.59 11.38 -37.84
N VAL B 132 -1.67 10.66 -38.11
CA VAL B 132 -2.41 9.98 -37.05
C VAL B 132 -1.50 8.95 -36.37
N GLU B 133 -0.79 8.15 -37.15
CA GLU B 133 0.10 7.15 -36.59
C GLU B 133 1.33 7.72 -35.83
N VAL B 134 1.59 9.02 -35.79
CA VAL B 134 2.55 9.54 -34.83
C VAL B 134 1.85 10.20 -33.64
N ILE B 135 0.75 10.94 -33.86
CA ILE B 135 0.10 11.59 -32.72
C ILE B 135 -0.56 10.57 -31.79
N VAL B 136 -1.24 9.56 -32.35
CA VAL B 136 -1.85 8.54 -31.49
C VAL B 136 -0.77 7.71 -30.87
N THR B 137 0.36 7.54 -31.57
CA THR B 137 1.50 6.86 -31.00
C THR B 137 2.21 7.75 -29.99
N PHE B 138 2.25 9.07 -30.24
CA PHE B 138 2.62 10.03 -29.20
C PHE B 138 1.80 9.82 -27.92
N ASN B 139 0.48 9.68 -28.02
CA ASN B 139 -0.34 9.41 -26.84
C ASN B 139 0.19 8.22 -26.06
N MET B 140 0.42 7.11 -26.74
CA MET B 140 0.81 5.89 -26.05
C MET B 140 2.13 6.05 -25.28
N MET B 141 3.23 6.38 -25.99
CA MET B 141 4.54 6.43 -25.34
C MET B 141 4.60 7.47 -24.23
N PHE B 142 3.94 8.61 -24.44
CA PHE B 142 3.78 9.59 -23.37
C PHE B 142 3.24 8.94 -22.07
N VAL B 143 2.11 8.24 -22.16
CA VAL B 143 1.59 7.73 -20.90
C VAL B 143 2.38 6.51 -20.48
N THR B 144 2.74 5.64 -21.45
CA THR B 144 3.54 4.48 -21.12
C THR B 144 4.74 4.86 -20.28
N LEU B 145 5.24 6.06 -20.50
CA LEU B 145 6.45 6.42 -19.80
C LEU B 145 6.10 6.98 -18.42
N ALA B 146 4.99 7.73 -18.31
CA ALA B 146 4.52 8.27 -17.04
C ALA B 146 4.07 7.18 -16.08
N VAL B 147 3.88 5.96 -16.53
CA VAL B 147 3.42 4.90 -15.66
C VAL B 147 4.42 3.77 -15.57
N ALA B 148 5.51 3.83 -16.32
CA ALA B 148 6.49 2.77 -16.25
C ALA B 148 7.29 2.88 -14.96
N THR B 149 7.59 1.72 -14.38
CA THR B 149 8.37 1.61 -13.16
C THR B 149 9.75 1.06 -13.43
N ASP B 150 10.04 0.65 -14.66
CA ASP B 150 11.37 0.17 -15.05
C ASP B 150 11.67 -1.21 -14.46
N THR B 151 10.66 -2.10 -14.53
CA THR B 151 10.74 -3.55 -14.47
C THR B 151 9.76 -4.29 -15.39
N ARG B 152 9.17 -3.68 -16.42
CA ARG B 152 9.62 -2.44 -17.03
C ARG B 152 8.40 -1.50 -17.18
N ALA B 153 7.29 -1.97 -17.77
CA ALA B 153 5.97 -1.32 -17.67
C ALA B 153 5.10 -2.16 -16.72
N VAL B 154 5.18 -1.87 -15.42
CA VAL B 154 4.68 -2.80 -14.42
C VAL B 154 3.51 -2.17 -13.68
N GLY B 155 2.59 -3.03 -13.32
CA GLY B 155 1.71 -2.64 -12.25
C GLY B 155 0.29 -2.53 -12.72
N GLU B 156 -0.62 -2.51 -11.75
CA GLU B 156 -2.01 -2.44 -12.11
C GLU B 156 -2.33 -1.21 -12.95
N LEU B 157 -1.87 0.00 -12.56
CA LEU B 157 -2.35 1.07 -13.44
C LEU B 157 -1.55 1.14 -14.75
N ALA B 158 -0.36 0.56 -14.81
CA ALA B 158 0.33 0.52 -16.08
C ALA B 158 -0.53 -0.23 -17.10
N GLY B 159 -1.14 -1.32 -16.69
CA GLY B 159 -2.08 -2.00 -17.57
C GLY B 159 -3.31 -1.18 -17.96
N LEU B 160 -3.89 -0.45 -17.01
CA LEU B 160 -5.01 0.41 -17.33
C LEU B 160 -4.62 1.54 -18.26
N ALA B 161 -3.51 2.24 -17.98
CA ALA B 161 -3.14 3.40 -18.79
C ALA B 161 -2.91 2.99 -20.23
N VAL B 162 -1.99 2.05 -20.44
CA VAL B 162 -1.64 1.66 -21.79
C VAL B 162 -2.81 1.00 -22.48
N GLY B 163 -3.44 0.03 -21.81
CA GLY B 163 -4.59 -0.63 -22.40
C GLY B 163 -5.64 0.36 -22.82
N SER B 164 -5.92 1.36 -21.99
CA SER B 164 -6.87 2.38 -22.39
C SER B 164 -6.40 3.12 -23.63
N ALA B 165 -5.13 3.57 -23.64
CA ALA B 165 -4.63 4.35 -24.77
C ALA B 165 -4.83 3.61 -26.08
N VAL B 166 -4.35 2.37 -26.13
CA VAL B 166 -4.50 1.51 -27.30
C VAL B 166 -5.95 1.45 -27.76
N CYS B 167 -6.88 1.38 -26.81
CA CYS B 167 -8.29 1.37 -27.17
C CYS B 167 -8.71 2.69 -27.81
N ILE B 168 -8.20 3.83 -27.30
CA ILE B 168 -8.52 5.10 -27.96
C ILE B 168 -8.12 5.04 -29.43
N THR B 169 -6.96 4.44 -29.69
CA THR B 169 -6.40 4.35 -31.03
C THR B 169 -7.25 3.52 -31.98
N SER B 170 -7.70 2.33 -31.54
CA SER B 170 -8.51 1.53 -32.45
C SER B 170 -9.78 2.26 -32.84
N ILE B 171 -10.39 2.96 -31.89
CA ILE B 171 -11.65 3.63 -32.17
C ILE B 171 -11.42 4.70 -33.22
N PHE B 172 -10.50 5.63 -32.94
CA PHE B 172 -10.30 6.81 -33.76
C PHE B 172 -9.30 6.60 -34.91
N ALA B 173 -8.05 6.25 -34.60
CA ALA B 173 -7.06 5.96 -35.63
C ALA B 173 -7.41 4.73 -36.46
N GLY B 174 -8.35 3.91 -36.02
CA GLY B 174 -8.84 2.82 -36.85
C GLY B 174 -9.63 3.34 -38.04
N ALA B 175 -10.27 4.49 -37.87
CA ALA B 175 -11.03 5.13 -38.93
C ALA B 175 -10.13 5.72 -40.02
N ILE B 176 -8.89 6.04 -39.69
CA ILE B 176 -7.96 6.67 -40.62
C ILE B 176 -6.87 5.69 -41.07
N SER B 177 -6.03 5.26 -40.14
CA SER B 177 -4.90 4.39 -40.44
C SER B 177 -5.21 2.90 -40.31
N GLY B 178 -6.35 2.55 -39.70
CA GLY B 178 -6.55 1.23 -39.14
C GLY B 178 -6.10 1.07 -37.70
N GLY B 179 -5.26 1.97 -37.20
CA GLY B 179 -4.81 1.98 -35.82
C GLY B 179 -3.85 0.86 -35.46
N SER B 180 -2.57 1.08 -35.74
CA SER B 180 -1.53 0.08 -35.47
C SER B 180 -0.60 0.59 -34.37
N MET B 181 0.23 1.61 -34.65
CA MET B 181 1.25 2.13 -33.74
C MET B 181 2.40 1.15 -33.57
N ASN B 182 2.46 0.11 -34.41
CA ASN B 182 3.34 -1.02 -34.14
C ASN B 182 3.98 -1.62 -35.39
N PRO B 183 5.27 -1.39 -35.62
CA PRO B 183 5.93 -2.01 -36.78
C PRO B 183 5.81 -3.51 -36.78
N ALA B 184 5.87 -4.14 -35.61
CA ALA B 184 5.71 -5.59 -35.57
C ALA B 184 4.28 -6.00 -35.92
N ARG B 185 3.30 -5.20 -35.51
CA ARG B 185 1.90 -5.56 -35.77
C ARG B 185 1.45 -5.29 -37.19
N THR B 186 2.06 -4.34 -37.89
CA THR B 186 1.67 -4.15 -39.27
C THR B 186 2.20 -5.30 -40.12
N LEU B 187 3.46 -5.69 -39.88
CA LEU B 187 4.13 -6.70 -40.69
C LEU B 187 3.39 -8.04 -40.62
N GLY B 188 3.00 -8.47 -39.42
CA GLY B 188 2.32 -9.74 -39.27
C GLY B 188 1.13 -9.93 -40.20
N PRO B 189 0.09 -9.09 -40.03
CA PRO B 189 -1.04 -9.15 -40.96
C PRO B 189 -0.67 -8.92 -42.42
N ALA B 190 0.16 -7.93 -42.71
CA ALA B 190 0.54 -7.67 -44.11
C ALA B 190 1.15 -8.90 -44.74
N LEU B 191 1.82 -9.76 -43.97
CA LEU B 191 2.42 -10.96 -44.54
C LEU B 191 1.42 -12.09 -44.72
N ALA B 192 0.53 -12.31 -43.75
CA ALA B 192 -0.43 -13.39 -43.90
C ALA B 192 -1.63 -12.98 -44.75
N SER B 193 -1.98 -11.70 -44.74
CA SER B 193 -3.05 -11.21 -45.59
C SER B 193 -2.54 -10.89 -46.99
N ASN B 194 -1.27 -10.52 -47.07
CA ASN B 194 -0.55 -10.19 -48.29
C ASN B 194 -1.05 -8.90 -48.94
N LYS B 195 -1.20 -7.87 -48.11
CA LYS B 195 -1.51 -6.51 -48.55
C LYS B 195 -0.42 -5.67 -47.88
N PHE B 196 0.36 -4.92 -48.68
CA PHE B 196 1.57 -4.29 -48.16
C PHE B 196 1.60 -2.78 -48.34
N ASP B 197 0.43 -2.15 -48.31
CA ASP B 197 0.30 -0.71 -48.48
C ASP B 197 0.80 0.11 -47.29
N GLY B 198 1.52 1.20 -47.59
CA GLY B 198 1.91 2.19 -46.59
C GLY B 198 2.82 1.67 -45.52
N LEU B 199 3.44 0.53 -45.76
CA LEU B 199 4.21 -0.18 -44.74
C LEU B 199 5.28 0.72 -44.13
N TRP B 200 5.73 1.75 -44.85
CA TRP B 200 6.72 2.65 -44.25
C TRP B 200 6.10 3.53 -43.19
N ILE B 201 4.83 3.91 -43.32
CA ILE B 201 4.32 4.81 -42.29
C ILE B 201 4.19 4.05 -40.98
N TYR B 202 4.03 2.73 -41.04
CA TYR B 202 4.01 1.90 -39.85
C TYR B 202 5.40 1.56 -39.37
N PHE B 203 6.39 2.21 -39.96
CA PHE B 203 7.74 2.19 -39.45
C PHE B 203 8.25 3.57 -39.19
N LEU B 204 7.75 4.54 -39.93
CA LEU B 204 8.11 5.91 -39.65
C LEU B 204 7.08 6.59 -38.76
N GLY B 205 5.81 6.20 -38.84
CA GLY B 205 4.82 6.67 -37.90
C GLY B 205 5.14 6.27 -36.47
N PRO B 206 5.20 4.92 -36.23
CA PRO B 206 5.63 4.38 -34.93
C PRO B 206 7.02 4.86 -34.47
N VAL B 207 8.09 4.56 -35.23
CA VAL B 207 9.44 4.91 -34.76
C VAL B 207 9.56 6.41 -34.52
N MET B 208 8.94 7.21 -35.36
CA MET B 208 8.97 8.65 -35.14
C MET B 208 7.95 9.11 -34.09
N GLY B 209 6.89 8.35 -33.89
CA GLY B 209 5.90 8.74 -32.90
C GLY B 209 6.25 8.48 -31.44
N THR B 210 6.84 7.33 -31.14
CA THR B 210 7.20 7.00 -29.77
C THR B 210 8.38 7.85 -29.27
N LEU B 211 9.39 8.06 -30.12
CA LEU B 211 10.56 8.83 -29.70
C LEU B 211 10.15 10.25 -29.35
N SER B 212 9.24 10.84 -30.13
CA SER B 212 8.74 12.18 -29.80
C SER B 212 7.95 12.19 -28.49
N GLY B 213 7.04 11.22 -28.31
CA GLY B 213 6.23 11.19 -27.08
C GLY B 213 7.01 10.93 -25.80
N ALA B 214 8.03 10.06 -25.88
CA ALA B 214 8.86 9.81 -24.70
C ALA B 214 9.63 11.05 -24.31
N TRP B 215 10.19 11.75 -25.30
CA TRP B 215 10.89 12.99 -25.01
C TRP B 215 9.98 13.99 -24.31
N THR B 216 8.70 14.01 -24.66
CA THR B 216 7.82 15.00 -24.06
C THR B 216 7.56 14.68 -22.58
N TYR B 217 7.50 13.39 -22.22
CA TYR B 217 7.34 13.08 -20.80
C TYR B 217 8.62 13.40 -20.04
N THR B 218 9.79 12.92 -20.53
CA THR B 218 11.05 13.26 -19.86
C THR B 218 11.22 14.76 -19.67
N PHE B 219 10.61 15.57 -20.55
CA PHE B 219 10.67 17.02 -20.40
C PHE B 219 9.95 17.49 -19.14
N ILE B 220 8.67 17.14 -18.98
CA ILE B 220 7.87 17.69 -17.89
C ILE B 220 8.14 17.00 -16.55
N ARG B 221 9.05 16.02 -16.55
CA ARG B 221 9.48 15.20 -15.42
C ARG B 221 10.09 15.98 -14.23
N PHE B 222 9.27 16.24 -13.20
CA PHE B 222 9.34 17.14 -12.02
C PHE B 222 8.13 17.83 -11.39
N GLU B 223 7.08 18.26 -12.08
CA GLU B 223 6.18 19.12 -11.29
C GLU B 223 6.90 20.28 -10.60
N PRO C 8 -9.00 -28.98 4.54
CA PRO C 8 -8.77 -27.70 5.25
C PRO C 8 -9.84 -26.62 5.02
N HIS C 9 -11.01 -26.74 5.68
CA HIS C 9 -12.05 -25.70 5.71
C HIS C 9 -12.67 -25.46 4.32
N LEU C 10 -13.12 -26.56 3.68
CA LEU C 10 -13.65 -26.65 2.32
C LEU C 10 -15.17 -26.59 2.16
N LEU C 11 -15.94 -26.61 3.25
CA LEU C 11 -17.38 -26.41 3.12
C LEU C 11 -17.67 -25.03 2.55
N LYS C 12 -17.19 -23.99 3.24
CA LYS C 12 -17.41 -22.63 2.77
C LYS C 12 -16.75 -22.43 1.40
N LYS C 13 -15.72 -23.21 1.10
CA LYS C 13 -15.03 -23.09 -0.18
C LYS C 13 -15.90 -23.59 -1.33
N VAL C 14 -16.57 -24.73 -1.15
CA VAL C 14 -17.36 -25.31 -2.25
C VAL C 14 -18.70 -24.60 -2.36
N VAL C 15 -19.28 -24.13 -1.25
CA VAL C 15 -20.42 -23.25 -1.38
C VAL C 15 -20.05 -22.04 -2.23
N SER C 16 -18.85 -21.49 -1.99
CA SER C 16 -18.33 -20.37 -2.80
C SER C 16 -18.14 -20.75 -4.25
N GLU C 17 -17.74 -22.00 -4.53
CA GLU C 17 -17.49 -22.37 -5.91
C GLU C 17 -18.78 -22.67 -6.66
N VAL C 18 -19.80 -23.19 -5.99
CA VAL C 18 -21.07 -23.29 -6.69
C VAL C 18 -21.68 -21.91 -6.85
N VAL C 19 -21.80 -21.16 -5.75
CA VAL C 19 -22.55 -19.91 -5.86
C VAL C 19 -21.88 -19.01 -6.89
N ALA C 20 -20.57 -19.13 -7.07
CA ALA C 20 -19.90 -18.36 -8.11
C ALA C 20 -20.18 -18.93 -9.50
N THR C 21 -19.95 -20.23 -9.71
CA THR C 21 -20.18 -20.76 -11.05
C THR C 21 -21.63 -20.63 -11.46
N PHE C 22 -22.56 -20.81 -10.51
CA PHE C 22 -23.96 -20.53 -10.81
C PHE C 22 -24.13 -19.10 -11.26
N LEU C 23 -23.81 -18.13 -10.39
CA LEU C 23 -23.90 -16.74 -10.83
C LEU C 23 -23.06 -16.49 -12.09
N LEU C 24 -21.94 -17.18 -12.27
CA LEU C 24 -21.23 -17.02 -13.53
C LEU C 24 -22.15 -17.37 -14.69
N VAL C 25 -22.60 -18.63 -14.78
CA VAL C 25 -23.37 -19.03 -15.95
C VAL C 25 -24.68 -18.28 -16.02
N PHE C 26 -25.39 -18.15 -14.88
CA PHE C 26 -26.68 -17.47 -14.91
C PHE C 26 -26.59 -16.14 -15.63
N MET C 27 -25.55 -15.36 -15.38
CA MET C 27 -25.61 -14.11 -16.13
C MET C 27 -24.96 -14.27 -17.49
N THR C 28 -23.75 -14.86 -17.54
CA THR C 28 -23.04 -15.01 -18.81
C THR C 28 -23.85 -15.81 -19.85
N CYS C 29 -24.55 -16.88 -19.43
CA CYS C 29 -25.40 -17.57 -20.41
C CYS C 29 -26.76 -16.94 -20.57
N GLY C 30 -27.35 -16.48 -19.46
CA GLY C 30 -28.62 -15.79 -19.55
C GLY C 30 -28.58 -14.58 -20.47
N ALA C 31 -27.42 -13.95 -20.60
CA ALA C 31 -27.35 -12.83 -21.53
C ALA C 31 -26.99 -13.28 -22.93
N ALA C 32 -26.06 -14.22 -23.07
CA ALA C 32 -25.77 -14.74 -24.40
C ALA C 32 -26.97 -15.47 -24.98
N GLY C 33 -27.80 -16.08 -24.13
CA GLY C 33 -29.00 -16.74 -24.63
C GLY C 33 -30.04 -15.76 -25.13
N ILE C 34 -30.41 -14.79 -24.28
CA ILE C 34 -31.30 -13.73 -24.73
C ILE C 34 -30.74 -13.03 -25.96
N SER C 35 -29.46 -12.66 -25.92
CA SER C 35 -28.85 -11.91 -27.02
C SER C 35 -28.84 -12.71 -28.31
N GLY C 36 -28.46 -13.97 -28.25
CA GLY C 36 -28.45 -14.76 -29.47
C GLY C 36 -29.83 -15.07 -30.02
N SER C 37 -30.85 -14.48 -29.41
CA SER C 37 -32.23 -14.65 -29.86
C SER C 37 -32.78 -13.36 -30.44
N ASP C 38 -32.71 -12.27 -29.70
CA ASP C 38 -32.98 -10.94 -30.23
C ASP C 38 -31.84 -9.98 -29.95
N LEU C 39 -31.06 -9.65 -30.98
CA LEU C 39 -30.01 -8.67 -30.75
C LEU C 39 -30.58 -7.30 -30.45
N SER C 40 -31.91 -7.16 -30.48
CA SER C 40 -32.60 -5.92 -30.12
C SER C 40 -32.87 -5.87 -28.64
N ARG C 41 -32.80 -7.03 -28.02
CA ARG C 41 -33.19 -7.25 -26.66
C ARG C 41 -31.99 -7.18 -25.72
N ILE C 42 -30.86 -7.74 -26.18
CA ILE C 42 -29.53 -7.62 -25.58
C ILE C 42 -28.49 -7.58 -26.70
N SER C 43 -27.68 -6.53 -26.71
CA SER C 43 -26.55 -6.42 -27.63
C SER C 43 -25.61 -7.63 -27.71
N GLN C 44 -24.87 -7.77 -28.82
CA GLN C 44 -23.86 -8.82 -28.96
C GLN C 44 -22.58 -8.46 -28.22
N LEU C 45 -22.17 -7.20 -28.26
CA LEU C 45 -21.10 -6.74 -27.41
C LEU C 45 -21.53 -6.72 -25.95
N GLY C 46 -22.83 -6.60 -25.69
CA GLY C 46 -23.27 -6.57 -24.31
C GLY C 46 -23.19 -7.93 -23.68
N GLN C 47 -23.28 -8.97 -24.48
CA GLN C 47 -23.19 -10.28 -23.86
C GLN C 47 -21.73 -10.69 -23.69
N SER C 48 -20.80 -10.08 -24.42
CA SER C 48 -19.39 -10.27 -24.12
C SER C 48 -19.01 -9.54 -22.83
N ILE C 49 -19.28 -8.22 -22.79
CA ILE C 49 -19.08 -7.41 -21.58
C ILE C 49 -19.70 -8.12 -20.37
N ALA C 50 -20.94 -8.57 -20.49
CA ALA C 50 -21.56 -9.31 -19.40
C ALA C 50 -20.67 -10.48 -18.98
N GLY C 51 -20.07 -11.16 -19.95
CA GLY C 51 -19.24 -12.29 -19.59
C GLY C 51 -18.00 -11.92 -18.84
N GLY C 52 -17.46 -10.73 -19.08
CA GLY C 52 -16.21 -10.37 -18.43
C GLY C 52 -16.46 -9.73 -17.08
N LEU C 53 -17.43 -8.82 -17.02
CA LEU C 53 -17.79 -8.25 -15.73
C LEU C 53 -18.16 -9.33 -14.70
N ILE C 54 -18.92 -10.36 -15.10
CA ILE C 54 -19.34 -11.31 -14.07
C ILE C 54 -18.14 -12.07 -13.51
N VAL C 55 -17.20 -12.47 -14.37
CA VAL C 55 -15.95 -13.04 -13.88
C VAL C 55 -15.23 -12.10 -12.92
N THR C 56 -15.18 -10.81 -13.25
CA THR C 56 -14.47 -9.89 -12.37
C THR C 56 -15.17 -9.78 -11.03
N VAL C 57 -16.48 -9.59 -11.01
CA VAL C 57 -17.05 -9.38 -9.68
C VAL C 57 -17.02 -10.65 -8.89
N MET C 58 -17.09 -11.80 -9.55
CA MET C 58 -17.03 -13.03 -8.79
C MET C 58 -15.66 -13.22 -8.20
N ILE C 59 -14.62 -12.75 -8.88
CA ILE C 59 -13.31 -12.80 -8.24
C ILE C 59 -13.25 -11.95 -6.98
N TYR C 60 -13.87 -10.76 -7.00
CA TYR C 60 -13.89 -9.96 -5.77
C TYR C 60 -14.70 -10.62 -4.66
N ALA C 61 -15.78 -11.33 -4.99
CA ALA C 61 -16.62 -11.91 -3.96
C ALA C 61 -16.03 -13.19 -3.37
N VAL C 62 -15.71 -14.18 -4.21
CA VAL C 62 -15.25 -15.44 -3.66
C VAL C 62 -13.76 -15.66 -3.91
N GLY C 63 -13.07 -14.67 -4.48
CA GLY C 63 -11.67 -14.87 -4.81
C GLY C 63 -10.81 -15.12 -3.58
N HIS C 64 -11.08 -14.42 -2.49
CA HIS C 64 -10.22 -14.62 -1.34
C HIS C 64 -10.57 -15.87 -0.54
N ILE C 65 -11.71 -16.50 -0.82
CA ILE C 65 -12.18 -17.68 -0.11
C ILE C 65 -11.87 -18.93 -0.89
N SER C 66 -12.59 -19.14 -2.01
CA SER C 66 -12.40 -20.36 -2.79
C SER C 66 -11.23 -20.25 -3.73
N GLY C 67 -10.90 -19.04 -4.15
CA GLY C 67 -10.02 -18.84 -5.28
C GLY C 67 -10.71 -18.40 -6.52
N ALA C 68 -12.04 -18.39 -6.50
CA ALA C 68 -12.86 -18.02 -7.64
C ALA C 68 -12.35 -18.68 -8.93
N HIS C 69 -12.33 -20.02 -8.90
CA HIS C 69 -11.97 -20.77 -10.10
C HIS C 69 -13.14 -20.84 -11.07
N MET C 70 -14.28 -21.36 -10.62
CA MET C 70 -15.50 -21.34 -11.42
C MET C 70 -15.33 -22.08 -12.77
N ASN C 71 -14.29 -22.93 -12.86
CA ASN C 71 -13.75 -23.55 -14.07
C ASN C 71 -13.01 -24.83 -13.72
N PRO C 72 -13.52 -26.00 -14.11
CA PRO C 72 -12.78 -27.26 -13.83
C PRO C 72 -11.44 -27.36 -14.55
N ALA C 73 -11.28 -26.72 -15.70
CA ALA C 73 -10.00 -26.76 -16.37
C ALA C 73 -8.96 -25.87 -15.72
N VAL C 74 -9.35 -24.98 -14.82
CA VAL C 74 -8.37 -24.18 -14.07
C VAL C 74 -7.99 -24.83 -12.76
N THR C 75 -8.99 -25.19 -11.93
CA THR C 75 -8.72 -25.97 -10.72
C THR C 75 -7.79 -27.12 -11.02
N LEU C 76 -7.98 -27.77 -12.17
CA LEU C 76 -6.96 -28.72 -12.62
C LEU C 76 -5.63 -28.01 -12.81
N ALA C 77 -5.61 -26.90 -13.57
CA ALA C 77 -4.35 -26.27 -13.92
C ALA C 77 -3.59 -25.75 -12.70
N PHE C 78 -4.28 -25.22 -11.66
CA PHE C 78 -3.53 -24.82 -10.47
C PHE C 78 -3.04 -26.00 -9.67
N ALA C 79 -3.78 -27.11 -9.63
CA ALA C 79 -3.31 -28.24 -8.85
C ALA C 79 -2.04 -28.83 -9.44
N VAL C 80 -1.88 -28.72 -10.76
CA VAL C 80 -0.69 -29.25 -11.42
C VAL C 80 0.51 -28.37 -11.14
N PHE C 81 0.38 -27.05 -11.20
CA PHE C 81 1.58 -26.23 -11.20
C PHE C 81 1.82 -25.48 -9.90
N ARG C 82 0.79 -24.90 -9.29
CA ARG C 82 0.98 -24.10 -8.11
C ARG C 82 0.32 -24.76 -6.89
N HIS C 83 0.77 -25.98 -6.54
CA HIS C 83 0.44 -26.80 -5.32
C HIS C 83 -1.02 -26.78 -4.82
N PHE C 84 -1.98 -27.02 -5.69
CA PHE C 84 -3.35 -27.01 -5.11
C PHE C 84 -3.73 -28.40 -4.60
N PRO C 85 -4.52 -28.53 -3.46
CA PRO C 85 -4.92 -29.86 -2.92
C PRO C 85 -5.66 -30.81 -3.88
N TRP C 86 -4.96 -31.86 -4.32
CA TRP C 86 -5.58 -32.97 -5.06
C TRP C 86 -6.79 -33.63 -4.41
N ILE C 87 -6.93 -33.68 -3.08
CA ILE C 87 -8.19 -34.25 -2.58
C ILE C 87 -9.34 -33.27 -2.78
N GLN C 88 -9.04 -32.08 -3.27
CA GLN C 88 -9.98 -31.00 -3.35
C GLN C 88 -10.42 -30.76 -4.79
N VAL C 89 -9.60 -31.16 -5.76
CA VAL C 89 -9.99 -31.03 -7.17
C VAL C 89 -11.22 -31.84 -7.56
N PRO C 90 -11.46 -33.06 -7.04
CA PRO C 90 -12.76 -33.67 -7.34
C PRO C 90 -13.88 -32.84 -6.73
N PHE C 91 -13.64 -32.35 -5.52
CA PHE C 91 -14.65 -31.61 -4.77
C PHE C 91 -15.03 -30.30 -5.46
N TYR C 92 -14.08 -29.63 -6.12
CA TYR C 92 -14.47 -28.45 -6.90
C TYR C 92 -15.10 -28.83 -8.22
N TRP C 93 -14.50 -29.77 -8.95
CA TRP C 93 -15.13 -30.26 -10.16
C TRP C 93 -16.59 -30.49 -9.90
N ALA C 94 -16.90 -31.13 -8.77
CA ALA C 94 -18.28 -31.29 -8.32
C ALA C 94 -19.00 -29.94 -8.24
N ALA C 95 -18.38 -28.98 -7.57
CA ALA C 95 -19.04 -27.71 -7.30
C ALA C 95 -19.29 -26.90 -8.57
N GLN C 96 -18.36 -26.95 -9.52
CA GLN C 96 -18.48 -26.18 -10.76
C GLN C 96 -19.46 -26.82 -11.73
N PHE C 97 -19.25 -28.09 -12.05
CA PHE C 97 -20.16 -28.78 -12.93
C PHE C 97 -21.58 -28.70 -12.39
N THR C 98 -21.73 -28.66 -11.07
CA THR C 98 -23.03 -28.48 -10.43
C THR C 98 -23.60 -27.09 -10.67
N GLY C 99 -22.93 -26.05 -10.13
CA GLY C 99 -23.46 -24.69 -10.23
C GLY C 99 -23.72 -24.26 -11.65
N ALA C 100 -22.92 -24.75 -12.60
CA ALA C 100 -23.14 -24.44 -14.01
C ALA C 100 -24.35 -25.20 -14.54
N ILE C 101 -24.33 -26.54 -14.40
CA ILE C 101 -25.48 -27.35 -14.80
C ILE C 101 -26.72 -26.84 -14.08
N CYS C 102 -26.60 -26.52 -12.81
CA CYS C 102 -27.73 -25.95 -12.12
C CYS C 102 -28.17 -24.63 -12.76
N ALA C 103 -27.21 -23.77 -13.11
CA ALA C 103 -27.57 -22.43 -13.56
C ALA C 103 -28.35 -22.46 -14.86
N SER C 104 -27.77 -23.07 -15.89
CA SER C 104 -28.39 -23.07 -17.19
C SER C 104 -29.83 -23.57 -17.13
N PHE C 105 -30.11 -24.57 -16.27
CA PHE C 105 -31.48 -25.03 -16.16
C PHE C 105 -32.37 -23.96 -15.55
N VAL C 106 -31.89 -23.27 -14.52
CA VAL C 106 -32.68 -22.19 -13.98
C VAL C 106 -33.02 -21.20 -15.09
N LEU C 107 -32.11 -20.99 -16.04
CA LEU C 107 -32.39 -20.06 -17.14
C LEU C 107 -33.30 -20.64 -18.23
N LYS C 108 -33.17 -21.93 -18.58
CA LYS C 108 -34.03 -22.43 -19.64
C LYS C 108 -35.45 -22.04 -19.31
N ALA C 109 -35.75 -21.95 -18.02
CA ALA C 109 -37.05 -21.55 -17.52
C ALA C 109 -37.20 -20.03 -17.35
N VAL C 110 -36.16 -19.33 -16.91
CA VAL C 110 -36.36 -17.91 -16.62
C VAL C 110 -36.36 -17.10 -17.91
N ILE C 111 -35.78 -17.64 -18.98
CA ILE C 111 -35.86 -16.96 -20.26
C ILE C 111 -36.79 -17.83 -21.10
N HIS C 112 -38.05 -18.08 -20.60
CA HIS C 112 -38.75 -19.25 -21.15
C HIS C 112 -38.65 -19.48 -22.64
N PRO C 113 -39.15 -18.58 -23.48
CA PRO C 113 -39.33 -18.99 -24.88
C PRO C 113 -38.02 -19.31 -25.57
N VAL C 114 -36.90 -18.73 -25.12
CA VAL C 114 -35.62 -18.99 -25.75
C VAL C 114 -35.00 -20.19 -25.05
N ASP C 115 -34.61 -21.14 -25.86
CA ASP C 115 -34.19 -22.44 -25.41
C ASP C 115 -32.80 -22.81 -25.87
N VAL C 116 -32.15 -22.01 -26.69
CA VAL C 116 -30.72 -22.19 -26.83
C VAL C 116 -30.14 -21.37 -25.69
N ILE C 117 -29.78 -22.02 -24.60
CA ILE C 117 -29.41 -21.32 -23.37
C ILE C 117 -27.93 -21.03 -23.42
N GLY C 118 -27.54 -20.08 -24.25
CA GLY C 118 -26.16 -19.62 -24.43
C GLY C 118 -25.14 -20.72 -24.62
N THR C 119 -25.37 -21.63 -25.55
CA THR C 119 -24.50 -22.78 -25.70
C THR C 119 -23.22 -22.37 -26.46
N THR C 120 -22.19 -23.20 -26.42
CA THR C 120 -20.99 -22.98 -27.24
C THR C 120 -20.76 -24.12 -28.22
N THR C 121 -20.96 -23.83 -29.51
CA THR C 121 -20.76 -24.79 -30.59
C THR C 121 -19.90 -24.17 -31.69
N PRO C 122 -19.07 -24.99 -32.35
CA PRO C 122 -18.11 -24.46 -33.32
C PRO C 122 -18.78 -23.75 -34.49
N VAL C 123 -18.00 -22.95 -35.21
CA VAL C 123 -18.57 -22.25 -36.35
C VAL C 123 -18.05 -22.87 -37.64
N GLY C 124 -16.76 -22.76 -37.90
CA GLY C 124 -16.26 -23.36 -39.13
C GLY C 124 -15.95 -24.83 -38.93
N PRO C 125 -14.85 -25.29 -39.52
CA PRO C 125 -14.30 -26.59 -39.12
C PRO C 125 -14.00 -26.60 -37.62
N HIS C 126 -14.46 -27.66 -36.92
CA HIS C 126 -14.30 -27.74 -35.46
C HIS C 126 -12.89 -27.43 -34.96
N TRP C 127 -11.87 -27.79 -35.74
CA TRP C 127 -10.52 -27.53 -35.27
C TRP C 127 -10.24 -26.03 -35.15
N HIS C 128 -10.97 -25.18 -35.90
CA HIS C 128 -10.94 -23.75 -35.62
C HIS C 128 -11.16 -23.49 -34.16
N SER C 129 -12.23 -24.06 -33.64
CA SER C 129 -12.56 -23.86 -32.25
C SER C 129 -11.48 -24.47 -31.37
N LEU C 130 -11.08 -25.71 -31.66
CA LEU C 130 -10.12 -26.36 -30.80
C LEU C 130 -8.80 -25.59 -30.78
N VAL C 131 -8.36 -25.12 -31.94
CA VAL C 131 -7.14 -24.32 -31.96
C VAL C 131 -7.35 -23.00 -31.23
N VAL C 132 -8.51 -22.36 -31.43
CA VAL C 132 -8.83 -21.15 -30.65
C VAL C 132 -9.01 -21.48 -29.18
N GLU C 133 -9.82 -22.49 -28.86
CA GLU C 133 -10.03 -22.86 -27.47
C GLU C 133 -8.78 -23.34 -26.74
N VAL C 134 -7.64 -23.46 -27.41
CA VAL C 134 -6.38 -23.62 -26.70
C VAL C 134 -5.60 -22.33 -26.71
N ILE C 135 -5.61 -21.58 -27.81
CA ILE C 135 -4.81 -20.37 -27.81
C ILE C 135 -5.43 -19.34 -26.88
N VAL C 136 -6.75 -19.10 -27.00
CA VAL C 136 -7.41 -18.14 -26.08
C VAL C 136 -7.49 -18.72 -24.68
N THR C 137 -7.59 -20.03 -24.56
CA THR C 137 -7.55 -20.55 -23.20
C THR C 137 -6.14 -20.50 -22.64
N PHE C 138 -5.14 -20.83 -23.47
CA PHE C 138 -3.75 -20.59 -23.11
C PHE C 138 -3.56 -19.17 -22.64
N ASN C 139 -4.07 -18.20 -23.41
CA ASN C 139 -4.02 -16.82 -22.97
C ASN C 139 -4.63 -16.62 -21.59
N MET C 140 -5.86 -17.08 -21.40
CA MET C 140 -6.55 -16.80 -20.14
C MET C 140 -5.77 -17.33 -18.96
N MET C 141 -5.39 -18.60 -18.99
CA MET C 141 -4.67 -19.13 -17.83
C MET C 141 -3.34 -18.45 -17.61
N PHE C 142 -2.67 -18.06 -18.70
CA PHE C 142 -1.41 -17.33 -18.62
C PHE C 142 -1.50 -16.18 -17.64
N VAL C 143 -2.47 -15.27 -17.85
CA VAL C 143 -2.52 -14.08 -16.99
C VAL C 143 -3.17 -14.39 -15.67
N THR C 144 -4.17 -15.30 -15.64
CA THR C 144 -4.69 -15.79 -14.37
C THR C 144 -3.55 -16.26 -13.47
N LEU C 145 -2.49 -16.77 -14.07
CA LEU C 145 -1.44 -17.33 -13.24
C LEU C 145 -0.48 -16.23 -12.80
N ALA C 146 -0.27 -15.20 -13.65
CA ALA C 146 0.59 -14.07 -13.31
C ALA C 146 0.00 -13.14 -12.25
N VAL C 147 -1.31 -13.21 -11.97
CA VAL C 147 -1.92 -12.33 -10.99
C VAL C 147 -2.50 -13.08 -9.80
N ALA C 148 -2.47 -14.40 -9.82
CA ALA C 148 -2.92 -15.07 -8.62
C ALA C 148 -1.86 -14.91 -7.55
N THR C 149 -2.31 -14.67 -6.31
CA THR C 149 -1.39 -14.55 -5.19
C THR C 149 -1.46 -15.76 -4.28
N ASP C 150 -2.35 -16.72 -4.57
CA ASP C 150 -2.51 -17.95 -3.79
C ASP C 150 -3.27 -17.79 -2.49
N THR C 151 -4.46 -17.19 -2.60
CA THR C 151 -5.55 -17.41 -1.67
C THR C 151 -6.99 -17.30 -2.21
N ARG C 152 -7.27 -17.37 -3.54
CA ARG C 152 -6.38 -17.90 -4.57
C ARG C 152 -6.07 -16.98 -5.76
N ALA C 153 -7.10 -16.61 -6.52
CA ALA C 153 -7.01 -15.54 -7.49
C ALA C 153 -7.74 -14.40 -6.83
N VAL C 154 -6.99 -13.65 -6.06
CA VAL C 154 -7.57 -12.68 -5.14
C VAL C 154 -7.00 -11.32 -5.50
N GLY C 155 -7.82 -10.29 -5.32
CA GLY C 155 -7.36 -8.92 -5.27
C GLY C 155 -7.90 -8.08 -6.40
N GLU C 156 -7.84 -6.76 -6.24
CA GLU C 156 -8.48 -5.90 -7.25
C GLU C 156 -7.96 -6.16 -8.66
N LEU C 157 -6.62 -6.24 -8.89
CA LEU C 157 -6.25 -6.37 -10.30
C LEU C 157 -6.37 -7.81 -10.76
N ALA C 158 -6.40 -8.76 -9.84
CA ALA C 158 -6.66 -10.12 -10.26
C ALA C 158 -8.00 -10.20 -10.97
N GLY C 159 -9.03 -9.55 -10.40
CA GLY C 159 -10.30 -9.47 -11.10
C GLY C 159 -10.22 -8.72 -12.43
N LEU C 160 -9.46 -7.63 -12.49
CA LEU C 160 -9.40 -6.94 -13.77
C LEU C 160 -8.76 -7.83 -14.84
N ALA C 161 -7.67 -8.52 -14.52
CA ALA C 161 -6.99 -9.30 -15.54
C ALA C 161 -7.92 -10.37 -16.10
N VAL C 162 -8.45 -11.21 -15.22
CA VAL C 162 -9.23 -12.35 -15.68
C VAL C 162 -10.50 -11.89 -16.39
N GLY C 163 -11.21 -10.90 -15.82
CA GLY C 163 -12.39 -10.38 -16.48
C GLY C 163 -12.09 -9.89 -17.88
N SER C 164 -10.97 -9.17 -18.03
CA SER C 164 -10.54 -8.75 -19.35
C SER C 164 -10.29 -9.95 -20.26
N ALA C 165 -9.54 -10.95 -19.76
CA ALA C 165 -9.24 -12.12 -20.58
C ALA C 165 -10.52 -12.76 -21.09
N VAL C 166 -11.43 -13.06 -20.18
CA VAL C 166 -12.72 -13.64 -20.57
C VAL C 166 -13.42 -12.75 -21.58
N CYS C 167 -13.38 -11.43 -21.35
CA CYS C 167 -14.02 -10.51 -22.27
C CYS C 167 -13.38 -10.56 -23.65
N ILE C 168 -12.05 -10.66 -23.74
CA ILE C 168 -11.49 -10.83 -25.07
C ILE C 168 -12.02 -12.10 -25.71
N THR C 169 -12.15 -13.15 -24.92
CA THR C 169 -12.57 -14.42 -25.50
C THR C 169 -13.96 -14.33 -26.09
N SER C 170 -14.92 -13.69 -25.42
CA SER C 170 -16.26 -13.68 -26.01
C SER C 170 -16.27 -13.01 -27.38
N ILE C 171 -15.57 -11.90 -27.50
CA ILE C 171 -15.56 -11.16 -28.74
C ILE C 171 -14.90 -11.97 -29.85
N PHE C 172 -13.66 -12.44 -29.66
CA PHE C 172 -12.98 -13.11 -30.76
C PHE C 172 -13.29 -14.60 -30.84
N ALA C 173 -12.97 -15.33 -29.78
CA ALA C 173 -13.27 -16.74 -29.80
C ALA C 173 -14.77 -16.98 -29.93
N GLY C 174 -15.61 -15.97 -29.71
CA GLY C 174 -17.02 -16.13 -29.98
C GLY C 174 -17.34 -16.31 -31.45
N ALA C 175 -16.54 -15.71 -32.34
CA ALA C 175 -16.81 -15.86 -33.76
C ALA C 175 -16.45 -17.25 -34.27
N ILE C 176 -15.51 -17.91 -33.62
CA ILE C 176 -14.97 -19.20 -34.07
C ILE C 176 -15.46 -20.31 -33.17
N SER C 177 -15.09 -20.28 -31.92
CA SER C 177 -15.44 -21.35 -31.03
C SER C 177 -16.74 -21.15 -30.27
N GLY C 178 -17.25 -19.92 -30.23
CA GLY C 178 -18.15 -19.52 -29.17
C GLY C 178 -17.46 -18.98 -27.92
N GLY C 179 -16.16 -19.26 -27.76
CA GLY C 179 -15.43 -18.63 -26.69
C GLY C 179 -15.90 -19.09 -25.33
N SER C 180 -15.42 -20.25 -24.88
CA SER C 180 -15.84 -20.78 -23.59
C SER C 180 -14.64 -20.86 -22.65
N MET C 181 -13.70 -21.76 -22.92
CA MET C 181 -12.56 -22.04 -22.06
C MET C 181 -12.97 -22.68 -20.75
N ASN C 182 -14.21 -23.15 -20.63
CA ASN C 182 -14.72 -23.65 -19.35
C ASN C 182 -15.66 -24.84 -19.51
N PRO C 183 -15.19 -26.06 -19.21
CA PRO C 183 -16.07 -27.24 -19.41
C PRO C 183 -17.36 -27.20 -18.60
N ALA C 184 -17.34 -26.65 -17.39
CA ALA C 184 -18.58 -26.58 -16.62
C ALA C 184 -19.55 -25.60 -17.25
N ARG C 185 -19.04 -24.56 -17.87
CA ARG C 185 -19.91 -23.61 -18.51
C ARG C 185 -20.44 -24.13 -19.86
N THR C 186 -19.76 -25.08 -20.50
CA THR C 186 -20.33 -25.64 -21.71
C THR C 186 -21.44 -26.66 -21.40
N LEU C 187 -21.19 -27.59 -20.44
CA LEU C 187 -22.16 -28.65 -20.14
C LEU C 187 -23.49 -28.12 -19.65
N GLY C 188 -23.46 -27.16 -18.72
CA GLY C 188 -24.69 -26.65 -18.17
C GLY C 188 -25.66 -26.32 -19.29
N PRO C 189 -25.27 -25.37 -20.13
CA PRO C 189 -26.08 -25.01 -21.30
C PRO C 189 -26.32 -26.12 -22.31
N ALA C 190 -25.27 -26.86 -22.71
CA ALA C 190 -25.49 -27.93 -23.68
C ALA C 190 -26.54 -28.90 -23.18
N LEU C 191 -26.65 -29.05 -21.86
CA LEU C 191 -27.65 -29.93 -21.24
C LEU C 191 -29.01 -29.27 -21.03
N ALA C 192 -29.06 -27.96 -20.72
CA ALA C 192 -30.34 -27.35 -20.42
C ALA C 192 -31.20 -27.25 -21.64
N SER C 193 -30.58 -27.23 -22.82
CA SER C 193 -31.29 -27.29 -24.08
C SER C 193 -30.89 -28.60 -24.72
N ASN C 194 -29.97 -28.59 -25.67
CA ASN C 194 -29.33 -29.77 -26.17
C ASN C 194 -28.22 -29.23 -27.07
N LYS C 195 -27.80 -30.02 -28.05
CA LYS C 195 -26.63 -29.68 -28.86
C LYS C 195 -25.41 -29.95 -28.00
N PHE C 196 -24.61 -30.92 -28.43
CA PHE C 196 -23.39 -31.34 -27.76
C PHE C 196 -22.30 -31.34 -28.80
N ASP C 197 -22.47 -30.41 -29.74
CA ASP C 197 -21.65 -30.27 -30.93
C ASP C 197 -20.25 -29.80 -30.54
N GLY C 198 -19.25 -30.61 -30.90
CA GLY C 198 -17.89 -30.29 -30.55
C GLY C 198 -17.63 -30.36 -29.08
N LEU C 199 -18.50 -31.06 -28.33
CA LEU C 199 -18.38 -31.05 -26.87
C LEU C 199 -17.01 -31.47 -26.41
N TRP C 200 -16.30 -32.26 -27.20
CA TRP C 200 -14.95 -32.65 -26.78
C TRP C 200 -13.94 -31.50 -26.91
N ILE C 201 -14.07 -30.59 -27.87
CA ILE C 201 -13.06 -29.55 -27.96
C ILE C 201 -13.21 -28.60 -26.78
N TYR C 202 -14.43 -28.50 -26.23
CA TYR C 202 -14.70 -27.73 -25.02
C TYR C 202 -14.38 -28.52 -23.77
N PHE C 203 -13.72 -29.65 -23.94
CA PHE C 203 -13.12 -30.37 -22.84
C PHE C 203 -11.63 -30.55 -23.03
N LEU C 204 -11.18 -30.71 -24.28
CA LEU C 204 -9.76 -30.85 -24.58
C LEU C 204 -9.08 -29.54 -24.95
N GLY C 205 -9.81 -28.61 -25.56
CA GLY C 205 -9.28 -27.31 -25.84
C GLY C 205 -8.84 -26.64 -24.55
N PRO C 206 -9.79 -26.50 -23.62
CA PRO C 206 -9.46 -25.98 -22.27
C PRO C 206 -8.35 -26.76 -21.56
N VAL C 207 -8.54 -28.07 -21.29
CA VAL C 207 -7.55 -28.79 -20.46
C VAL C 207 -6.17 -28.70 -21.09
N MET C 208 -6.08 -28.79 -22.41
CA MET C 208 -4.77 -28.61 -23.00
C MET C 208 -4.38 -27.13 -23.04
N GLY C 209 -5.36 -26.23 -23.06
CA GLY C 209 -5.06 -24.82 -23.09
C GLY C 209 -4.61 -24.21 -21.76
N THR C 210 -5.30 -24.60 -20.66
CA THR C 210 -4.94 -24.04 -19.35
C THR C 210 -3.58 -24.57 -18.89
N LEU C 211 -3.35 -25.88 -19.10
CA LEU C 211 -2.08 -26.48 -18.70
C LEU C 211 -0.93 -25.90 -19.51
N SER C 212 -1.12 -25.74 -20.82
CA SER C 212 -0.06 -25.14 -21.63
C SER C 212 0.20 -23.71 -21.16
N GLY C 213 -0.85 -22.92 -20.98
CA GLY C 213 -0.67 -21.53 -20.60
C GLY C 213 -0.03 -21.36 -19.23
N ALA C 214 -0.35 -22.24 -18.29
CA ALA C 214 0.28 -22.16 -16.99
C ALA C 214 1.76 -22.49 -17.09
N TRP C 215 2.10 -23.55 -17.83
CA TRP C 215 3.51 -23.94 -17.99
C TRP C 215 4.33 -22.84 -18.64
N THR C 216 3.74 -22.07 -19.56
CA THR C 216 4.53 -21.03 -20.22
C THR C 216 4.92 -19.94 -19.24
N TYR C 217 4.01 -19.59 -18.32
CA TYR C 217 4.34 -18.58 -17.33
C TYR C 217 5.37 -19.11 -16.33
N THR C 218 5.06 -20.26 -15.67
CA THR C 218 5.97 -20.81 -14.68
C THR C 218 7.37 -20.90 -15.22
N PHE C 219 7.50 -21.00 -16.53
CA PHE C 219 8.80 -20.98 -17.19
C PHE C 219 9.48 -19.62 -17.06
N ILE C 220 8.77 -18.56 -17.48
CA ILE C 220 9.33 -17.22 -17.54
C ILE C 220 9.35 -16.49 -16.19
N ARG C 221 9.14 -17.22 -15.09
CA ARG C 221 9.13 -16.68 -13.71
C ARG C 221 10.36 -15.90 -13.26
N PRO D 8 5.56 29.06 -9.48
CA PRO D 8 6.14 27.94 -8.71
C PRO D 8 6.31 26.66 -9.53
N HIS D 9 7.31 26.73 -10.41
CA HIS D 9 7.75 25.64 -11.30
C HIS D 9 6.64 25.31 -12.33
N LEU D 10 6.18 26.36 -13.04
CA LEU D 10 5.09 26.38 -14.02
C LEU D 10 5.47 26.10 -15.47
N LEU D 11 6.74 26.05 -15.83
CA LEU D 11 7.03 25.71 -17.22
C LEU D 11 6.61 24.28 -17.51
N LYS D 12 7.15 23.32 -16.76
CA LYS D 12 6.76 21.94 -16.95
C LYS D 12 5.27 21.77 -16.65
N LYS D 13 4.70 22.68 -15.84
CA LYS D 13 3.27 22.60 -15.52
C LYS D 13 2.38 22.95 -16.70
N VAL D 14 2.69 24.02 -17.45
CA VAL D 14 1.80 24.43 -18.55
C VAL D 14 2.08 23.69 -19.86
N VAL D 15 3.32 23.31 -20.15
CA VAL D 15 3.57 22.39 -21.25
C VAL D 15 2.80 21.09 -21.03
N SER D 16 2.79 20.58 -19.79
CA SER D 16 1.94 19.42 -19.49
C SER D 16 0.46 19.71 -19.69
N GLU D 17 0.01 20.94 -19.47
CA GLU D 17 -1.43 21.16 -19.57
C GLU D 17 -1.88 21.27 -21.04
N VAL D 18 -1.03 21.78 -21.92
CA VAL D 18 -1.40 21.82 -23.34
C VAL D 18 -1.29 20.44 -23.97
N VAL D 19 -0.18 19.72 -23.72
CA VAL D 19 -0.03 18.47 -24.47
C VAL D 19 -1.23 17.59 -24.20
N ALA D 20 -1.78 17.69 -22.99
CA ALA D 20 -2.97 16.92 -22.66
C ALA D 20 -4.17 17.43 -23.43
N THR D 21 -4.43 18.73 -23.35
CA THR D 21 -5.61 19.26 -24.02
C THR D 21 -5.53 19.10 -25.54
N PHE D 22 -4.32 19.11 -26.13
CA PHE D 22 -4.17 18.71 -27.53
C PHE D 22 -4.62 17.25 -27.67
N LEU D 23 -3.89 16.31 -27.05
CA LEU D 23 -4.30 14.91 -27.09
C LEU D 23 -5.71 14.68 -26.54
N LEU D 24 -6.17 15.49 -25.57
CA LEU D 24 -7.59 15.42 -25.20
C LEU D 24 -8.51 15.58 -26.40
N VAL D 25 -8.47 16.77 -27.02
CA VAL D 25 -9.40 17.13 -28.08
C VAL D 25 -9.10 16.37 -29.35
N PHE D 26 -7.82 16.23 -29.71
CA PHE D 26 -7.47 15.49 -30.92
C PHE D 26 -8.24 14.17 -31.01
N MET D 27 -8.31 13.42 -29.90
CA MET D 27 -9.01 12.13 -29.99
C MET D 27 -10.50 12.23 -29.68
N THR D 28 -10.88 12.93 -28.60
CA THR D 28 -12.29 13.04 -28.24
C THR D 28 -13.12 13.61 -29.42
N CYS D 29 -12.59 14.59 -30.15
CA CYS D 29 -13.31 15.08 -31.33
C CYS D 29 -12.98 14.28 -32.58
N GLY D 30 -11.71 13.93 -32.77
CA GLY D 30 -11.33 13.11 -33.89
C GLY D 30 -12.13 11.85 -34.00
N ALA D 31 -12.61 11.34 -32.87
CA ALA D 31 -13.51 10.21 -32.99
C ALA D 31 -14.97 10.67 -33.07
N ALA D 32 -15.34 11.73 -32.32
CA ALA D 32 -16.71 12.22 -32.38
C ALA D 32 -17.06 12.79 -33.76
N GLY D 33 -16.10 13.41 -34.44
CA GLY D 33 -16.35 13.95 -35.76
C GLY D 33 -16.44 12.84 -36.77
N ILE D 34 -15.39 12.03 -36.90
CA ILE D 34 -15.47 10.87 -37.78
C ILE D 34 -16.76 10.12 -37.52
N SER D 35 -17.08 9.86 -36.24
CA SER D 35 -18.34 9.19 -35.94
C SER D 35 -19.51 10.06 -36.35
N GLY D 36 -19.46 11.36 -36.06
CA GLY D 36 -20.65 12.12 -36.38
C GLY D 36 -20.98 12.25 -37.85
N SER D 37 -20.23 11.57 -38.73
CA SER D 37 -20.47 11.60 -40.16
C SER D 37 -20.86 10.20 -40.61
N ASP D 38 -19.88 9.32 -40.70
CA ASP D 38 -20.12 7.92 -41.01
C ASP D 38 -19.94 7.10 -39.74
N LEU D 39 -21.07 6.72 -39.14
CA LEU D 39 -21.17 5.81 -38.00
C LEU D 39 -20.79 4.42 -38.43
N SER D 40 -20.39 4.27 -39.67
CA SER D 40 -19.85 3.02 -40.17
C SER D 40 -18.35 2.96 -39.97
N ARG D 41 -17.73 4.12 -39.81
CA ARG D 41 -16.29 4.22 -39.66
C ARG D 41 -15.87 4.37 -38.19
N ILE D 42 -16.67 5.06 -37.36
CA ILE D 42 -16.55 5.09 -35.89
C ILE D 42 -17.94 5.12 -35.27
N SER D 43 -18.28 4.09 -34.48
CA SER D 43 -19.50 3.99 -33.67
C SER D 43 -19.80 5.16 -32.72
N GLN D 44 -21.08 5.31 -32.35
CA GLN D 44 -21.59 6.39 -31.50
C GLN D 44 -21.25 6.17 -30.05
N LEU D 45 -21.33 4.92 -29.59
CA LEU D 45 -20.80 4.54 -28.30
C LEU D 45 -19.27 4.53 -28.28
N GLY D 46 -18.64 4.36 -29.45
CA GLY D 46 -17.19 4.37 -29.49
C GLY D 46 -16.64 5.76 -29.30
N GLN D 47 -17.41 6.76 -29.67
CA GLN D 47 -16.90 8.10 -29.49
C GLN D 47 -17.21 8.62 -28.10
N SER D 48 -18.17 8.00 -27.40
CA SER D 48 -18.34 8.28 -25.98
C SER D 48 -17.22 7.64 -25.16
N ILE D 49 -17.03 6.33 -25.32
CA ILE D 49 -15.95 5.59 -24.67
C ILE D 49 -14.60 6.27 -24.90
N ALA D 50 -14.24 6.49 -26.18
CA ALA D 50 -12.97 7.16 -26.49
C ALA D 50 -12.87 8.48 -25.73
N GLY D 51 -13.99 9.21 -25.65
CA GLY D 51 -13.96 10.48 -24.95
C GLY D 51 -13.64 10.29 -23.49
N GLY D 52 -13.93 9.11 -22.95
CA GLY D 52 -13.69 8.88 -21.54
C GLY D 52 -12.31 8.32 -21.23
N LEU D 53 -11.88 7.36 -22.06
CA LEU D 53 -10.55 6.81 -21.92
C LEU D 53 -9.48 7.90 -21.99
N ILE D 54 -9.65 8.89 -22.88
CA ILE D 54 -8.57 9.86 -23.01
C ILE D 54 -8.40 10.69 -21.75
N VAL D 55 -9.50 11.11 -21.12
CA VAL D 55 -9.42 11.76 -19.81
C VAL D 55 -8.72 10.87 -18.79
N THR D 56 -9.03 9.58 -18.80
CA THR D 56 -8.41 8.70 -17.83
C THR D 56 -6.90 8.61 -18.08
N VAL D 57 -6.48 8.41 -19.33
CA VAL D 57 -5.04 8.24 -19.51
C VAL D 57 -4.30 9.55 -19.31
N MET D 58 -4.94 10.69 -19.58
CA MET D 58 -4.25 11.96 -19.39
C MET D 58 -4.03 12.26 -17.90
N ILE D 59 -4.94 11.82 -17.04
CA ILE D 59 -4.71 11.97 -15.61
C ILE D 59 -3.51 11.15 -15.16
N TYR D 60 -3.33 9.95 -15.73
CA TYR D 60 -2.14 9.16 -15.46
C TYR D 60 -0.86 9.80 -16.00
N ALA D 61 -0.93 10.53 -17.11
CA ALA D 61 0.28 11.14 -17.65
C ALA D 61 0.66 12.42 -16.90
N VAL D 62 -0.26 13.38 -16.81
CA VAL D 62 0.09 14.68 -16.26
C VAL D 62 -0.56 14.96 -14.92
N GLY D 63 -1.31 14.02 -14.35
CA GLY D 63 -1.99 14.30 -13.09
C GLY D 63 -1.04 14.67 -11.96
N HIS D 64 0.11 14.04 -11.90
CA HIS D 64 1.03 14.38 -10.81
C HIS D 64 1.86 15.63 -11.09
N ILE D 65 1.81 16.19 -12.30
CA ILE D 65 2.60 17.35 -12.66
C ILE D 65 1.79 18.63 -12.60
N SER D 66 0.90 18.84 -13.58
CA SER D 66 0.01 20.00 -13.58
C SER D 66 -1.27 19.72 -12.79
N GLY D 67 -1.66 18.46 -12.72
CA GLY D 67 -2.94 18.08 -12.18
C GLY D 67 -3.99 17.62 -13.15
N ALA D 68 -3.74 17.75 -14.45
CA ALA D 68 -4.68 17.36 -15.50
C ALA D 68 -6.08 17.91 -15.25
N HIS D 69 -6.21 19.24 -15.30
CA HIS D 69 -7.53 19.88 -15.31
C HIS D 69 -8.15 19.80 -16.69
N MET D 70 -7.40 20.27 -17.68
CA MET D 70 -7.80 20.23 -19.08
C MET D 70 -9.12 20.99 -19.33
N ASN D 71 -9.50 21.85 -18.38
CA ASN D 71 -10.82 22.46 -18.32
C ASN D 71 -10.76 23.79 -17.57
N PRO D 72 -10.93 24.93 -18.24
CA PRO D 72 -10.89 26.20 -17.50
C PRO D 72 -11.98 26.31 -16.46
N ALA D 73 -13.13 25.68 -16.67
CA ALA D 73 -14.15 25.77 -15.64
C ALA D 73 -13.82 24.89 -14.46
N VAL D 74 -12.88 23.95 -14.63
CA VAL D 74 -12.37 23.10 -13.56
C VAL D 74 -11.13 23.71 -12.90
N THR D 75 -10.13 24.11 -13.71
CA THR D 75 -9.02 24.91 -13.19
C THR D 75 -9.54 26.03 -12.33
N LEU D 76 -10.63 26.65 -12.75
CA LEU D 76 -11.33 27.58 -11.89
C LEU D 76 -11.83 26.88 -10.63
N ALA D 77 -12.59 25.78 -10.80
CA ALA D 77 -13.31 25.19 -9.68
C ALA D 77 -12.37 24.83 -8.54
N PHE D 78 -11.13 24.43 -8.85
CA PHE D 78 -10.11 24.18 -7.82
C PHE D 78 -9.67 25.47 -7.13
N ALA D 79 -9.58 26.57 -7.87
CA ALA D 79 -9.11 27.81 -7.25
C ALA D 79 -10.10 28.34 -6.21
N VAL D 80 -11.39 28.07 -6.40
CA VAL D 80 -12.40 28.52 -5.45
C VAL D 80 -12.37 27.68 -4.18
N PHE D 81 -12.18 26.36 -4.31
CA PHE D 81 -12.41 25.44 -3.20
C PHE D 81 -11.15 24.76 -2.61
N ARG D 82 -10.17 24.28 -3.41
CA ARG D 82 -8.94 23.69 -2.86
C ARG D 82 -7.72 24.55 -3.23
N HIS D 83 -7.70 25.84 -2.80
CA HIS D 83 -6.55 26.78 -2.83
C HIS D 83 -5.57 26.77 -4.02
N PHE D 84 -6.01 26.84 -5.27
CA PHE D 84 -5.07 26.76 -6.41
C PHE D 84 -4.51 28.15 -6.77
N PRO D 85 -3.18 28.27 -7.15
CA PRO D 85 -2.59 29.60 -7.45
C PRO D 85 -3.30 30.45 -8.51
N TRP D 86 -4.03 31.48 -8.09
CA TRP D 86 -4.53 32.54 -8.98
C TRP D 86 -3.52 33.11 -9.95
N ILE D 87 -2.22 33.16 -9.62
CA ILE D 87 -1.30 33.65 -10.66
C ILE D 87 -1.06 32.61 -11.74
N GLN D 88 -1.62 31.40 -11.57
CA GLN D 88 -1.50 30.30 -12.53
C GLN D 88 -2.81 30.05 -13.28
N VAL D 89 -3.95 30.53 -12.75
CA VAL D 89 -5.23 30.39 -13.45
C VAL D 89 -5.16 31.00 -14.84
N PRO D 90 -4.52 32.17 -15.05
CA PRO D 90 -4.38 32.64 -16.43
C PRO D 90 -3.56 31.71 -17.29
N PHE D 91 -2.43 31.23 -16.74
CA PHE D 91 -1.49 30.39 -17.47
C PHE D 91 -2.07 29.01 -17.82
N TYR D 92 -2.98 28.48 -17.02
CA TYR D 92 -3.62 27.25 -17.50
C TYR D 92 -4.73 27.56 -18.50
N TRP D 93 -5.64 28.49 -18.15
CA TRP D 93 -6.68 28.90 -19.08
C TRP D 93 -6.11 29.11 -20.46
N ALA D 94 -5.02 29.87 -20.53
CA ALA D 94 -4.31 30.01 -21.80
C ALA D 94 -3.95 28.65 -22.37
N ALA D 95 -3.37 27.78 -21.53
CA ALA D 95 -2.81 26.52 -22.01
C ALA D 95 -3.89 25.60 -22.57
N GLN D 96 -5.07 25.61 -21.96
CA GLN D 96 -6.18 24.77 -22.39
C GLN D 96 -6.83 25.34 -23.65
N PHE D 97 -7.22 26.61 -23.60
CA PHE D 97 -7.80 27.26 -24.76
C PHE D 97 -6.88 27.13 -25.95
N THR D 98 -5.57 27.12 -25.69
CA THR D 98 -4.57 26.95 -26.74
C THR D 98 -4.57 25.54 -27.31
N GLY D 99 -4.24 24.55 -26.47
CA GLY D 99 -4.15 23.16 -26.94
C GLY D 99 -5.41 22.63 -27.60
N ALA D 100 -6.58 23.15 -27.18
CA ALA D 100 -7.85 22.76 -27.76
C ALA D 100 -8.03 23.35 -29.15
N ILE D 101 -7.87 24.67 -29.24
CA ILE D 101 -7.97 25.35 -30.53
C ILE D 101 -6.97 24.76 -31.52
N CYS D 102 -5.72 24.53 -31.10
CA CYS D 102 -4.71 23.95 -31.97
C CYS D 102 -5.07 22.54 -32.45
N ALA D 103 -5.58 21.69 -31.55
CA ALA D 103 -5.83 20.31 -31.92
C ALA D 103 -6.94 20.20 -32.96
N SER D 104 -8.11 20.79 -32.65
CA SER D 104 -9.24 20.73 -33.56
C SER D 104 -8.83 21.17 -34.96
N PHE D 105 -7.91 22.12 -35.06
CA PHE D 105 -7.36 22.49 -36.36
C PHE D 105 -6.45 21.40 -36.90
N VAL D 106 -5.61 20.80 -36.06
CA VAL D 106 -4.79 19.72 -36.59
C VAL D 106 -5.67 18.66 -37.24
N LEU D 107 -6.88 18.44 -36.71
CA LEU D 107 -7.65 17.37 -37.33
C LEU D 107 -8.36 17.85 -38.59
N LYS D 108 -8.76 19.13 -38.62
CA LYS D 108 -9.48 19.66 -39.77
C LYS D 108 -8.82 19.12 -41.03
N ALA D 109 -7.49 19.10 -41.00
CA ALA D 109 -6.71 18.64 -42.13
C ALA D 109 -6.51 17.12 -42.14
N VAL D 110 -6.44 16.48 -40.97
CA VAL D 110 -6.14 15.05 -40.96
C VAL D 110 -7.36 14.22 -41.34
N ILE D 111 -8.57 14.79 -41.22
CA ILE D 111 -9.78 14.07 -41.63
C ILE D 111 -10.39 14.82 -42.82
N HIS D 112 -9.64 14.90 -43.91
CA HIS D 112 -9.82 15.88 -44.99
C HIS D 112 -11.27 15.97 -45.51
N PRO D 113 -11.91 14.93 -46.07
CA PRO D 113 -13.26 15.14 -46.65
C PRO D 113 -14.34 15.48 -45.60
N VAL D 114 -14.19 15.00 -44.36
CA VAL D 114 -15.15 15.28 -43.30
C VAL D 114 -14.67 16.52 -42.58
N ASP D 115 -15.51 17.54 -42.49
CA ASP D 115 -14.97 18.81 -42.04
C ASP D 115 -15.76 19.36 -40.86
N VAL D 116 -16.70 18.60 -40.30
CA VAL D 116 -17.25 18.92 -38.99
C VAL D 116 -16.34 18.22 -37.98
N ILE D 117 -15.49 19.01 -37.32
CA ILE D 117 -14.43 18.46 -36.50
C ILE D 117 -14.92 18.31 -35.06
N GLY D 118 -15.82 17.35 -34.81
CA GLY D 118 -16.37 17.07 -33.48
C GLY D 118 -16.96 18.25 -32.70
N THR D 119 -17.96 18.93 -33.25
CA THR D 119 -18.53 20.09 -32.57
C THR D 119 -19.45 19.67 -31.41
N THR D 120 -19.70 20.63 -30.52
CA THR D 120 -20.66 20.42 -29.43
C THR D 120 -21.80 21.38 -29.65
N THR D 121 -22.88 20.91 -30.23
CA THR D 121 -23.93 21.86 -30.50
C THR D 121 -25.24 21.41 -29.87
N PRO D 122 -26.04 22.34 -29.34
CA PRO D 122 -27.27 21.98 -28.63
C PRO D 122 -28.25 21.28 -29.55
N VAL D 123 -29.23 20.63 -28.92
CA VAL D 123 -30.27 19.91 -29.66
C VAL D 123 -31.60 20.65 -29.61
N GLY D 124 -32.36 20.47 -28.53
CA GLY D 124 -33.69 21.04 -28.42
C GLY D 124 -33.78 22.46 -27.89
N PRO D 125 -34.68 22.67 -26.93
CA PRO D 125 -34.71 23.94 -26.20
C PRO D 125 -33.32 24.25 -25.64
N HIS D 126 -32.71 25.40 -25.93
CA HIS D 126 -31.35 25.60 -25.43
C HIS D 126 -31.24 25.44 -23.92
N TRP D 127 -32.32 25.69 -23.18
CA TRP D 127 -32.21 25.48 -21.74
C TRP D 127 -32.06 24.00 -21.41
N HIS D 128 -32.58 23.11 -22.24
CA HIS D 128 -32.30 21.68 -22.08
C HIS D 128 -30.81 21.44 -22.02
N SER D 129 -30.11 21.94 -23.02
CA SER D 129 -28.69 21.72 -23.14
C SER D 129 -27.97 22.30 -21.92
N LEU D 130 -28.31 23.54 -21.54
CA LEU D 130 -27.66 24.18 -20.40
C LEU D 130 -27.97 23.45 -19.09
N VAL D 131 -29.23 23.04 -18.88
CA VAL D 131 -29.58 22.34 -17.64
C VAL D 131 -28.84 21.01 -17.55
N VAL D 132 -28.69 20.31 -18.66
CA VAL D 132 -27.80 19.15 -18.66
C VAL D 132 -26.37 19.56 -18.37
N GLU D 133 -25.85 20.54 -19.11
CA GLU D 133 -24.44 20.89 -18.90
C GLU D 133 -24.10 21.40 -17.52
N VAL D 134 -25.04 21.59 -16.61
CA VAL D 134 -24.66 21.84 -15.24
C VAL D 134 -24.77 20.60 -14.37
N ILE D 135 -25.82 19.80 -14.53
CA ILE D 135 -25.92 18.61 -13.69
C ILE D 135 -24.88 17.56 -14.08
N VAL D 136 -24.61 17.37 -15.38
CA VAL D 136 -23.51 16.48 -15.74
C VAL D 136 -22.19 17.13 -15.39
N THR D 137 -22.12 18.46 -15.44
CA THR D 137 -20.88 19.08 -14.98
C THR D 137 -20.80 19.07 -13.46
N PHE D 138 -21.93 19.30 -12.78
CA PHE D 138 -21.98 19.08 -11.34
C PHE D 138 -21.44 17.71 -10.99
N ASN D 139 -21.96 16.67 -11.65
CA ASN D 139 -21.52 15.30 -11.40
C ASN D 139 -20.02 15.17 -11.48
N MET D 140 -19.47 15.66 -12.58
CA MET D 140 -18.04 15.56 -12.83
C MET D 140 -17.25 16.24 -11.72
N MET D 141 -17.53 17.52 -11.44
CA MET D 141 -16.76 18.21 -10.39
C MET D 141 -16.98 17.60 -9.01
N PHE D 142 -18.21 17.19 -8.69
CA PHE D 142 -18.44 16.51 -7.41
C PHE D 142 -17.47 15.36 -7.20
N VAL D 143 -17.31 14.48 -8.20
CA VAL D 143 -16.44 13.33 -7.95
C VAL D 143 -14.99 13.73 -8.12
N THR D 144 -14.66 14.62 -9.08
CA THR D 144 -13.30 15.16 -9.16
C THR D 144 -12.84 15.63 -7.80
N LEU D 145 -13.77 16.04 -6.96
CA LEU D 145 -13.33 16.61 -5.71
C LEU D 145 -13.14 15.53 -4.66
N ALA D 146 -14.01 14.52 -4.65
CA ALA D 146 -13.87 13.41 -3.70
C ALA D 146 -12.65 12.54 -3.96
N VAL D 147 -12.00 12.65 -5.12
CA VAL D 147 -10.85 11.81 -5.45
C VAL D 147 -9.58 12.62 -5.67
N ALA D 148 -9.63 13.93 -5.51
CA ALA D 148 -8.43 14.75 -5.69
C ALA D 148 -7.46 14.56 -4.53
N THR D 149 -6.16 14.51 -4.88
CA THR D 149 -5.08 14.40 -3.91
C THR D 149 -4.19 15.62 -3.79
N ASP D 150 -4.31 16.60 -4.68
CA ASP D 150 -3.53 17.86 -4.70
C ASP D 150 -2.06 17.76 -5.10
N THR D 151 -1.78 17.05 -6.21
CA THR D 151 -0.60 17.36 -7.02
C THR D 151 -0.78 17.07 -8.52
N ARG D 152 -2.00 17.09 -9.07
CA ARG D 152 -3.15 17.77 -8.54
C ARG D 152 -4.41 16.88 -8.46
N ALA D 153 -4.84 16.26 -9.56
CA ALA D 153 -5.77 15.11 -9.54
C ALA D 153 -4.96 13.87 -9.91
N VAL D 154 -4.43 13.19 -8.90
CA VAL D 154 -3.39 12.19 -9.09
C VAL D 154 -3.94 10.84 -8.71
N GLY D 155 -3.50 9.83 -9.45
CA GLY D 155 -3.60 8.47 -8.97
C GLY D 155 -4.52 7.56 -9.74
N GLU D 156 -4.35 6.27 -9.55
CA GLU D 156 -5.12 5.31 -10.31
C GLU D 156 -6.62 5.52 -10.16
N LEU D 157 -7.14 5.66 -8.93
CA LEU D 157 -8.59 5.74 -8.98
C LEU D 157 -9.03 7.15 -9.38
N ALA D 158 -8.15 8.15 -9.29
CA ALA D 158 -8.53 9.48 -9.76
C ALA D 158 -8.86 9.43 -11.23
N GLY D 159 -8.05 8.73 -12.01
CA GLY D 159 -8.35 8.57 -13.42
C GLY D 159 -9.65 7.82 -13.69
N LEU D 160 -9.91 6.77 -12.93
CA LEU D 160 -11.14 6.00 -13.15
C LEU D 160 -12.38 6.85 -12.89
N ALA D 161 -12.41 7.58 -11.79
CA ALA D 161 -13.60 8.39 -11.50
C ALA D 161 -13.81 9.47 -12.57
N VAL D 162 -12.79 10.27 -12.83
CA VAL D 162 -12.98 11.39 -13.75
C VAL D 162 -13.30 10.89 -15.15
N GLY D 163 -12.50 9.96 -15.68
CA GLY D 163 -12.82 9.40 -16.99
C GLY D 163 -14.22 8.82 -17.03
N SER D 164 -14.62 8.12 -15.96
CA SER D 164 -15.97 7.61 -15.85
C SER D 164 -17.00 8.74 -15.92
N ALA D 165 -16.80 9.82 -15.15
CA ALA D 165 -17.74 10.94 -15.22
C ALA D 165 -17.89 11.43 -16.66
N VAL D 166 -16.75 11.66 -17.33
CA VAL D 166 -16.72 12.07 -18.73
C VAL D 166 -17.43 11.07 -19.64
N CYS D 167 -17.16 9.76 -19.46
CA CYS D 167 -17.79 8.79 -20.33
C CYS D 167 -19.29 8.78 -20.14
N ILE D 168 -19.76 8.89 -18.91
CA ILE D 168 -21.21 8.99 -18.72
C ILE D 168 -21.78 10.19 -19.46
N THR D 169 -21.12 11.35 -19.37
CA THR D 169 -21.69 12.53 -19.98
C THR D 169 -21.80 12.38 -21.48
N SER D 170 -20.78 11.82 -22.12
CA SER D 170 -20.86 11.66 -23.57
C SER D 170 -22.06 10.80 -23.96
N ILE D 171 -22.34 9.77 -23.18
CA ILE D 171 -23.45 8.88 -23.50
C ILE D 171 -24.78 9.62 -23.37
N PHE D 172 -25.03 10.22 -22.21
CA PHE D 172 -26.32 10.85 -21.91
C PHE D 172 -26.38 12.31 -22.33
N ALA D 173 -25.50 13.13 -21.79
CA ALA D 173 -25.51 14.54 -22.17
C ALA D 173 -25.19 14.76 -23.65
N GLY D 174 -24.64 13.76 -24.34
CA GLY D 174 -24.47 13.90 -25.77
C GLY D 174 -25.80 13.92 -26.50
N ALA D 175 -26.80 13.23 -25.94
CA ALA D 175 -28.12 13.21 -26.54
C ALA D 175 -28.89 14.51 -26.37
N ILE D 176 -28.55 15.32 -25.36
CA ILE D 176 -29.23 16.60 -25.12
C ILE D 176 -28.32 17.79 -25.42
N SER D 177 -27.22 17.92 -24.69
CA SER D 177 -26.37 19.07 -24.81
C SER D 177 -25.25 18.91 -25.84
N GLY D 178 -25.04 17.69 -26.32
CA GLY D 178 -23.78 17.30 -26.90
C GLY D 178 -22.78 16.81 -25.88
N GLY D 179 -22.95 17.17 -24.62
CA GLY D 179 -22.12 16.66 -23.55
C GLY D 179 -20.70 17.16 -23.61
N SER D 180 -20.46 18.36 -23.06
CA SER D 180 -19.12 18.94 -23.05
C SER D 180 -18.61 19.11 -21.62
N MET D 181 -19.21 20.02 -20.83
CA MET D 181 -18.78 20.41 -19.48
C MET D 181 -17.48 21.18 -19.49
N ASN D 182 -16.97 21.57 -20.66
CA ASN D 182 -15.64 22.15 -20.80
C ASN D 182 -15.58 23.32 -21.77
N PRO D 183 -15.52 24.55 -21.27
CA PRO D 183 -15.48 25.70 -22.17
C PRO D 183 -14.33 25.68 -23.14
N ALA D 184 -13.16 25.18 -22.76
CA ALA D 184 -12.07 25.15 -23.74
C ALA D 184 -12.33 24.15 -24.84
N ARG D 185 -13.02 23.05 -24.52
CA ARG D 185 -13.30 22.04 -25.55
C ARG D 185 -14.51 22.39 -26.43
N THR D 186 -15.42 23.25 -25.99
CA THR D 186 -16.44 23.70 -26.92
C THR D 186 -15.84 24.65 -27.96
N LEU D 187 -15.02 25.59 -27.48
CA LEU D 187 -14.39 26.60 -28.33
C LEU D 187 -13.52 25.98 -29.42
N GLY D 188 -12.61 25.07 -29.04
CA GLY D 188 -11.66 24.52 -29.97
C GLY D 188 -12.28 24.03 -31.27
N PRO D 189 -13.15 23.02 -31.13
CA PRO D 189 -13.91 22.54 -32.30
C PRO D 189 -14.80 23.57 -32.99
N ALA D 190 -15.48 24.42 -32.22
CA ALA D 190 -16.35 25.42 -32.83
C ALA D 190 -15.60 26.31 -33.82
N LEU D 191 -14.31 26.55 -33.57
CA LEU D 191 -13.50 27.37 -34.48
C LEU D 191 -13.00 26.55 -35.66
N ALA D 192 -12.73 25.26 -35.47
CA ALA D 192 -12.11 24.47 -36.51
C ALA D 192 -13.02 24.26 -37.71
N SER D 193 -14.33 24.51 -37.56
CA SER D 193 -15.22 24.35 -38.71
C SER D 193 -16.47 25.23 -38.62
N ASN D 194 -16.34 26.41 -38.00
CA ASN D 194 -17.41 27.42 -37.96
C ASN D 194 -18.78 26.96 -37.44
N LYS D 195 -18.97 26.83 -36.12
CA LYS D 195 -20.29 26.49 -35.56
C LYS D 195 -20.45 27.06 -34.16
N PHE D 196 -21.46 27.92 -33.91
CA PHE D 196 -21.46 28.53 -32.57
C PHE D 196 -22.83 28.59 -31.87
N ASP D 197 -23.74 27.65 -32.15
CA ASP D 197 -25.05 27.69 -31.52
C ASP D 197 -25.01 27.33 -30.04
N GLY D 198 -25.61 28.18 -29.21
CA GLY D 198 -25.66 27.86 -27.80
C GLY D 198 -24.30 27.85 -27.16
N LEU D 199 -23.33 28.54 -27.75
CA LEU D 199 -21.96 28.52 -27.26
C LEU D 199 -21.94 28.98 -25.80
N TRP D 200 -22.95 29.76 -25.40
CA TRP D 200 -23.05 30.25 -24.02
C TRP D 200 -23.37 29.14 -23.03
N ILE D 201 -24.06 28.07 -23.43
CA ILE D 201 -24.33 27.05 -22.43
C ILE D 201 -23.03 26.36 -22.08
N TYR D 202 -22.12 26.30 -23.05
CA TYR D 202 -20.84 25.67 -22.84
C TYR D 202 -19.85 26.58 -22.17
N PHE D 203 -20.32 27.71 -21.66
CA PHE D 203 -19.55 28.56 -20.78
C PHE D 203 -20.25 28.76 -19.46
N LEU D 204 -21.58 28.69 -19.43
CA LEU D 204 -22.31 28.58 -18.18
C LEU D 204 -22.63 27.17 -17.75
N GLY D 205 -22.78 26.23 -18.67
CA GLY D 205 -22.98 24.89 -18.23
C GLY D 205 -21.81 24.52 -17.34
N PRO D 206 -20.61 24.57 -17.89
CA PRO D 206 -19.41 24.29 -17.10
C PRO D 206 -19.23 25.15 -15.85
N VAL D 207 -18.97 26.45 -16.06
CA VAL D 207 -18.56 27.29 -14.93
C VAL D 207 -19.60 27.25 -13.83
N MET D 208 -20.87 27.26 -14.22
CA MET D 208 -21.94 27.19 -13.25
C MET D 208 -22.08 25.76 -12.74
N GLY D 209 -21.68 24.78 -13.55
CA GLY D 209 -21.71 23.40 -13.16
C GLY D 209 -20.58 22.90 -12.26
N THR D 210 -19.32 23.27 -12.55
CA THR D 210 -18.21 22.77 -11.73
C THR D 210 -18.25 23.36 -10.32
N LEU D 211 -18.48 24.67 -10.22
CA LEU D 211 -18.49 25.29 -8.92
C LEU D 211 -19.61 24.71 -8.05
N SER D 212 -20.76 24.44 -8.65
CA SER D 212 -21.86 23.89 -7.88
C SER D 212 -21.49 22.51 -7.33
N GLY D 213 -20.96 21.64 -8.19
CA GLY D 213 -20.62 20.30 -7.77
C GLY D 213 -19.53 20.24 -6.70
N ALA D 214 -18.57 21.16 -6.77
CA ALA D 214 -17.52 21.17 -5.77
C ALA D 214 -18.06 21.53 -4.39
N TRP D 215 -18.83 22.63 -4.30
CA TRP D 215 -19.34 23.08 -3.01
C TRP D 215 -20.14 21.97 -2.32
N THR D 216 -20.80 21.14 -3.11
CA THR D 216 -21.65 20.12 -2.51
C THR D 216 -20.79 19.09 -1.78
N TYR D 217 -19.58 18.82 -2.29
CA TYR D 217 -18.69 17.91 -1.59
C TYR D 217 -18.10 18.57 -0.33
N THR D 218 -17.52 19.78 -0.49
CA THR D 218 -16.94 20.51 0.64
C THR D 218 -17.92 20.60 1.78
N PHE D 219 -19.21 20.58 1.46
CA PHE D 219 -20.25 20.54 2.46
C PHE D 219 -20.12 19.25 3.25
N ILE D 220 -20.26 18.14 2.55
CA ILE D 220 -20.24 16.80 3.11
C ILE D 220 -18.79 16.34 3.25
N ARG D 221 -17.88 17.31 3.44
CA ARG D 221 -16.45 17.05 3.52
C ARG D 221 -16.06 15.84 4.39
N PHE D 222 -16.72 15.67 5.53
CA PHE D 222 -16.26 14.75 6.55
C PHE D 222 -16.89 13.36 6.44
N GLU D 223 -17.23 12.72 7.56
CA GLU D 223 -18.16 11.59 7.51
C GLU D 223 -19.37 11.86 8.38
N PRO E 8 0.17 31.37 2.55
CA PRO E 8 -0.69 30.25 2.17
C PRO E 8 -0.94 29.25 3.31
N HIS E 9 -1.80 29.63 4.26
CA HIS E 9 -2.17 28.82 5.43
C HIS E 9 -1.01 28.57 6.40
N LEU E 10 -0.32 29.66 6.80
CA LEU E 10 0.80 29.51 7.73
C LEU E 10 0.44 29.63 9.20
N LEU E 11 -0.79 30.03 9.55
CA LEU E 11 -1.12 30.04 10.96
C LEU E 11 -1.04 28.63 11.52
N LYS E 12 -1.80 27.71 10.94
CA LYS E 12 -1.78 26.33 11.42
C LYS E 12 -0.41 25.71 11.30
N LYS E 13 0.41 26.19 10.38
CA LYS E 13 1.76 25.67 10.28
C LYS E 13 2.63 26.15 11.44
N VAL E 14 2.51 27.42 11.82
CA VAL E 14 3.38 27.93 12.88
C VAL E 14 2.87 27.50 14.25
N VAL E 15 1.56 27.35 14.43
CA VAL E 15 1.12 26.66 15.64
C VAL E 15 1.71 25.25 15.70
N SER E 16 1.64 24.52 14.57
CA SER E 16 2.24 23.19 14.51
C SER E 16 3.73 23.25 14.72
N GLU E 17 4.39 24.32 14.27
CA GLU E 17 5.83 24.32 14.43
C GLU E 17 6.25 24.73 15.83
N VAL E 18 5.55 25.69 16.45
CA VAL E 18 5.91 26.02 17.82
C VAL E 18 5.47 24.90 18.74
N VAL E 19 4.24 24.42 18.60
CA VAL E 19 3.85 23.42 19.57
C VAL E 19 4.79 22.23 19.44
N ALA E 20 5.24 21.96 18.21
CA ALA E 20 6.19 20.87 18.02
C ALA E 20 7.56 21.25 18.55
N THR E 21 8.09 22.40 18.14
CA THR E 21 9.41 22.79 18.62
C THR E 21 9.42 22.94 20.13
N PHE E 22 8.31 23.35 20.71
CA PHE E 22 8.21 23.32 22.16
C PHE E 22 8.34 21.90 22.67
N LEU E 23 7.37 21.03 22.38
CA LEU E 23 7.45 19.69 22.93
C LEU E 23 8.78 19.03 22.59
N LEU E 24 9.38 19.41 21.44
CA LEU E 24 10.75 19.01 21.10
C LEU E 24 11.74 19.33 22.20
N VAL E 25 11.92 20.61 22.50
CA VAL E 25 12.93 21.02 23.45
C VAL E 25 12.55 20.65 24.87
N PHE E 26 11.28 20.85 25.24
CA PHE E 26 10.83 20.57 26.60
C PHE E 26 11.32 19.23 27.06
N MET E 27 11.19 18.23 26.22
CA MET E 27 11.59 16.89 26.63
C MET E 27 13.03 16.58 26.31
N THR E 28 13.49 16.93 25.10
CA THR E 28 14.85 16.59 24.70
C THR E 28 15.87 17.23 25.65
N CYS E 29 15.61 18.45 26.13
CA CYS E 29 16.51 19.10 27.09
C CYS E 29 16.19 18.73 28.52
N GLY E 30 14.90 18.76 28.89
CA GLY E 30 14.52 18.40 30.24
C GLY E 30 15.02 17.04 30.68
N ALA E 31 15.27 16.14 29.74
CA ALA E 31 15.86 14.90 30.18
C ALA E 31 17.38 14.93 30.13
N ALA E 32 17.95 15.56 29.09
CA ALA E 32 19.41 15.73 29.04
C ALA E 32 19.91 16.62 30.18
N GLY E 33 19.08 17.58 30.61
CA GLY E 33 19.38 18.47 31.71
C GLY E 33 19.33 17.79 33.06
N ILE E 34 18.20 17.18 33.40
CA ILE E 34 18.17 16.31 34.57
C ILE E 34 19.31 15.30 34.51
N SER E 35 19.46 14.63 33.36
CA SER E 35 20.50 13.60 33.25
C SER E 35 21.88 14.17 33.53
N GLY E 36 22.18 15.34 33.00
CA GLY E 36 23.49 15.87 33.32
C GLY E 36 23.70 16.35 34.75
N SER E 37 22.72 16.18 35.64
CA SER E 37 22.83 16.66 37.02
C SER E 37 22.88 15.51 38.00
N ASP E 38 21.96 14.56 37.87
CA ASP E 38 22.01 13.30 38.57
C ASP E 38 21.97 12.21 37.50
N LEU E 39 23.14 11.66 37.20
CA LEU E 39 23.22 10.63 36.16
C LEU E 39 22.63 9.30 36.61
N SER E 40 22.23 9.21 37.87
CA SER E 40 21.49 8.10 38.45
C SER E 40 20.00 8.32 38.36
N ARG E 41 19.61 9.54 38.04
CA ARG E 41 18.24 10.00 37.97
C ARG E 41 17.69 9.86 36.54
N ILE E 42 18.52 10.17 35.54
CA ILE E 42 18.21 9.88 34.13
C ILE E 42 19.50 9.45 33.44
N SER E 43 19.53 8.22 32.95
CA SER E 43 20.64 7.66 32.21
C SER E 43 21.12 8.54 31.07
N GLN E 44 22.39 8.39 30.67
CA GLN E 44 22.93 9.13 29.53
C GLN E 44 22.50 8.52 28.20
N LEU E 45 22.46 7.18 28.15
CA LEU E 45 21.81 6.55 27.02
C LEU E 45 20.33 6.82 27.07
N GLY E 46 19.85 7.16 28.25
CA GLY E 46 18.44 7.40 28.40
C GLY E 46 17.98 8.72 27.85
N GLN E 47 18.85 9.74 27.88
CA GLN E 47 18.47 11.05 27.38
C GLN E 47 18.80 11.19 25.89
N SER E 48 19.71 10.37 25.35
CA SER E 48 19.86 10.35 23.90
C SER E 48 18.66 9.69 23.27
N ILE E 49 18.37 8.45 23.70
CA ILE E 49 17.20 7.72 23.24
C ILE E 49 15.94 8.59 23.31
N ALA E 50 15.69 9.21 24.46
CA ALA E 50 14.57 10.15 24.60
C ALA E 50 14.64 11.28 23.58
N GLY E 51 15.84 11.83 23.36
CA GLY E 51 15.95 12.95 22.44
C GLY E 51 15.60 12.62 21.01
N GLY E 52 15.71 11.35 20.62
CA GLY E 52 15.42 10.98 19.25
C GLY E 52 13.97 10.63 19.02
N LEU E 53 13.40 9.94 20.01
CA LEU E 53 11.98 9.59 20.04
C LEU E 53 11.07 10.83 19.92
N ILE E 54 11.36 11.91 20.68
CA ILE E 54 10.48 13.06 20.63
C ILE E 54 10.50 13.70 19.24
N VAL E 55 11.66 13.78 18.58
CA VAL E 55 11.70 14.15 17.18
C VAL E 55 10.81 13.22 16.34
N THR E 56 10.83 11.91 16.62
CA THR E 56 10.01 11.02 15.78
C THR E 56 8.53 11.33 15.94
N VAL E 57 8.05 11.41 17.18
CA VAL E 57 6.62 11.57 17.32
C VAL E 57 6.21 12.96 16.84
N MET E 58 7.10 13.96 16.97
CA MET E 58 6.71 15.27 16.47
C MET E 58 6.57 15.23 14.97
N ILE E 59 7.29 14.34 14.31
CA ILE E 59 7.08 14.18 12.89
C ILE E 59 5.70 13.59 12.61
N TYR E 60 5.26 12.59 13.40
CA TYR E 60 3.93 12.01 13.19
C TYR E 60 2.79 12.97 13.52
N ALA E 61 3.01 13.92 14.43
CA ALA E 61 1.95 14.86 14.79
C ALA E 61 1.84 16.01 13.81
N VAL E 62 2.90 16.79 13.63
CA VAL E 62 2.77 18.01 12.85
C VAL E 62 3.45 17.85 11.51
N GLY E 63 3.92 16.65 11.22
CA GLY E 63 4.72 16.45 10.01
C GLY E 63 3.94 16.67 8.74
N HIS E 64 2.69 16.25 8.72
CA HIS E 64 1.91 16.44 7.51
C HIS E 64 1.35 17.83 7.39
N ILE E 65 1.43 18.62 8.47
CA ILE E 65 0.85 19.96 8.54
C ILE E 65 1.92 20.99 8.25
N SER E 66 2.87 21.20 9.18
CA SER E 66 3.91 22.18 8.90
C SER E 66 5.07 21.58 8.14
N GLY E 67 5.20 20.25 8.19
CA GLY E 67 6.39 19.56 7.78
C GLY E 67 7.21 19.07 8.96
N ALA E 68 6.85 19.46 10.17
CA ALA E 68 7.61 19.17 11.40
C ALA E 68 9.10 19.48 11.20
N HIS E 69 9.38 20.78 10.97
CA HIS E 69 10.76 21.21 10.87
C HIS E 69 11.43 21.33 12.24
N MET E 70 10.89 22.17 13.13
CA MET E 70 11.41 22.32 14.49
C MET E 70 12.89 22.73 14.52
N ASN E 71 13.38 23.27 13.40
CA ASN E 71 14.79 23.54 13.17
C ASN E 71 15.01 24.67 12.15
N PRO E 72 15.45 25.84 12.58
CA PRO E 72 15.67 26.93 11.60
C PRO E 72 16.70 26.60 10.56
N ALA E 73 17.66 25.74 10.85
CA ALA E 73 18.64 25.47 9.81
C ALA E 73 18.12 24.54 8.74
N VAL E 74 17.03 23.82 9.00
CA VAL E 74 16.45 22.94 7.99
C VAL E 74 15.45 23.70 7.12
N THR E 75 14.52 24.41 7.77
CA THR E 75 13.63 25.31 7.05
C THR E 75 14.44 26.09 6.03
N LEU E 76 15.66 26.51 6.38
CA LEU E 76 16.54 27.10 5.38
C LEU E 76 16.82 26.09 4.25
N ALA E 77 17.30 24.89 4.60
CA ALA E 77 17.76 23.97 3.57
C ALA E 77 16.68 23.60 2.58
N PHE E 78 15.42 23.53 3.04
CA PHE E 78 14.33 23.25 2.12
C PHE E 78 14.14 24.42 1.18
N ALA E 79 14.31 25.63 1.69
CA ALA E 79 14.13 26.81 0.85
C ALA E 79 15.22 26.89 -0.20
N VAL E 80 16.42 26.43 0.12
CA VAL E 80 17.50 26.46 -0.86
C VAL E 80 17.31 25.37 -1.88
N PHE E 81 16.86 24.23 -1.45
CA PHE E 81 16.78 23.21 -2.45
C PHE E 81 15.32 22.88 -2.77
N ARG E 82 14.43 22.87 -1.85
CA ARG E 82 13.71 21.79 -2.37
C ARG E 82 12.44 22.61 -2.62
N HIS E 83 12.45 23.71 -3.36
CA HIS E 83 11.40 24.73 -3.32
C HIS E 83 10.64 25.13 -2.03
N PHE E 84 11.29 25.46 -0.92
CA PHE E 84 10.38 25.89 0.16
C PHE E 84 10.17 27.41 0.12
N PRO E 85 8.94 27.89 0.37
CA PRO E 85 8.63 29.33 0.28
C PRO E 85 9.48 30.26 1.16
N TRP E 86 10.45 30.94 0.54
CA TRP E 86 11.20 32.01 1.16
C TRP E 86 10.38 32.99 1.98
N ILE E 87 9.10 33.21 1.65
CA ILE E 87 8.29 34.12 2.49
C ILE E 87 7.85 33.52 3.82
N GLN E 88 8.09 32.22 4.06
CA GLN E 88 7.66 31.57 5.29
C GLN E 88 8.83 31.25 6.21
N VAL E 89 10.05 31.23 5.69
CA VAL E 89 11.24 30.96 6.50
C VAL E 89 11.26 31.93 7.69
N PRO E 90 10.75 33.24 7.60
CA PRO E 90 10.61 34.02 8.83
C PRO E 90 9.55 33.47 9.77
N PHE E 91 8.38 33.11 9.24
CA PHE E 91 7.31 32.59 10.09
C PHE E 91 7.69 31.26 10.75
N TYR E 92 8.53 30.46 10.10
CA TYR E 92 9.05 29.26 10.76
C TYR E 92 10.20 29.57 11.71
N TRP E 93 11.25 30.28 11.23
CA TRP E 93 12.34 30.66 12.13
C TRP E 93 11.80 31.20 13.44
N ALA E 94 10.83 32.11 13.33
CA ALA E 94 10.11 32.53 14.53
C ALA E 94 9.51 31.31 15.24
N ALA E 95 8.82 30.45 14.51
CA ALA E 95 8.07 29.40 15.18
C ALA E 95 8.99 28.49 15.99
N GLN E 96 10.16 28.15 15.45
CA GLN E 96 11.09 27.27 16.12
C GLN E 96 11.84 28.00 17.23
N PHE E 97 12.45 29.15 16.90
CA PHE E 97 13.14 29.94 17.92
C PHE E 97 12.22 30.32 19.07
N THR E 98 10.92 30.53 18.79
CA THR E 98 9.95 30.80 19.86
C THR E 98 9.64 29.55 20.67
N GLY E 99 9.04 28.53 20.02
CA GLY E 99 8.70 27.32 20.75
C GLY E 99 9.89 26.73 21.48
N ALA E 100 11.09 26.93 20.92
CA ALA E 100 12.32 26.43 21.54
C ALA E 100 12.65 27.22 22.79
N ILE E 101 12.86 28.55 22.64
CA ILE E 101 13.11 29.42 23.78
C ILE E 101 11.99 29.31 24.81
N CYS E 102 10.75 29.27 24.34
CA CYS E 102 9.63 29.11 25.26
C CYS E 102 9.77 27.84 26.09
N ALA E 103 10.20 26.73 25.45
CA ALA E 103 10.22 25.43 26.11
C ALA E 103 11.27 25.35 27.21
N SER E 104 12.54 25.65 26.90
CA SER E 104 13.62 25.51 27.86
C SER E 104 13.36 26.27 29.16
N PHE E 105 12.69 27.44 29.08
CA PHE E 105 12.36 28.21 30.28
C PHE E 105 11.34 27.47 31.14
N VAL E 106 10.35 26.85 30.50
CA VAL E 106 9.36 26.10 31.26
C VAL E 106 10.04 25.07 32.17
N LEU E 107 11.14 24.47 31.70
CA LEU E 107 11.81 23.45 32.51
C LEU E 107 12.57 24.07 33.66
N LYS E 108 13.08 25.29 33.47
CA LYS E 108 13.79 26.00 34.51
C LYS E 108 13.03 25.88 35.82
N ALA E 109 11.72 26.05 35.76
CA ALA E 109 10.89 25.98 36.95
C ALA E 109 10.43 24.57 37.26
N VAL E 110 10.23 23.75 36.24
CA VAL E 110 9.71 22.41 36.47
C VAL E 110 10.78 21.47 37.01
N ILE E 111 12.06 21.79 36.87
CA ILE E 111 13.04 20.92 37.50
C ILE E 111 13.87 21.64 38.57
N HIS E 112 13.22 22.22 39.63
CA HIS E 112 13.93 23.17 40.53
C HIS E 112 15.37 22.90 40.94
N PRO E 113 15.73 21.79 41.59
CA PRO E 113 17.08 21.73 42.14
C PRO E 113 18.15 21.80 41.07
N VAL E 114 17.83 21.35 39.85
CA VAL E 114 18.75 21.29 38.73
C VAL E 114 18.54 22.50 37.82
N ASP E 115 19.64 23.12 37.38
CA ASP E 115 19.55 24.29 36.54
C ASP E 115 20.35 24.31 35.21
N VAL E 116 21.10 23.27 34.85
CA VAL E 116 21.68 23.17 33.52
C VAL E 116 20.68 22.45 32.62
N ILE E 117 20.01 23.21 31.76
CA ILE E 117 18.88 22.67 30.99
C ILE E 117 19.38 22.09 29.67
N GLY E 118 20.25 21.10 29.76
CA GLY E 118 20.78 20.50 28.56
C GLY E 118 21.38 21.49 27.58
N THR E 119 22.37 22.24 28.02
CA THR E 119 22.98 23.10 27.03
C THR E 119 23.79 22.22 26.10
N THR E 120 23.98 22.66 24.89
CA THR E 120 24.92 21.94 24.04
C THR E 120 26.18 22.79 24.08
N THR E 121 27.14 22.40 24.91
CA THR E 121 28.35 23.21 24.97
C THR E 121 29.54 22.32 24.66
N PRO E 122 30.52 22.84 23.92
CA PRO E 122 31.57 21.96 23.38
C PRO E 122 32.31 21.28 24.52
N VAL E 123 32.85 20.13 24.20
CA VAL E 123 33.64 19.37 25.14
C VAL E 123 35.05 19.32 24.60
N GLY E 124 35.90 20.18 25.12
CA GLY E 124 37.28 20.18 24.72
C GLY E 124 37.56 21.22 23.67
N PRO E 125 38.47 20.88 22.69
CA PRO E 125 38.76 21.81 21.60
C PRO E 125 37.46 22.18 20.89
N HIS E 126 37.05 23.44 21.13
CA HIS E 126 35.76 23.94 20.67
C HIS E 126 35.59 23.77 19.15
N TRP E 127 36.68 23.78 18.37
CA TRP E 127 36.56 23.45 16.94
C TRP E 127 36.24 21.97 16.67
N HIS E 128 36.57 21.05 17.58
CA HIS E 128 36.08 19.68 17.38
C HIS E 128 34.60 19.68 17.09
N SER E 129 33.85 20.41 17.92
CA SER E 129 32.40 20.39 17.86
C SER E 129 31.90 20.83 16.48
N LEU E 130 32.51 21.88 15.90
CA LEU E 130 32.04 22.38 14.62
C LEU E 130 32.17 21.35 13.50
N VAL E 131 33.27 20.61 13.46
CA VAL E 131 33.38 19.53 12.48
C VAL E 131 32.33 18.46 12.75
N VAL E 132 32.10 18.15 14.03
CA VAL E 132 31.02 17.23 14.41
C VAL E 132 29.66 17.79 14.03
N GLU E 133 29.36 19.03 14.42
CA GLU E 133 28.06 19.62 14.08
C GLU E 133 27.79 19.83 12.60
N VAL E 134 28.73 19.60 11.69
CA VAL E 134 28.35 19.59 10.27
C VAL E 134 28.23 18.17 9.75
N ILE E 135 29.14 17.28 10.14
CA ILE E 135 29.01 15.91 9.64
C ILE E 135 27.76 15.22 10.23
N VAL E 136 27.46 15.42 11.53
CA VAL E 136 26.21 14.84 12.02
C VAL E 136 25.00 15.60 11.47
N THR E 137 25.13 16.90 11.23
CA THR E 137 24.01 17.59 10.60
C THR E 137 23.89 17.25 9.11
N PHE E 138 25.03 17.25 8.39
CA PHE E 138 25.06 16.69 7.04
C PHE E 138 24.37 15.33 7.03
N ASN E 139 24.69 14.48 8.01
CA ASN E 139 23.99 13.22 8.14
C ASN E 139 22.49 13.42 8.18
N MET E 140 22.02 14.23 9.11
CA MET E 140 20.59 14.35 9.32
C MET E 140 19.90 14.91 8.08
N MET E 141 20.36 16.06 7.53
CA MET E 141 19.65 16.59 6.36
C MET E 141 19.65 15.64 5.19
N PHE E 142 20.79 14.97 4.96
CA PHE E 142 20.89 13.95 3.93
C PHE E 142 19.73 12.95 4.04
N VAL E 143 19.46 12.43 5.25
CA VAL E 143 18.39 11.44 5.38
C VAL E 143 17.03 12.12 5.42
N THR E 144 16.93 13.30 6.06
CA THR E 144 15.68 14.04 6.01
C THR E 144 15.23 14.26 4.60
N LEU E 145 16.18 14.43 3.69
CA LEU E 145 15.77 14.81 2.35
C LEU E 145 15.37 13.58 1.54
N ALA E 146 16.03 12.45 1.79
CA ALA E 146 15.67 11.23 1.12
C ALA E 146 14.29 10.71 1.52
N VAL E 147 13.67 11.25 2.59
CA VAL E 147 12.36 10.78 3.04
C VAL E 147 11.31 11.87 3.02
N ALA E 148 11.69 13.10 2.69
CA ALA E 148 10.68 14.14 2.63
C ALA E 148 9.81 13.92 1.40
N THR E 149 8.51 14.08 1.61
CA THR E 149 7.52 13.94 0.54
C THR E 149 6.83 15.24 0.18
N ASP E 150 7.36 16.38 0.60
CA ASP E 150 6.88 17.70 0.21
C ASP E 150 5.50 18.04 0.79
N THR E 151 5.27 17.65 2.08
CA THR E 151 4.24 18.28 2.90
C THR E 151 4.50 18.35 4.41
N ARG E 152 5.73 18.21 4.95
CA ARG E 152 7.05 18.16 4.29
C ARG E 152 7.86 16.89 4.65
N ALA E 153 8.08 16.63 5.96
CA ALA E 153 8.61 15.33 6.42
C ALA E 153 7.46 14.47 6.97
N VAL E 154 6.82 13.72 6.10
CA VAL E 154 5.59 13.05 6.43
C VAL E 154 5.83 11.56 6.33
N GLY E 155 5.16 10.82 7.17
CA GLY E 155 5.05 9.41 6.88
C GLY E 155 5.75 8.54 7.92
N GLU E 156 5.41 7.26 7.91
CA GLU E 156 5.99 6.40 8.92
C GLU E 156 7.51 6.40 8.86
N LEU E 157 8.12 6.19 7.69
CA LEU E 157 9.57 6.12 7.81
C LEU E 157 10.19 7.52 7.92
N ALA E 158 9.45 8.59 7.61
CA ALA E 158 10.07 9.90 7.77
C ALA E 158 10.43 10.11 9.21
N GLY E 159 9.48 9.82 10.11
CA GLY E 159 9.75 9.88 11.54
C GLY E 159 10.82 8.90 12.03
N LEU E 160 10.81 7.66 11.50
CA LEU E 160 11.89 6.76 11.86
C LEU E 160 13.24 7.27 11.40
N ALA E 161 13.34 7.72 10.16
CA ALA E 161 14.64 8.15 9.67
C ALA E 161 15.18 9.30 10.51
N VAL E 162 14.39 10.37 10.65
CA VAL E 162 14.90 11.58 11.31
C VAL E 162 15.15 11.32 12.79
N GLY E 163 14.20 10.65 13.45
CA GLY E 163 14.43 10.33 14.86
C GLY E 163 15.70 9.54 15.07
N SER E 164 15.90 8.51 14.24
CA SER E 164 17.13 7.72 14.36
C SER E 164 18.35 8.60 14.24
N ALA E 165 18.37 9.46 13.22
CA ALA E 165 19.51 10.32 13.00
C ALA E 165 19.79 11.17 14.22
N VAL E 166 18.77 11.91 14.68
CA VAL E 166 18.90 12.74 15.88
C VAL E 166 19.43 11.94 17.04
N CYS E 167 18.94 10.71 17.17
CA CYS E 167 19.41 9.83 18.23
C CYS E 167 20.89 9.51 18.06
N ILE E 168 21.33 9.18 16.85
CA ILE E 168 22.76 8.97 16.63
C ILE E 168 23.55 10.21 17.03
N THR E 169 23.02 11.38 16.72
CA THR E 169 23.73 12.59 17.06
C THR E 169 23.88 12.74 18.57
N SER E 170 22.82 12.43 19.33
CA SER E 170 22.94 12.55 20.79
C SER E 170 23.98 11.60 21.36
N ILE E 171 23.92 10.34 20.94
CA ILE E 171 24.80 9.33 21.50
C ILE E 171 26.25 9.70 21.23
N PHE E 172 26.57 9.99 19.96
CA PHE E 172 27.95 10.28 19.55
C PHE E 172 28.35 11.76 19.63
N ALA E 173 27.67 12.63 18.89
CA ALA E 173 28.00 14.04 18.93
C ALA E 173 27.76 14.67 20.30
N GLY E 174 27.01 14.01 21.20
CA GLY E 174 26.89 14.52 22.55
C GLY E 174 28.21 14.49 23.30
N ALA E 175 29.09 13.55 22.95
CA ALA E 175 30.38 13.44 23.60
C ALA E 175 31.32 14.57 23.22
N ILE E 176 31.09 15.25 22.09
CA ILE E 176 31.95 16.34 21.62
C ILE E 176 31.23 17.69 21.68
N SER E 177 30.18 17.83 20.91
CA SER E 177 29.43 19.06 20.76
C SER E 177 28.28 19.19 21.74
N GLY E 178 27.91 18.11 22.41
CA GLY E 178 26.61 18.01 22.99
C GLY E 178 25.55 17.56 22.01
N GLY E 179 25.81 17.71 20.71
CA GLY E 179 24.93 17.15 19.69
C GLY E 179 23.60 17.85 19.63
N SER E 180 23.57 18.95 18.90
CA SER E 180 22.40 19.82 18.84
C SER E 180 21.78 19.72 17.45
N MET E 181 22.45 20.27 16.44
CA MET E 181 22.04 20.37 15.04
C MET E 181 20.92 21.37 14.86
N ASN E 182 20.59 22.15 15.88
CA ASN E 182 19.39 22.98 15.86
C ASN E 182 19.61 24.34 16.53
N PRO E 183 19.76 25.39 15.75
CA PRO E 183 19.94 26.71 16.37
C PRO E 183 18.82 27.04 17.35
N ALA E 184 17.59 26.62 17.09
CA ALA E 184 16.52 26.93 18.04
C ALA E 184 16.71 26.16 19.33
N ARG E 185 17.16 24.92 19.22
CA ARG E 185 17.40 24.08 20.39
C ARG E 185 18.71 24.40 21.11
N THR E 186 19.67 25.02 20.46
CA THR E 186 20.80 25.45 21.27
C THR E 186 20.45 26.72 22.03
N LEU E 187 19.91 27.73 21.33
CA LEU E 187 19.62 29.01 21.99
C LEU E 187 18.62 28.87 23.13
N GLY E 188 17.54 28.10 22.94
CA GLY E 188 16.56 27.96 23.97
C GLY E 188 17.27 27.64 25.27
N PRO E 189 17.95 26.49 25.31
CA PRO E 189 18.81 26.18 26.46
C PRO E 189 19.94 27.17 26.72
N ALA E 190 20.67 27.61 25.68
CA ALA E 190 21.78 28.53 25.93
C ALA E 190 21.32 29.82 26.62
N LEU E 191 20.09 30.28 26.35
CA LEU E 191 19.53 31.44 27.03
C LEU E 191 18.84 31.16 28.36
N ALA E 192 18.21 30.00 28.55
CA ALA E 192 17.42 29.86 29.77
C ALA E 192 18.29 29.79 31.01
N SER E 193 19.55 29.40 30.85
CA SER E 193 20.60 29.48 31.84
C SER E 193 21.63 30.47 31.25
N ASN E 194 22.85 30.50 31.78
CA ASN E 194 23.74 31.41 31.07
C ASN E 194 24.41 30.48 30.06
N LYS E 195 25.72 30.34 30.10
CA LYS E 195 26.47 29.37 29.28
C LYS E 195 26.28 29.56 27.77
N PHE E 196 27.35 29.98 27.11
CA PHE E 196 27.32 30.23 25.68
C PHE E 196 28.61 29.73 25.04
N ASP E 197 29.28 28.75 25.68
CA ASP E 197 30.61 28.29 25.26
C ASP E 197 30.38 27.84 23.81
N GLY E 198 30.99 28.59 22.87
CA GLY E 198 30.90 28.32 21.45
C GLY E 198 29.56 28.57 20.81
N LEU E 199 28.71 29.45 21.38
CA LEU E 199 27.34 29.55 20.87
C LEU E 199 27.26 29.75 19.37
N TRP E 200 28.31 30.28 18.76
CA TRP E 200 28.29 30.47 17.32
C TRP E 200 28.34 29.17 16.53
N ILE E 201 28.90 28.06 17.07
CA ILE E 201 28.98 26.90 16.18
C ILE E 201 27.58 26.34 15.95
N TYR E 202 26.66 26.55 16.90
CA TYR E 202 25.29 26.04 16.82
C TYR E 202 24.42 26.90 15.91
N PHE E 203 25.08 27.79 15.18
CA PHE E 203 24.50 28.54 14.11
C PHE E 203 25.21 28.33 12.80
N LEU E 204 26.52 28.18 12.80
CA LEU E 204 27.18 27.96 11.54
C LEU E 204 27.34 26.47 11.24
N GLY E 205 27.40 25.63 12.27
CA GLY E 205 27.39 24.20 12.05
C GLY E 205 26.13 23.74 11.35
N PRO E 206 24.95 23.97 12.00
CA PRO E 206 23.65 23.66 11.38
C PRO E 206 23.48 24.32 10.01
N VAL E 207 23.50 25.68 9.95
CA VAL E 207 23.18 26.37 8.70
C VAL E 207 24.02 25.84 7.55
N MET E 208 25.28 25.61 7.80
CA MET E 208 26.12 25.06 6.75
C MET E 208 25.99 23.54 6.63
N GLY E 209 25.60 22.85 7.70
CA GLY E 209 25.50 21.41 7.62
C GLY E 209 24.30 20.95 6.83
N THR E 210 23.15 21.61 7.02
CA THR E 210 21.96 21.22 6.28
C THR E 210 22.15 21.52 4.81
N LEU E 211 22.72 22.69 4.49
CA LEU E 211 22.89 23.08 3.09
C LEU E 211 23.83 22.13 2.36
N SER E 212 24.91 21.68 3.01
CA SER E 212 25.79 20.72 2.33
C SER E 212 25.11 19.38 2.11
N GLY E 213 24.52 18.80 3.17
CA GLY E 213 23.92 17.47 3.06
C GLY E 213 22.76 17.39 2.07
N ALA E 214 21.98 18.47 1.97
CA ALA E 214 20.91 18.50 1.00
C ALA E 214 21.48 18.48 -0.41
N TRP E 215 22.50 19.32 -0.67
CA TRP E 215 23.12 19.35 -1.98
C TRP E 215 23.72 18.01 -2.36
N THR E 216 24.27 17.25 -1.40
CA THR E 216 24.87 15.99 -1.80
C THR E 216 23.79 15.05 -2.30
N TYR E 217 22.62 15.08 -1.64
CA TYR E 217 21.54 14.18 -2.04
C TYR E 217 20.95 14.58 -3.38
N THR E 218 20.52 15.85 -3.52
CA THR E 218 19.98 16.30 -4.80
C THR E 218 20.97 16.02 -5.92
N PHE E 219 22.26 15.92 -5.60
CA PHE E 219 23.25 15.53 -6.61
C PHE E 219 22.99 14.10 -7.06
N ILE E 220 23.00 13.17 -6.10
CA ILE E 220 22.83 11.74 -6.34
C ILE E 220 21.36 11.41 -6.48
N ARG E 221 20.53 12.45 -6.74
CA ARG E 221 19.06 12.33 -6.83
C ARG E 221 18.63 11.03 -7.49
N PHE E 222 18.73 10.96 -8.82
CA PHE E 222 18.13 9.88 -9.57
C PHE E 222 19.03 8.65 -9.55
N GLU E 223 18.43 7.48 -9.80
CA GLU E 223 19.11 6.22 -9.59
C GLU E 223 20.43 6.12 -10.35
N PRO F 8 3.69 -30.26 2.66
CA PRO F 8 3.67 -29.21 1.62
C PRO F 8 4.88 -28.29 1.67
N HIS F 9 5.96 -28.84 1.09
CA HIS F 9 7.22 -28.15 0.82
C HIS F 9 7.98 -27.80 2.11
N LEU F 10 8.18 -28.82 2.96
CA LEU F 10 8.79 -28.64 4.28
C LEU F 10 10.31 -28.70 4.31
N LEU F 11 10.97 -29.09 3.22
CA LEU F 11 12.42 -29.04 3.24
C LEU F 11 12.88 -27.61 3.46
N LYS F 12 12.47 -26.70 2.56
CA LYS F 12 12.84 -25.31 2.72
C LYS F 12 12.28 -24.72 3.99
N LYS F 13 11.18 -25.29 4.49
CA LYS F 13 10.64 -24.80 5.75
C LYS F 13 11.53 -25.22 6.92
N VAL F 14 12.01 -26.47 6.94
CA VAL F 14 12.82 -26.87 8.09
C VAL F 14 14.25 -26.39 7.93
N VAL F 15 14.79 -26.29 6.71
CA VAL F 15 16.05 -25.59 6.56
C VAL F 15 15.92 -24.15 7.02
N SER F 16 14.83 -23.48 6.62
CA SER F 16 14.59 -22.14 7.15
C SER F 16 14.39 -22.18 8.65
N GLU F 17 13.86 -23.26 9.19
CA GLU F 17 13.64 -23.22 10.63
C GLU F 17 14.88 -23.57 11.44
N VAL F 18 15.75 -24.47 10.95
CA VAL F 18 16.97 -24.68 11.70
C VAL F 18 17.87 -23.47 11.53
N VAL F 19 18.04 -23.01 10.29
CA VAL F 19 18.96 -21.90 10.11
C VAL F 19 18.46 -20.70 10.86
N ALA F 20 17.14 -20.55 11.00
CA ALA F 20 16.61 -19.46 11.82
C ALA F 20 16.75 -19.78 13.31
N THR F 21 16.29 -20.96 13.73
CA THR F 21 16.34 -21.27 15.16
C THR F 21 17.79 -21.29 15.66
N PHE F 22 18.71 -21.71 14.80
CA PHE F 22 20.15 -21.62 15.10
C PHE F 22 20.54 -20.17 15.34
N LEU F 23 20.41 -19.32 14.31
CA LEU F 23 20.74 -17.91 14.46
C LEU F 23 19.98 -17.26 15.60
N LEU F 24 18.79 -17.75 15.95
CA LEU F 24 18.11 -17.22 17.13
C LEU F 24 18.99 -17.29 18.36
N VAL F 25 19.36 -18.52 18.77
CA VAL F 25 20.03 -18.78 20.06
C VAL F 25 21.49 -18.34 20.06
N PHE F 26 22.23 -18.60 18.96
CA PHE F 26 23.63 -18.20 18.84
C PHE F 26 23.79 -16.77 19.34
N MET F 27 22.85 -15.90 18.95
CA MET F 27 22.93 -14.50 19.30
C MET F 27 22.32 -14.25 20.69
N THR F 28 21.05 -14.68 20.87
CA THR F 28 20.29 -14.32 22.06
C THR F 28 20.93 -14.81 23.33
N CYS F 29 21.52 -16.02 23.29
CA CYS F 29 22.23 -16.61 24.42
C CYS F 29 23.71 -16.23 24.44
N GLY F 30 24.36 -16.29 23.27
CA GLY F 30 25.75 -15.94 23.09
C GLY F 30 26.04 -14.56 23.58
N ALA F 31 25.03 -13.71 23.57
CA ALA F 31 25.17 -12.42 24.24
C ALA F 31 24.61 -12.42 25.64
N ALA F 32 23.49 -13.10 25.90
CA ALA F 32 23.00 -13.13 27.27
C ALA F 32 23.99 -13.82 28.19
N GLY F 33 24.70 -14.82 27.67
CA GLY F 33 25.67 -15.57 28.44
C GLY F 33 26.90 -14.77 28.78
N ILE F 34 27.57 -14.25 27.77
CA ILE F 34 28.67 -13.33 28.02
C ILE F 34 28.24 -12.29 29.03
N SER F 35 27.02 -11.78 28.90
CA SER F 35 26.50 -10.82 29.87
C SER F 35 26.47 -11.44 31.26
N GLY F 36 26.10 -12.71 31.37
CA GLY F 36 26.13 -13.23 32.72
C GLY F 36 27.51 -13.44 33.34
N SER F 37 28.61 -13.13 32.63
CA SER F 37 29.95 -13.22 33.18
C SER F 37 30.67 -11.90 33.17
N ASP F 38 30.74 -11.22 32.02
CA ASP F 38 31.33 -9.88 31.94
C ASP F 38 30.24 -8.89 31.55
N LEU F 39 29.67 -8.26 32.57
CA LEU F 39 28.63 -7.26 32.39
C LEU F 39 29.23 -5.96 31.86
N SER F 40 30.56 -5.93 31.68
CA SER F 40 31.27 -4.84 31.03
C SER F 40 31.56 -5.07 29.55
N ARG F 41 31.51 -6.32 29.08
CA ARG F 41 31.73 -6.60 27.68
C ARG F 41 30.40 -6.58 26.94
N ILE F 42 29.34 -7.05 27.63
CA ILE F 42 27.96 -6.99 27.15
C ILE F 42 27.02 -6.68 28.32
N SER F 43 26.35 -5.53 28.22
CA SER F 43 25.31 -5.00 29.11
C SER F 43 24.15 -5.96 29.41
N GLN F 44 23.45 -5.72 30.52
CA GLN F 44 22.24 -6.50 30.77
C GLN F 44 21.07 -6.05 29.91
N LEU F 45 20.95 -4.74 29.73
CA LEU F 45 19.97 -4.22 28.78
C LEU F 45 20.38 -4.52 27.36
N GLY F 46 21.68 -4.68 27.15
CA GLY F 46 22.17 -4.97 25.83
C GLY F 46 21.87 -6.39 25.41
N GLN F 47 21.68 -7.29 26.39
CA GLN F 47 21.37 -8.66 26.05
C GLN F 47 19.87 -8.88 25.90
N SER F 48 19.03 -8.05 26.50
CA SER F 48 17.61 -8.11 26.16
C SER F 48 17.38 -7.55 24.77
N ILE F 49 17.87 -6.33 24.52
CA ILE F 49 17.80 -5.71 23.20
C ILE F 49 18.29 -6.69 22.13
N ALA F 50 19.49 -7.23 22.30
CA ALA F 50 19.96 -8.24 21.36
C ALA F 50 18.95 -9.38 21.26
N GLY F 51 18.45 -9.83 22.40
CA GLY F 51 17.52 -10.95 22.36
C GLY F 51 16.25 -10.65 21.61
N GLY F 52 15.90 -9.37 21.51
CA GLY F 52 14.66 -9.02 20.86
C GLY F 52 14.84 -8.78 19.39
N LEU F 53 15.90 -8.06 19.04
CA LEU F 53 16.21 -7.80 17.64
C LEU F 53 16.29 -9.08 16.85
N ILE F 54 16.92 -10.11 17.42
CA ILE F 54 17.12 -11.33 16.62
C ILE F 54 15.79 -11.99 16.28
N VAL F 55 14.84 -12.05 17.21
CA VAL F 55 13.52 -12.53 16.82
C VAL F 55 13.01 -11.72 15.63
N THR F 56 13.23 -10.41 15.65
CA THR F 56 12.66 -9.60 14.59
C THR F 56 13.31 -9.92 13.24
N VAL F 57 14.64 -9.93 13.16
CA VAL F 57 15.22 -10.10 11.83
C VAL F 57 14.98 -11.52 11.33
N MET F 58 14.83 -12.50 12.22
CA MET F 58 14.51 -13.83 11.73
C MET F 58 13.09 -13.88 11.18
N ILE F 59 12.18 -13.10 11.78
CA ILE F 59 10.82 -13.04 11.27
C ILE F 59 10.82 -12.44 9.86
N TYR F 60 11.61 -11.41 9.63
CA TYR F 60 11.73 -10.89 8.27
C TYR F 60 12.42 -11.87 7.32
N ALA F 61 13.31 -12.71 7.86
CA ALA F 61 14.10 -13.59 7.01
C ALA F 61 13.30 -14.81 6.59
N VAL F 62 12.81 -15.56 7.55
CA VAL F 62 12.14 -16.82 7.24
C VAL F 62 10.66 -16.75 7.51
N GLY F 63 10.15 -15.57 7.87
CA GLY F 63 8.75 -15.44 8.26
C GLY F 63 7.82 -15.80 7.14
N HIS F 64 8.20 -15.44 5.92
CA HIS F 64 7.42 -15.77 4.74
C HIS F 64 7.68 -17.17 4.21
N ILE F 65 8.71 -17.89 4.68
CA ILE F 65 8.98 -19.24 4.19
C ILE F 65 8.39 -20.25 5.16
N SER F 66 8.96 -20.37 6.36
CA SER F 66 8.46 -21.31 7.36
C SER F 66 7.37 -20.74 8.24
N GLY F 67 7.29 -19.42 8.36
CA GLY F 67 6.48 -18.80 9.39
C GLY F 67 7.29 -18.21 10.53
N ALA F 68 8.60 -18.48 10.57
CA ALA F 68 9.49 -18.03 11.64
C ALA F 68 8.86 -18.30 13.00
N HIS F 69 8.70 -19.60 13.30
CA HIS F 69 8.19 -20.04 14.60
C HIS F 69 9.24 -20.00 15.70
N MET F 70 10.32 -20.75 15.52
CA MET F 70 11.49 -20.77 16.42
C MET F 70 11.14 -21.14 17.87
N ASN F 71 9.94 -21.69 18.10
CA ASN F 71 9.31 -21.93 19.40
C ASN F 71 8.29 -23.07 19.30
N PRO F 72 8.58 -24.24 19.89
CA PRO F 72 7.61 -25.34 19.81
C PRO F 72 6.27 -25.02 20.44
N ALA F 73 6.23 -24.16 21.45
CA ALA F 73 4.92 -23.80 21.99
C ALA F 73 4.18 -22.83 21.06
N VAL F 74 4.87 -22.27 20.07
CA VAL F 74 4.19 -21.46 19.05
C VAL F 74 3.65 -22.35 17.95
N THR F 75 4.50 -23.17 17.34
CA THR F 75 4.01 -24.15 16.38
C THR F 75 2.84 -24.93 16.94
N LEU F 76 2.91 -25.25 18.23
CA LEU F 76 1.74 -25.82 18.89
C LEU F 76 0.57 -24.85 18.84
N ALA F 77 0.80 -23.60 19.25
CA ALA F 77 -0.31 -22.66 19.36
C ALA F 77 -1.00 -22.44 18.02
N PHE F 78 -0.25 -22.43 16.90
CA PHE F 78 -0.90 -22.31 15.60
C PHE F 78 -1.63 -23.56 15.16
N ALA F 79 -1.12 -24.75 15.52
CA ALA F 79 -1.80 -25.98 15.13
C ALA F 79 -3.15 -26.11 15.82
N VAL F 80 -3.25 -25.60 17.04
CA VAL F 80 -4.52 -25.62 17.75
C VAL F 80 -5.47 -24.56 17.23
N PHE F 81 -4.97 -23.38 16.97
CA PHE F 81 -5.93 -22.34 16.70
C PHE F 81 -5.93 -21.85 15.29
N ARG F 82 -4.82 -21.65 14.68
CA ARG F 82 -5.40 -21.01 13.50
C ARG F 82 -4.92 -21.87 12.43
N HIS F 83 -5.40 -23.10 12.47
CA HIS F 83 -5.17 -24.29 11.51
C HIS F 83 -3.72 -24.61 11.12
N PHE F 84 -2.83 -24.78 12.10
CA PHE F 84 -1.53 -25.16 11.47
C PHE F 84 -1.45 -26.68 11.25
N PRO F 85 -0.81 -27.17 10.11
CA PRO F 85 -0.70 -28.63 9.85
C PRO F 85 0.00 -29.46 10.93
N TRP F 86 -0.81 -30.23 11.65
CA TRP F 86 -0.41 -31.35 12.51
C TRP F 86 0.59 -32.33 11.93
N ILE F 87 0.68 -32.50 10.61
CA ILE F 87 1.72 -33.40 10.09
C ILE F 87 3.11 -32.77 10.11
N GLN F 88 3.23 -31.45 10.32
CA GLN F 88 4.50 -30.75 10.26
C GLN F 88 4.99 -30.28 11.62
N VAL F 89 4.10 -30.19 12.60
CA VAL F 89 4.49 -29.84 13.97
C VAL F 89 5.62 -30.75 14.46
N PRO F 90 5.71 -32.09 14.09
CA PRO F 90 6.95 -32.82 14.44
C PRO F 90 8.18 -32.34 13.68
N PHE F 91 8.04 -32.13 12.37
CA PHE F 91 9.19 -31.69 11.57
C PHE F 91 9.68 -30.32 11.98
N TYR F 92 8.80 -29.48 12.53
CA TYR F 92 9.27 -28.20 13.06
C TYR F 92 9.88 -28.37 14.44
N TRP F 93 9.17 -29.06 15.36
CA TRP F 93 9.76 -29.41 16.65
C TRP F 93 11.15 -29.99 16.47
N ALA F 94 11.29 -30.91 15.49
CA ALA F 94 12.61 -31.34 15.07
C ALA F 94 13.47 -30.15 14.62
N ALA F 95 12.96 -29.31 13.72
CA ALA F 95 13.78 -28.26 13.12
C ALA F 95 14.25 -27.27 14.18
N GLN F 96 13.41 -27.00 15.17
CA GLN F 96 13.74 -26.06 16.24
C GLN F 96 14.69 -26.68 17.27
N PHE F 97 14.31 -27.83 17.83
CA PHE F 97 15.17 -28.47 18.81
C PHE F 97 16.56 -28.76 18.24
N THR F 98 16.64 -29.08 16.94
CA THR F 98 17.94 -29.30 16.30
C THR F 98 18.73 -28.02 16.19
N GLY F 99 18.24 -27.07 15.38
CA GLY F 99 18.96 -25.81 15.19
C GLY F 99 19.25 -25.07 16.49
N ALA F 100 18.38 -25.25 17.49
CA ALA F 100 18.57 -24.58 18.78
C ALA F 100 19.71 -25.22 19.57
N ILE F 101 19.55 -26.52 19.89
CA ILE F 101 20.57 -27.26 20.62
C ILE F 101 21.90 -27.19 19.89
N CYS F 102 21.87 -27.31 18.55
CA CYS F 102 23.06 -27.21 17.72
C CYS F 102 23.79 -25.88 17.95
N ALA F 103 23.06 -24.78 18.06
CA ALA F 103 23.69 -23.46 18.15
C ALA F 103 24.46 -23.28 19.46
N SER F 104 23.78 -23.49 20.58
CA SER F 104 24.34 -23.22 21.91
C SER F 104 25.71 -23.87 22.12
N PHE F 105 25.95 -25.01 21.50
CA PHE F 105 27.27 -25.60 21.58
C PHE F 105 28.32 -24.82 20.80
N VAL F 106 27.98 -24.35 19.58
CA VAL F 106 28.99 -23.65 18.78
C VAL F 106 29.65 -22.56 19.60
N LEU F 107 28.93 -21.92 20.51
CA LEU F 107 29.54 -20.86 21.31
C LEU F 107 30.42 -21.42 22.43
N LYS F 108 30.09 -22.59 22.97
CA LYS F 108 30.89 -23.21 24.04
C LYS F 108 32.36 -23.13 23.66
N ALA F 109 32.66 -23.31 22.38
CA ALA F 109 34.03 -23.23 21.92
C ALA F 109 34.44 -21.82 21.53
N VAL F 110 33.51 -21.03 20.99
CA VAL F 110 33.83 -19.67 20.53
C VAL F 110 33.93 -18.72 21.71
N ILE F 111 33.39 -19.08 22.87
CA ILE F 111 33.55 -18.23 24.03
C ILE F 111 34.32 -18.92 25.16
N HIS F 112 35.59 -19.38 24.91
CA HIS F 112 36.20 -20.34 25.87
C HIS F 112 36.03 -20.06 27.35
N PRO F 113 36.52 -18.92 27.88
CA PRO F 113 36.58 -18.84 29.36
C PRO F 113 35.22 -18.92 30.00
N VAL F 114 34.18 -18.52 29.29
CA VAL F 114 32.82 -18.50 29.81
C VAL F 114 32.17 -19.82 29.38
N ASP F 115 31.58 -20.51 30.35
CA ASP F 115 31.05 -21.84 30.09
C ASP F 115 29.60 -22.07 30.45
N VAL F 116 28.92 -21.18 31.17
CA VAL F 116 27.46 -21.23 31.26
C VAL F 116 26.91 -20.45 30.08
N ILE F 117 26.48 -21.22 29.08
CA ILE F 117 26.22 -20.71 27.72
C ILE F 117 24.73 -20.33 27.70
N GLY F 118 24.43 -19.15 28.26
CA GLY F 118 23.04 -18.78 28.45
C GLY F 118 22.38 -19.72 29.45
N THR F 119 21.60 -19.14 30.35
CA THR F 119 20.91 -19.92 31.37
C THR F 119 19.51 -19.37 31.43
N THR F 120 18.54 -20.25 31.55
CA THR F 120 17.22 -19.73 31.79
C THR F 120 16.93 -20.48 33.08
N THR F 121 17.22 -19.83 34.19
CA THR F 121 17.16 -20.50 35.47
C THR F 121 16.27 -19.69 36.41
N PRO F 122 15.40 -20.36 37.16
CA PRO F 122 14.43 -19.64 37.98
C PRO F 122 15.16 -18.85 39.05
N VAL F 123 14.56 -17.74 39.44
CA VAL F 123 15.10 -16.91 40.52
C VAL F 123 14.12 -16.99 41.67
N GLY F 124 14.58 -17.62 42.76
CA GLY F 124 13.83 -17.83 43.97
C GLY F 124 12.85 -18.98 43.86
N PRO F 125 11.66 -18.79 44.41
CA PRO F 125 10.57 -19.75 44.20
C PRO F 125 10.31 -19.99 42.73
N HIS F 126 10.42 -21.25 42.33
CA HIS F 126 10.21 -21.63 40.94
C HIS F 126 8.83 -21.23 40.41
N TRP F 127 7.80 -21.22 41.28
CA TRP F 127 6.47 -20.82 40.85
C TRP F 127 6.41 -19.34 40.48
N HIS F 128 7.29 -18.51 41.02
CA HIS F 128 7.46 -17.18 40.46
C HIS F 128 7.77 -17.28 38.99
N SER F 129 8.77 -18.11 38.68
CA SER F 129 9.25 -18.21 37.32
C SER F 129 8.16 -18.71 36.37
N LEU F 130 7.45 -19.77 36.79
CA LEU F 130 6.43 -20.37 35.94
C LEU F 130 5.24 -19.42 35.69
N VAL F 131 4.81 -18.66 36.72
CA VAL F 131 3.74 -17.68 36.49
C VAL F 131 4.21 -16.56 35.57
N VAL F 132 5.45 -16.08 35.75
CA VAL F 132 5.99 -15.09 34.82
C VAL F 132 6.03 -15.68 33.43
N GLU F 133 6.59 -16.87 33.32
CA GLU F 133 6.75 -17.54 32.05
C GLU F 133 5.42 -17.93 31.38
N VAL F 134 4.25 -17.66 31.99
CA VAL F 134 2.99 -17.76 31.25
C VAL F 134 2.40 -16.39 30.93
N ILE F 135 2.44 -15.43 31.85
CA ILE F 135 1.83 -14.16 31.49
C ILE F 135 2.62 -13.51 30.34
N VAL F 136 3.97 -13.59 30.40
CA VAL F 136 4.75 -13.04 29.30
C VAL F 136 4.62 -13.91 28.05
N THR F 137 4.47 -15.23 28.20
CA THR F 137 4.26 -16.03 27.00
C THR F 137 2.87 -15.78 26.43
N PHE F 138 1.87 -15.68 27.31
CA PHE F 138 0.56 -15.19 26.91
C PHE F 138 0.69 -13.87 26.15
N ASN F 139 1.52 -12.94 26.64
CA ASN F 139 1.79 -11.70 25.92
C ASN F 139 2.25 -11.97 24.50
N MET F 140 3.25 -12.84 24.35
CA MET F 140 3.76 -13.14 23.03
C MET F 140 2.66 -13.61 22.14
N MET F 141 2.06 -14.78 22.47
CA MET F 141 1.13 -15.42 21.53
C MET F 141 -0.12 -14.59 21.28
N PHE F 142 -0.64 -13.93 22.28
CA PHE F 142 -1.73 -12.99 22.04
C PHE F 142 -1.35 -12.01 20.91
N VAL F 143 -0.17 -11.40 20.99
CA VAL F 143 0.14 -10.42 19.95
C VAL F 143 0.65 -11.12 18.71
N THR F 144 1.42 -12.21 18.85
CA THR F 144 1.78 -13.00 17.68
C THR F 144 0.54 -13.37 16.89
N LEU F 145 -0.57 -13.53 17.56
CA LEU F 145 -1.71 -14.00 16.83
C LEU F 145 -2.41 -12.81 16.17
N ALA F 146 -2.37 -11.65 16.82
CA ALA F 146 -2.98 -10.45 16.26
C ALA F 146 -2.27 -9.90 15.02
N VAL F 147 -1.04 -10.32 14.73
CA VAL F 147 -0.35 -9.81 13.56
C VAL F 147 -0.02 -10.93 12.57
N ALA F 148 -0.28 -12.18 12.93
CA ALA F 148 -0.02 -13.27 12.02
C ALA F 148 -1.05 -13.24 10.92
N THR F 149 -0.60 -13.53 9.72
CA THR F 149 -1.53 -13.54 8.60
C THR F 149 -1.89 -14.93 8.20
N ASP F 150 -0.88 -15.85 8.25
CA ASP F 150 -0.93 -17.28 7.88
C ASP F 150 -0.04 -17.56 6.68
N THR F 151 1.21 -17.05 6.77
CA THR F 151 2.35 -17.56 6.01
C THR F 151 3.68 -17.54 6.80
N ARG F 152 3.72 -17.39 8.14
CA ARG F 152 2.68 -17.52 9.19
C ARG F 152 2.62 -16.19 9.95
N ALA F 153 3.74 -15.76 10.52
CA ALA F 153 3.86 -14.41 11.07
C ALA F 153 4.72 -13.60 10.11
N VAL F 154 4.08 -12.92 9.19
CA VAL F 154 4.76 -12.31 8.06
C VAL F 154 4.63 -10.81 8.21
N GLY F 155 5.65 -10.12 7.76
CA GLY F 155 5.34 -8.73 7.50
C GLY F 155 6.07 -7.81 8.43
N GLU F 156 6.13 -6.55 8.02
CA GLU F 156 6.89 -5.58 8.77
C GLU F 156 6.37 -5.44 10.20
N LEU F 157 5.04 -5.35 10.40
CA LEU F 157 4.65 -5.18 11.80
C LEU F 157 4.68 -6.52 12.53
N ALA F 158 4.66 -7.65 11.83
CA ALA F 158 4.78 -8.91 12.54
C ALA F 158 6.11 -8.98 13.23
N GLY F 159 7.17 -8.60 12.52
CA GLY F 159 8.48 -8.55 13.14
C GLY F 159 8.61 -7.54 14.28
N LEU F 160 8.05 -6.34 14.10
CA LEU F 160 8.08 -5.38 15.19
C LEU F 160 7.31 -5.85 16.39
N ALA F 161 6.10 -6.38 16.19
CA ALA F 161 5.27 -6.76 17.32
C ALA F 161 5.94 -7.84 18.17
N VAL F 162 6.34 -8.94 17.53
CA VAL F 162 6.80 -10.11 18.27
C VAL F 162 8.10 -9.80 19.02
N GLY F 163 9.07 -9.22 18.31
CA GLY F 163 10.33 -8.82 18.94
C GLY F 163 10.12 -7.89 20.11
N SER F 164 9.19 -6.96 19.98
CA SER F 164 8.84 -6.14 21.12
C SER F 164 8.38 -7.00 22.27
N ALA F 165 7.43 -7.92 22.01
CA ALA F 165 6.97 -8.77 23.10
C ALA F 165 8.16 -9.47 23.74
N VAL F 166 8.99 -10.11 22.92
CA VAL F 166 10.24 -10.77 23.35
C VAL F 166 11.15 -9.82 24.12
N CYS F 167 11.23 -8.57 23.70
CA CYS F 167 12.04 -7.63 24.44
C CYS F 167 11.49 -7.42 25.84
N ILE F 168 10.19 -7.29 26.00
CA ILE F 168 9.70 -7.16 27.37
C ILE F 168 10.10 -8.37 28.20
N THR F 169 9.99 -9.57 27.61
CA THR F 169 10.27 -10.79 28.35
C THR F 169 11.72 -10.85 28.82
N SER F 170 12.67 -10.49 27.95
CA SER F 170 14.07 -10.54 28.37
C SER F 170 14.33 -9.60 29.52
N ILE F 171 13.78 -8.38 29.44
CA ILE F 171 14.02 -7.40 30.49
C ILE F 171 13.39 -7.87 31.80
N PHE F 172 12.11 -8.18 31.76
CA PHE F 172 11.33 -8.48 32.95
C PHE F 172 11.39 -9.96 33.34
N ALA F 173 11.01 -10.87 32.43
CA ALA F 173 11.17 -12.28 32.76
C ALA F 173 12.64 -12.69 32.88
N GLY F 174 13.57 -11.88 32.40
CA GLY F 174 14.98 -12.13 32.68
C GLY F 174 15.36 -11.91 34.13
N ALA F 175 14.67 -10.99 34.81
CA ALA F 175 14.92 -10.78 36.23
C ALA F 175 14.34 -11.90 37.08
N ILE F 176 13.31 -12.60 36.59
CA ILE F 176 12.64 -13.69 37.32
C ILE F 176 12.92 -15.06 36.70
N SER F 177 12.48 -15.27 35.47
CA SER F 177 12.60 -16.57 34.83
C SER F 177 13.88 -16.74 34.01
N GLY F 178 14.59 -15.64 33.70
CA GLY F 178 15.54 -15.63 32.61
C GLY F 178 14.94 -15.29 31.27
N GLY F 179 13.62 -15.37 31.13
CA GLY F 179 13.01 -14.94 29.90
C GLY F 179 13.33 -15.83 28.72
N SER F 180 12.60 -16.94 28.64
CA SER F 180 12.75 -17.90 27.55
C SER F 180 11.47 -17.91 26.73
N MET F 181 10.37 -18.42 27.28
CA MET F 181 9.09 -18.56 26.61
C MET F 181 9.19 -19.59 25.49
N ASN F 182 10.31 -20.29 25.39
CA ASN F 182 10.60 -21.12 24.22
C ASN F 182 11.33 -22.39 24.66
N PRO F 183 10.61 -23.53 24.70
CA PRO F 183 11.25 -24.79 25.15
C PRO F 183 12.49 -25.16 24.35
N ALA F 184 12.51 -24.88 23.04
CA ALA F 184 13.73 -25.18 22.28
C ALA F 184 14.87 -24.29 22.73
N ARG F 185 14.55 -23.07 23.14
CA ARG F 185 15.59 -22.17 23.60
C ARG F 185 16.03 -22.48 25.03
N THR F 186 15.19 -23.11 25.84
CA THR F 186 15.71 -23.47 27.17
C THR F 186 16.63 -24.69 27.11
N LEU F 187 16.22 -25.76 26.41
CA LEU F 187 17.07 -26.95 26.37
C LEU F 187 18.43 -26.66 25.77
N GLY F 188 18.47 -25.93 24.65
CA GLY F 188 19.72 -25.67 23.97
C GLY F 188 20.79 -25.22 24.93
N PRO F 189 20.55 -24.11 25.62
CA PRO F 189 21.46 -23.70 26.72
C PRO F 189 21.55 -24.66 27.90
N ALA F 190 20.41 -25.13 28.44
CA ALA F 190 20.47 -26.00 29.61
C ALA F 190 21.33 -27.23 29.37
N LEU F 191 21.36 -27.71 28.11
CA LEU F 191 22.14 -28.87 27.69
C LEU F 191 23.60 -28.52 27.42
N ALA F 192 23.89 -27.27 26.98
CA ALA F 192 25.26 -26.88 26.65
C ALA F 192 26.12 -26.56 27.87
N SER F 193 25.53 -26.13 28.99
CA SER F 193 26.27 -25.89 30.22
C SER F 193 25.84 -26.82 31.35
N ASN F 194 25.13 -27.90 31.01
CA ASN F 194 24.75 -28.97 31.94
C ASN F 194 24.07 -28.46 33.20
N LYS F 195 23.33 -27.35 33.09
CA LYS F 195 22.55 -26.82 34.20
C LYS F 195 21.10 -27.02 33.82
N PHE F 196 20.37 -27.80 34.62
CA PHE F 196 19.01 -28.21 34.26
C PHE F 196 18.02 -27.90 35.37
N ASP F 197 18.30 -26.85 36.13
CA ASP F 197 17.51 -26.50 37.29
C ASP F 197 16.16 -25.95 36.82
N GLY F 198 15.06 -26.62 37.16
CA GLY F 198 13.75 -26.17 36.75
C GLY F 198 13.37 -26.33 35.29
N LEU F 199 13.98 -27.27 34.56
CA LEU F 199 13.76 -27.41 33.12
C LEU F 199 12.27 -27.53 32.77
N TRP F 200 11.42 -27.93 33.71
CA TRP F 200 10.00 -28.09 33.40
C TRP F 200 9.23 -26.79 33.24
N ILE F 201 9.62 -25.68 33.90
CA ILE F 201 8.78 -24.49 33.74
C ILE F 201 8.90 -23.97 32.31
N TYR F 202 10.04 -24.22 31.68
CA TYR F 202 10.30 -23.83 30.31
C TYR F 202 9.77 -24.85 29.30
N PHE F 203 8.97 -25.81 29.77
CA PHE F 203 8.21 -26.71 28.92
C PHE F 203 6.73 -26.62 29.16
N LEU F 204 6.31 -26.34 30.39
CA LEU F 204 4.92 -26.11 30.65
C LEU F 204 4.55 -24.65 30.69
N GLY F 205 5.49 -23.76 31.03
CA GLY F 205 5.25 -22.33 30.95
C GLY F 205 4.86 -21.88 29.56
N PRO F 206 5.74 -22.19 28.56
CA PRO F 206 5.41 -21.95 27.15
C PRO F 206 4.13 -22.62 26.67
N VAL F 207 4.09 -23.96 26.72
CA VAL F 207 3.00 -24.72 26.12
C VAL F 207 1.65 -24.27 26.68
N MET F 208 1.61 -23.95 27.95
CA MET F 208 0.40 -23.47 28.59
C MET F 208 0.17 -21.97 28.32
N GLY F 209 1.23 -21.21 28.09
CA GLY F 209 1.14 -19.78 27.80
C GLY F 209 0.75 -19.42 26.37
N THR F 210 1.33 -20.14 25.40
CA THR F 210 0.99 -19.89 24.00
C THR F 210 -0.44 -20.32 23.71
N LEU F 211 -0.82 -21.52 24.15
CA LEU F 211 -2.18 -21.98 23.89
C LEU F 211 -3.18 -21.09 24.60
N SER F 212 -2.85 -20.64 25.81
CA SER F 212 -3.78 -19.75 26.51
C SER F 212 -3.92 -18.41 25.76
N GLY F 213 -2.80 -17.78 25.42
CA GLY F 213 -2.85 -16.50 24.73
C GLY F 213 -3.47 -16.57 23.34
N ALA F 214 -3.24 -17.68 22.64
CA ALA F 214 -3.84 -17.84 21.33
C ALA F 214 -5.36 -17.87 21.45
N TRP F 215 -5.87 -18.69 22.38
CA TRP F 215 -7.31 -18.77 22.62
C TRP F 215 -7.88 -17.40 22.99
N THR F 216 -7.12 -16.60 23.72
CA THR F 216 -7.68 -15.34 24.17
C THR F 216 -7.86 -14.43 22.97
N TYR F 217 -6.94 -14.52 22.01
CA TYR F 217 -7.10 -13.72 20.80
C TYR F 217 -8.24 -14.26 19.96
N THR F 218 -8.23 -15.57 19.67
CA THR F 218 -9.33 -16.16 18.91
C THR F 218 -10.65 -15.81 19.55
N PHE F 219 -10.66 -15.55 20.84
CA PHE F 219 -11.90 -15.13 21.46
C PHE F 219 -12.33 -13.78 20.92
N ILE F 220 -11.44 -12.80 20.98
CA ILE F 220 -11.78 -11.41 20.70
C ILE F 220 -11.82 -11.03 19.22
N ARG F 221 -11.73 -12.01 18.31
CA ARG F 221 -11.71 -11.73 16.87
C ARG F 221 -12.89 -10.86 16.45
N PHE F 222 -12.65 -10.01 15.43
CA PHE F 222 -13.59 -9.03 14.89
C PHE F 222 -13.86 -7.87 15.86
N GLU F 223 -14.34 -6.72 15.36
CA GLU F 223 -14.46 -5.49 16.17
C GLU F 223 -15.51 -5.65 17.26
N PRO G 8 26.18 1.72 -16.22
CA PRO G 8 24.82 2.24 -16.07
C PRO G 8 24.58 3.21 -14.89
N HIS G 9 24.99 4.47 -15.09
CA HIS G 9 24.68 5.60 -14.20
C HIS G 9 25.31 5.44 -12.81
N LEU G 10 26.64 5.19 -12.79
CA LEU G 10 27.44 4.92 -11.58
C LEU G 10 28.10 6.14 -10.94
N LEU G 11 28.11 7.32 -11.55
CA LEU G 11 28.61 8.47 -10.81
C LEU G 11 27.81 8.64 -9.53
N LYS G 12 26.49 8.73 -9.68
CA LYS G 12 25.62 8.88 -8.53
C LYS G 12 25.69 7.68 -7.61
N LYS G 13 25.99 6.50 -8.15
CA LYS G 13 26.04 5.31 -7.30
C LYS G 13 27.26 5.31 -6.39
N VAL G 14 28.44 5.66 -6.91
CA VAL G 14 29.65 5.62 -6.08
C VAL G 14 29.81 6.90 -5.26
N VAL G 15 29.35 8.05 -5.76
CA VAL G 15 29.28 9.20 -4.88
C VAL G 15 28.41 8.84 -3.67
N SER G 16 27.29 8.16 -3.92
CA SER G 16 26.48 7.67 -2.81
C SER G 16 27.24 6.67 -1.97
N GLU G 17 28.12 5.88 -2.58
CA GLU G 17 28.75 4.83 -1.77
C GLU G 17 29.92 5.34 -0.94
N VAL G 18 30.62 6.39 -1.36
CA VAL G 18 31.57 6.98 -0.43
C VAL G 18 30.81 7.75 0.63
N VAL G 19 29.89 8.63 0.22
CA VAL G 19 29.26 9.52 1.20
C VAL G 19 28.51 8.68 2.22
N ALA G 20 28.01 7.52 1.80
CA ALA G 20 27.35 6.61 2.73
C ALA G 20 28.36 5.91 3.63
N THR G 21 29.40 5.31 3.04
CA THR G 21 30.38 4.62 3.89
C THR G 21 31.14 5.62 4.77
N PHE G 22 31.36 6.86 4.28
CA PHE G 22 31.94 7.89 5.14
C PHE G 22 31.07 8.12 6.35
N LEU G 23 29.81 8.54 6.15
CA LEU G 23 28.93 8.72 7.30
C LEU G 23 28.81 7.47 8.15
N LEU G 24 28.89 6.28 7.53
CA LEU G 24 28.89 5.04 8.28
C LEU G 24 30.07 4.94 9.24
N VAL G 25 31.29 4.92 8.73
CA VAL G 25 32.44 4.66 9.59
C VAL G 25 32.54 5.73 10.65
N PHE G 26 32.41 6.98 10.21
CA PHE G 26 32.52 8.14 11.08
C PHE G 26 31.72 8.00 12.38
N MET G 27 30.47 7.53 12.28
CA MET G 27 29.65 7.50 13.51
C MET G 27 29.81 6.23 14.31
N THR G 28 29.76 5.06 13.67
CA THR G 28 29.99 3.84 14.44
C THR G 28 31.38 3.78 15.07
N CYS G 29 32.40 4.31 14.38
CA CYS G 29 33.73 4.27 14.99
C CYS G 29 33.94 5.44 15.95
N GLY G 30 33.56 6.64 15.54
CA GLY G 30 33.60 7.74 16.47
C GLY G 30 32.84 7.50 17.73
N ALA G 31 31.84 6.61 17.71
CA ALA G 31 31.22 6.31 18.99
C ALA G 31 31.90 5.13 19.66
N ALA G 32 32.32 4.12 18.88
CA ALA G 32 33.03 2.99 19.46
C ALA G 32 34.40 3.39 19.99
N GLY G 33 35.08 4.34 19.35
CA GLY G 33 36.40 4.77 19.81
C GLY G 33 36.31 5.59 21.08
N ILE G 34 35.50 6.65 21.05
CA ILE G 34 35.20 7.39 22.27
C ILE G 34 34.69 6.48 23.37
N SER G 35 33.68 5.64 23.09
CA SER G 35 33.13 4.82 24.17
C SER G 35 34.18 3.88 24.73
N GLY G 36 34.98 3.26 23.88
CA GLY G 36 36.01 2.37 24.37
C GLY G 36 37.12 3.13 25.07
N SER G 37 36.92 4.44 25.23
CA SER G 37 37.90 5.29 25.87
C SER G 37 37.39 5.89 27.17
N ASP G 38 36.29 6.63 27.16
CA ASP G 38 35.62 7.03 28.39
C ASP G 38 34.21 6.50 28.25
N LEU G 39 34.00 5.38 28.87
CA LEU G 39 32.75 4.69 28.85
C LEU G 39 31.69 5.41 29.67
N SER G 40 32.08 6.50 30.33
CA SER G 40 31.16 7.43 30.98
C SER G 40 30.74 8.53 30.03
N ARG G 41 31.45 8.65 28.92
CA ARG G 41 31.14 9.69 27.98
C ARG G 41 30.23 9.20 26.84
N ILE G 42 30.37 7.93 26.41
CA ILE G 42 29.41 7.23 25.54
C ILE G 42 29.30 5.79 26.03
N SER G 43 28.09 5.37 26.42
CA SER G 43 27.81 4.00 26.81
C SER G 43 28.35 2.98 25.81
N GLN G 44 28.62 1.77 26.30
CA GLN G 44 29.02 0.73 25.36
C GLN G 44 27.81 0.32 24.55
N LEU G 45 26.67 0.25 25.23
CA LEU G 45 25.39 0.06 24.55
C LEU G 45 25.02 1.26 23.70
N GLY G 46 25.53 2.44 24.03
CA GLY G 46 25.25 3.57 23.16
C GLY G 46 26.03 3.48 21.89
N GLN G 47 27.21 2.85 21.92
CA GLN G 47 28.00 2.77 20.71
C GLN G 47 27.64 1.56 19.85
N SER G 48 26.95 0.59 20.42
CA SER G 48 26.34 -0.45 19.58
C SER G 48 25.10 0.08 18.86
N ILE G 49 24.14 0.61 19.62
CA ILE G 49 22.97 1.27 19.05
C ILE G 49 23.37 2.25 17.97
N ALA G 50 24.29 3.16 18.29
CA ALA G 50 24.77 4.12 17.30
C ALA G 50 25.20 3.40 16.02
N GLY G 51 25.96 2.33 16.17
CA GLY G 51 26.45 1.64 15.01
C GLY G 51 25.34 1.02 14.20
N GLY G 52 24.19 0.78 14.81
CA GLY G 52 23.10 0.13 14.12
C GLY G 52 22.16 1.09 13.45
N LEU G 53 21.86 2.18 14.14
CA LEU G 53 21.06 3.24 13.54
C LEU G 53 21.73 3.83 12.31
N ILE G 54 23.05 4.08 12.35
CA ILE G 54 23.65 4.74 11.20
C ILE G 54 23.52 3.88 9.95
N VAL G 55 23.68 2.57 10.11
CA VAL G 55 23.39 1.64 9.01
C VAL G 55 21.96 1.82 8.50
N THR G 56 21.00 2.00 9.39
CA THR G 56 19.61 2.12 8.92
C THR G 56 19.38 3.41 8.16
N VAL G 57 19.79 4.56 8.70
CA VAL G 57 19.39 5.78 8.03
C VAL G 57 20.13 5.89 6.70
N MET G 58 21.30 5.30 6.63
CA MET G 58 22.01 5.32 5.35
C MET G 58 21.28 4.44 4.34
N ILE G 59 20.62 3.37 4.78
CA ILE G 59 19.80 2.59 3.87
C ILE G 59 18.62 3.41 3.36
N TYR G 60 18.01 4.22 4.23
CA TYR G 60 16.92 5.10 3.81
C TYR G 60 17.39 6.20 2.88
N ALA G 61 18.62 6.67 3.07
CA ALA G 61 19.09 7.80 2.30
C ALA G 61 19.47 7.37 0.90
N VAL G 62 20.36 6.38 0.79
CA VAL G 62 20.94 6.02 -0.49
C VAL G 62 20.50 4.64 -0.97
N GLY G 63 19.59 3.98 -0.28
CA GLY G 63 19.27 2.61 -0.67
C GLY G 63 18.68 2.49 -2.07
N HIS G 64 17.84 3.44 -2.45
CA HIS G 64 17.20 3.37 -3.75
C HIS G 64 18.13 3.80 -4.87
N ILE G 65 19.30 4.34 -4.52
CA ILE G 65 20.23 4.83 -5.52
C ILE G 65 21.29 3.78 -5.81
N SER G 66 22.24 3.61 -4.88
CA SER G 66 23.32 2.66 -5.06
C SER G 66 22.95 1.27 -4.61
N GLY G 67 22.02 1.17 -3.69
CA GLY G 67 21.79 -0.06 -2.97
C GLY G 67 22.28 -0.02 -1.56
N ALA G 68 23.00 1.03 -1.19
CA ALA G 68 23.55 1.20 0.13
C ALA G 68 24.27 -0.09 0.59
N HIS G 69 25.35 -0.40 -0.11
CA HIS G 69 26.13 -1.57 0.29
C HIS G 69 27.03 -1.26 1.48
N MET G 70 27.95 -0.30 1.33
CA MET G 70 28.84 0.15 2.39
C MET G 70 29.73 -0.96 2.95
N ASN G 71 29.90 -2.04 2.19
CA ASN G 71 30.52 -3.28 2.62
C ASN G 71 31.04 -4.00 1.39
N PRO G 72 32.36 -4.12 1.23
CA PRO G 72 32.89 -4.90 0.10
C PRO G 72 32.52 -6.37 0.14
N ALA G 73 32.30 -6.96 1.32
CA ALA G 73 31.89 -8.36 1.38
C ALA G 73 30.44 -8.56 1.01
N VAL G 74 29.66 -7.48 0.92
CA VAL G 74 28.28 -7.52 0.45
C VAL G 74 28.15 -7.29 -1.04
N THR G 75 28.67 -6.15 -1.54
CA THR G 75 28.69 -5.91 -3.00
C THR G 75 29.19 -7.15 -3.73
N LEU G 76 30.14 -7.88 -3.12
CA LEU G 76 30.50 -9.19 -3.65
C LEU G 76 29.30 -10.13 -3.62
N ALA G 77 28.64 -10.26 -2.46
CA ALA G 77 27.57 -11.25 -2.31
C ALA G 77 26.38 -10.98 -3.25
N PHE G 78 26.08 -9.71 -3.56
CA PHE G 78 25.04 -9.42 -4.54
C PHE G 78 25.45 -9.80 -5.95
N ALA G 79 26.72 -9.61 -6.30
CA ALA G 79 27.20 -9.98 -7.63
C ALA G 79 27.27 -11.50 -7.80
N VAL G 80 27.57 -12.22 -6.74
CA VAL G 80 27.64 -13.67 -6.78
C VAL G 80 26.23 -14.27 -6.84
N PHE G 81 25.29 -13.74 -6.08
CA PHE G 81 24.00 -14.40 -5.89
C PHE G 81 22.83 -13.69 -6.57
N ARG G 82 22.75 -12.35 -6.52
CA ARG G 82 21.59 -11.67 -7.12
C ARG G 82 21.98 -10.76 -8.29
N HIS G 83 22.57 -11.30 -9.35
CA HIS G 83 22.86 -10.60 -10.62
C HIS G 83 23.36 -9.16 -10.46
N PHE G 84 24.31 -8.97 -9.54
CA PHE G 84 24.76 -7.58 -9.51
C PHE G 84 25.89 -7.41 -10.53
N PRO G 85 25.94 -6.27 -11.27
CA PRO G 85 26.98 -6.12 -12.32
C PRO G 85 28.42 -6.26 -11.81
N TRP G 86 29.04 -7.40 -12.11
CA TRP G 86 30.49 -7.57 -11.96
C TRP G 86 31.36 -6.46 -12.55
N ILE G 87 30.91 -5.72 -13.57
CA ILE G 87 31.78 -4.63 -14.05
C ILE G 87 31.76 -3.39 -13.15
N GLN G 88 30.92 -3.35 -12.12
CA GLN G 88 30.80 -2.19 -11.23
C GLN G 88 31.30 -2.45 -9.81
N VAL G 89 31.44 -3.70 -9.42
CA VAL G 89 31.87 -4.03 -8.05
C VAL G 89 33.17 -3.37 -7.61
N PRO G 90 34.22 -3.22 -8.45
CA PRO G 90 35.40 -2.48 -7.95
C PRO G 90 35.08 -1.02 -7.66
N PHE G 91 34.30 -0.39 -8.54
CA PHE G 91 33.95 1.01 -8.35
C PHE G 91 33.23 1.21 -7.02
N TYR G 92 32.51 0.19 -6.55
CA TYR G 92 32.04 0.25 -5.16
C TYR G 92 33.16 -0.05 -4.17
N TRP G 93 33.90 -1.13 -4.37
CA TRP G 93 35.03 -1.42 -3.50
C TRP G 93 35.92 -0.20 -3.29
N ALA G 94 36.22 0.52 -4.37
CA ALA G 94 36.90 1.80 -4.23
C ALA G 94 36.11 2.71 -3.31
N ALA G 95 34.81 2.85 -3.60
CA ALA G 95 33.95 3.80 -2.90
C ALA G 95 33.81 3.44 -1.41
N GLN G 96 33.84 2.16 -1.10
CA GLN G 96 33.74 1.72 0.29
C GLN G 96 35.03 1.99 1.03
N PHE G 97 36.13 1.45 0.49
CA PHE G 97 37.44 1.59 1.10
C PHE G 97 37.89 3.05 1.20
N THR G 98 37.50 3.87 0.24
CA THR G 98 37.86 5.29 0.29
C THR G 98 37.07 6.02 1.38
N GLY G 99 35.73 6.09 1.23
CA GLY G 99 34.92 6.83 2.18
C GLY G 99 35.12 6.38 3.60
N ALA G 100 35.44 5.10 3.80
CA ALA G 100 35.68 4.57 5.14
C ALA G 100 37.02 5.05 5.67
N ILE G 101 38.09 4.68 4.98
CA ILE G 101 39.44 5.08 5.36
C ILE G 101 39.53 6.60 5.44
N CYS G 102 38.86 7.30 4.52
CA CYS G 102 38.79 8.75 4.59
C CYS G 102 38.19 9.23 5.92
N ALA G 103 37.12 8.59 6.38
CA ALA G 103 36.45 9.05 7.60
C ALA G 103 37.33 8.80 8.82
N SER G 104 37.76 7.55 9.00
CA SER G 104 38.54 7.17 10.17
C SER G 104 39.73 8.12 10.36
N PHE G 105 40.32 8.57 9.25
CA PHE G 105 41.31 9.63 9.37
C PHE G 105 40.64 10.92 9.79
N VAL G 106 39.46 11.22 9.24
CA VAL G 106 38.75 12.41 9.69
C VAL G 106 38.56 12.35 11.20
N LEU G 107 38.33 11.16 11.76
CA LEU G 107 38.13 11.19 13.21
C LEU G 107 39.44 11.27 13.96
N LYS G 108 40.49 10.65 13.42
CA LYS G 108 41.79 10.69 14.09
C LYS G 108 42.05 12.11 14.58
N ALA G 109 41.63 13.09 13.77
CA ALA G 109 41.82 14.49 14.07
C ALA G 109 40.69 15.13 14.88
N VAL G 110 39.44 14.71 14.68
CA VAL G 110 38.33 15.34 15.37
C VAL G 110 38.18 14.83 16.80
N ILE G 111 38.74 13.65 17.10
CA ILE G 111 38.65 13.12 18.44
C ILE G 111 40.05 13.16 19.06
N HIS G 112 40.53 14.39 19.27
CA HIS G 112 41.94 14.72 19.52
C HIS G 112 42.64 13.76 20.47
N PRO G 113 42.24 13.68 21.74
CA PRO G 113 43.07 12.92 22.67
C PRO G 113 43.06 11.43 22.39
N VAL G 114 41.97 10.92 21.82
CA VAL G 114 41.76 9.48 21.61
C VAL G 114 42.20 9.06 20.22
N ASP G 115 43.03 8.02 20.17
CA ASP G 115 43.67 7.55 18.96
C ASP G 115 43.50 6.05 18.67
N VAL G 116 42.80 5.30 19.51
CA VAL G 116 42.26 3.99 19.12
C VAL G 116 40.88 4.30 18.54
N ILE G 117 40.81 4.35 17.21
CA ILE G 117 39.64 4.89 16.54
C ILE G 117 38.71 3.72 16.30
N GLY G 118 38.11 3.16 17.36
CA GLY G 118 37.17 2.06 17.21
C GLY G 118 37.66 0.88 16.37
N THR G 119 38.79 0.29 16.77
CA THR G 119 39.41 -0.82 16.07
C THR G 119 38.68 -2.14 16.31
N THR G 120 38.41 -2.89 15.24
CA THR G 120 37.98 -4.28 15.40
C THR G 120 39.20 -5.17 15.47
N THR G 121 39.52 -5.56 16.69
CA THR G 121 40.62 -6.43 17.05
C THR G 121 40.10 -7.56 17.93
N PRO G 122 40.60 -8.79 17.76
CA PRO G 122 40.08 -9.94 18.51
C PRO G 122 40.22 -9.79 20.02
N VAL G 123 39.50 -10.61 20.74
CA VAL G 123 39.63 -10.59 22.20
C VAL G 123 40.44 -11.81 22.65
N GLY G 124 39.82 -12.98 22.65
CA GLY G 124 40.52 -14.16 23.11
C GLY G 124 41.31 -14.85 22.02
N PRO G 125 41.24 -16.19 22.00
CA PRO G 125 41.78 -16.95 20.86
C PRO G 125 41.22 -16.41 19.55
N HIS G 126 42.11 -16.05 18.62
CA HIS G 126 41.71 -15.37 17.40
C HIS G 126 40.62 -16.10 16.63
N TRP G 127 40.62 -17.45 16.70
CA TRP G 127 39.60 -18.20 16.00
C TRP G 127 38.21 -17.96 16.60
N HIS G 128 38.14 -17.59 17.88
CA HIS G 128 36.87 -17.15 18.46
C HIS G 128 36.22 -16.13 17.56
N SER G 129 36.99 -15.12 17.18
CA SER G 129 36.46 -14.06 16.35
C SER G 129 36.05 -14.58 14.97
N LEU G 130 36.89 -15.42 14.35
CA LEU G 130 36.62 -15.88 12.98
C LEU G 130 35.32 -16.66 12.90
N VAL G 131 35.04 -17.51 13.88
CA VAL G 131 33.76 -18.22 13.87
C VAL G 131 32.61 -17.24 14.04
N VAL G 132 32.76 -16.25 14.92
CA VAL G 132 31.71 -15.24 15.06
C VAL G 132 31.61 -14.36 13.82
N GLU G 133 32.73 -13.83 13.31
CA GLU G 133 32.61 -12.97 12.12
C GLU G 133 32.13 -13.69 10.86
N VAL G 134 31.92 -15.01 10.89
CA VAL G 134 31.23 -15.69 9.80
C VAL G 134 29.79 -16.01 10.18
N ILE G 135 29.54 -16.39 11.43
CA ILE G 135 28.16 -16.68 11.78
C ILE G 135 27.31 -15.41 11.94
N VAL G 136 27.82 -14.34 12.57
CA VAL G 136 27.01 -13.11 12.66
C VAL G 136 26.92 -12.44 11.30
N THR G 137 27.94 -12.59 10.45
CA THR G 137 27.83 -12.04 9.11
C THR G 137 26.87 -12.87 8.27
N PHE G 138 26.93 -14.20 8.40
CA PHE G 138 25.90 -15.07 7.84
C PHE G 138 24.52 -14.54 8.19
N ASN G 139 24.29 -14.25 9.47
CA ASN G 139 23.02 -13.65 9.86
C ASN G 139 22.71 -12.39 9.08
N MET G 140 23.64 -11.43 9.11
CA MET G 140 23.39 -10.15 8.47
C MET G 140 23.12 -10.34 6.98
N MET G 141 23.98 -11.06 6.27
CA MET G 141 23.69 -11.28 4.85
C MET G 141 22.42 -12.10 4.63
N PHE G 142 22.13 -13.06 5.53
CA PHE G 142 20.89 -13.82 5.45
C PHE G 142 19.71 -12.89 5.30
N VAL G 143 19.60 -11.94 6.22
CA VAL G 143 18.42 -11.09 6.23
C VAL G 143 18.50 -10.01 5.15
N THR G 144 19.70 -9.46 4.89
CA THR G 144 19.85 -8.58 3.73
C THR G 144 19.27 -9.24 2.48
N LEU G 145 19.28 -10.56 2.39
CA LEU G 145 18.72 -11.11 1.16
C LEU G 145 17.21 -11.19 1.23
N ALA G 146 16.67 -11.57 2.38
CA ALA G 146 15.23 -11.70 2.52
C ALA G 146 14.50 -10.36 2.38
N VAL G 147 15.20 -9.21 2.37
CA VAL G 147 14.53 -7.92 2.25
C VAL G 147 15.03 -7.05 1.09
N ALA G 148 16.03 -7.49 0.32
CA ALA G 148 16.50 -6.69 -0.81
C ALA G 148 15.53 -6.74 -1.98
N THR G 149 15.31 -5.60 -2.65
CA THR G 149 14.38 -5.55 -3.78
C THR G 149 15.03 -5.37 -5.15
N ASP G 150 16.34 -5.08 -5.20
CA ASP G 150 17.10 -4.77 -6.40
C ASP G 150 16.75 -3.40 -7.00
N THR G 151 16.76 -2.37 -6.13
CA THR G 151 16.99 -0.98 -6.54
C THR G 151 17.76 -0.18 -5.48
N ARG G 152 18.48 -0.77 -4.51
CA ARG G 152 19.00 -2.13 -4.49
C ARG G 152 18.73 -2.88 -3.13
N ALA G 153 19.04 -2.26 -1.98
CA ALA G 153 18.46 -2.62 -0.65
C ALA G 153 17.53 -1.49 -0.18
N VAL G 154 16.27 -1.53 -0.59
CA VAL G 154 15.42 -0.36 -0.53
C VAL G 154 14.26 -0.58 0.43
N GLY G 155 13.84 0.50 1.05
CA GLY G 155 12.49 0.53 1.59
C GLY G 155 12.48 0.69 3.06
N GLU G 156 11.33 1.02 3.62
CA GLU G 156 11.30 1.21 5.06
C GLU G 156 11.73 -0.04 5.82
N LEU G 157 11.21 -1.24 5.48
CA LEU G 157 11.61 -2.33 6.36
C LEU G 157 12.99 -2.89 6.00
N ALA G 158 13.51 -2.68 4.80
CA ALA G 158 14.87 -3.12 4.54
C ALA G 158 15.86 -2.42 5.47
N GLY G 159 15.63 -1.13 5.74
CA GLY G 159 16.47 -0.42 6.68
C GLY G 159 16.37 -0.98 8.10
N LEU G 160 15.19 -1.37 8.53
CA LEU G 160 15.04 -1.95 9.85
C LEU G 160 15.77 -3.28 10.00
N ALA G 161 15.70 -4.16 9.01
CA ALA G 161 16.29 -5.50 9.15
C ALA G 161 17.80 -5.42 9.37
N VAL G 162 18.53 -4.80 8.45
CA VAL G 162 19.99 -4.75 8.53
C VAL G 162 20.44 -3.96 9.76
N GLY G 163 19.85 -2.77 9.98
CA GLY G 163 20.20 -1.99 11.15
C GLY G 163 20.05 -2.80 12.41
N SER G 164 18.98 -3.59 12.51
CA SER G 164 18.86 -4.51 13.62
C SER G 164 19.99 -5.53 13.61
N ALA G 165 20.23 -6.17 12.46
CA ALA G 165 21.31 -7.15 12.41
C ALA G 165 22.62 -6.52 12.85
N VAL G 166 22.97 -5.38 12.26
CA VAL G 166 24.20 -4.69 12.63
C VAL G 166 24.23 -4.40 14.12
N CYS G 167 23.09 -3.98 14.70
CA CYS G 167 23.06 -3.69 16.11
C CYS G 167 23.34 -4.93 16.94
N ILE G 168 22.78 -6.10 16.55
CA ILE G 168 23.13 -7.33 17.26
C ILE G 168 24.64 -7.58 17.19
N THR G 169 25.25 -7.30 16.05
CA THR G 169 26.67 -7.58 15.90
C THR G 169 27.52 -6.74 16.84
N SER G 170 27.23 -5.43 16.94
CA SER G 170 28.04 -4.57 17.80
C SER G 170 27.98 -5.05 19.23
N ILE G 171 26.79 -5.51 19.67
CA ILE G 171 26.63 -5.96 21.04
C ILE G 171 27.45 -7.23 21.31
N PHE G 172 27.19 -8.28 20.54
CA PHE G 172 27.76 -9.61 20.80
C PHE G 172 29.14 -9.78 20.16
N ALA G 173 29.20 -9.69 18.85
CA ALA G 173 30.47 -9.79 18.14
C ALA G 173 31.41 -8.67 18.54
N GLY G 174 30.89 -7.59 19.15
CA GLY G 174 31.76 -6.58 19.70
C GLY G 174 32.52 -7.08 20.92
N ALA G 175 31.89 -7.96 21.70
CA ALA G 175 32.51 -8.55 22.89
C ALA G 175 33.58 -9.59 22.55
N ILE G 176 33.51 -10.18 21.36
CA ILE G 176 34.45 -11.22 20.95
C ILE G 176 35.40 -10.70 19.88
N SER G 177 34.87 -10.30 18.73
CA SER G 177 35.71 -9.84 17.65
C SER G 177 35.85 -8.31 17.59
N GLY G 178 35.04 -7.57 18.33
CA GLY G 178 34.78 -6.19 18.02
C GLY G 178 33.60 -5.99 17.09
N GLY G 179 33.18 -7.02 16.35
CA GLY G 179 31.95 -6.95 15.58
C GLY G 179 32.05 -6.00 14.42
N SER G 180 32.57 -6.50 13.30
CA SER G 180 32.80 -5.67 12.12
C SER G 180 31.87 -6.06 10.97
N MET G 181 32.12 -7.21 10.34
CA MET G 181 31.43 -7.69 9.14
C MET G 181 31.71 -6.84 7.91
N ASN G 182 32.71 -5.96 7.96
CA ASN G 182 32.98 -5.04 6.88
C ASN G 182 34.46 -4.74 6.68
N PRO G 183 35.09 -5.29 5.62
CA PRO G 183 36.52 -5.00 5.38
C PRO G 183 36.83 -3.51 5.25
N ALA G 184 35.94 -2.73 4.66
CA ALA G 184 36.19 -1.28 4.59
C ALA G 184 36.05 -0.66 5.97
N ARG G 185 35.17 -1.18 6.81
CA ARG G 185 35.05 -0.62 8.15
C ARG G 185 36.15 -1.11 9.09
N THR G 186 36.79 -2.23 8.77
CA THR G 186 37.94 -2.59 9.59
C THR G 186 39.18 -1.78 9.21
N LEU G 187 39.48 -1.65 7.91
CA LEU G 187 40.74 -0.98 7.52
C LEU G 187 40.79 0.49 7.92
N GLY G 188 39.72 1.24 7.70
CA GLY G 188 39.75 2.64 8.02
C GLY G 188 40.30 2.82 9.43
N PRO G 189 39.57 2.26 10.41
CA PRO G 189 40.07 2.27 11.79
C PRO G 189 41.41 1.56 12.00
N ALA G 190 41.61 0.36 11.45
CA ALA G 190 42.87 -0.34 11.68
C ALA G 190 44.07 0.47 11.19
N LEU G 191 43.91 1.23 10.10
CA LEU G 191 45.00 2.08 9.59
C LEU G 191 45.14 3.39 10.34
N ALA G 192 44.02 4.00 10.73
CA ALA G 192 44.12 5.30 11.37
C ALA G 192 44.67 5.19 12.79
N SER G 193 44.59 4.01 13.40
CA SER G 193 45.13 3.75 14.73
C SER G 193 46.32 2.79 14.76
N ASN G 194 46.69 2.18 13.63
CA ASN G 194 47.83 1.26 13.53
C ASN G 194 47.77 0.10 14.52
N LYS G 195 46.59 -0.49 14.67
CA LYS G 195 46.45 -1.75 15.39
C LYS G 195 45.88 -2.73 14.38
N PHE G 196 46.61 -3.82 14.13
CA PHE G 196 46.24 -4.76 13.07
C PHE G 196 46.19 -6.19 13.57
N ASP G 197 45.87 -6.39 14.84
CA ASP G 197 45.80 -7.71 15.44
C ASP G 197 44.59 -8.45 14.86
N GLY G 198 44.81 -9.59 14.22
CA GLY G 198 43.73 -10.38 13.64
C GLY G 198 43.03 -9.78 12.43
N LEU G 199 43.66 -8.81 11.76
CA LEU G 199 43.03 -8.12 10.61
C LEU G 199 42.67 -9.09 9.48
N TRP G 200 43.31 -10.25 9.40
CA TRP G 200 43.02 -11.17 8.30
C TRP G 200 41.63 -11.80 8.43
N ILE G 201 41.11 -11.97 9.64
CA ILE G 201 39.79 -12.57 9.74
C ILE G 201 38.73 -11.58 9.28
N TYR G 202 39.01 -10.27 9.39
CA TYR G 202 38.09 -9.22 8.96
C TYR G 202 38.12 -9.02 7.46
N PHE G 203 38.78 -9.93 6.74
CA PHE G 203 38.72 -10.03 5.30
C PHE G 203 38.25 -11.40 4.83
N LEU G 204 38.54 -12.48 5.56
CA LEU G 204 37.93 -13.78 5.28
C LEU G 204 36.69 -14.10 6.10
N GLY G 205 36.55 -13.55 7.30
CA GLY G 205 35.34 -13.74 8.07
C GLY G 205 34.09 -13.28 7.32
N PRO G 206 34.07 -11.98 6.95
CA PRO G 206 32.96 -11.45 6.13
C PRO G 206 32.70 -12.26 4.86
N VAL G 207 33.71 -12.34 4.00
CA VAL G 207 33.53 -12.92 2.68
C VAL G 207 32.91 -14.31 2.78
N MET G 208 33.31 -15.06 3.81
CA MET G 208 32.76 -16.39 4.06
C MET G 208 31.40 -16.34 4.76
N GLY G 209 31.12 -15.26 5.49
CA GLY G 209 29.82 -15.06 6.12
C GLY G 209 28.73 -14.55 5.19
N THR G 210 29.08 -13.59 4.32
CA THR G 210 28.07 -13.07 3.40
C THR G 210 27.67 -14.11 2.36
N LEU G 211 28.65 -14.84 1.80
CA LEU G 211 28.32 -15.84 0.79
C LEU G 211 27.53 -17.00 1.38
N SER G 212 27.91 -17.47 2.58
CA SER G 212 27.18 -18.57 3.19
C SER G 212 25.73 -18.20 3.51
N GLY G 213 25.51 -17.03 4.13
CA GLY G 213 24.16 -16.63 4.50
C GLY G 213 23.23 -16.44 3.33
N ALA G 214 23.77 -16.00 2.18
CA ALA G 214 22.98 -15.87 0.96
C ALA G 214 22.55 -17.23 0.44
N TRP G 215 23.48 -18.18 0.37
CA TRP G 215 23.13 -19.50 -0.13
C TRP G 215 22.00 -20.11 0.69
N THR G 216 22.02 -19.88 2.00
CA THR G 216 21.03 -20.54 2.82
C THR G 216 19.63 -20.01 2.51
N TYR G 217 19.54 -18.72 2.21
CA TYR G 217 18.26 -18.12 1.86
C TYR G 217 17.81 -18.55 0.48
N THR G 218 18.67 -18.33 -0.52
CA THR G 218 18.37 -18.74 -1.88
C THR G 218 17.98 -20.21 -1.93
N PHE G 219 18.49 -20.99 -0.98
CA PHE G 219 18.08 -22.38 -0.89
C PHE G 219 16.62 -22.51 -0.46
N ILE G 220 16.27 -21.90 0.67
CA ILE G 220 14.97 -22.06 1.31
C ILE G 220 13.95 -21.17 0.66
N ARG G 221 14.38 -20.50 -0.40
CA ARG G 221 13.61 -19.49 -1.11
C ARG G 221 12.31 -20.01 -1.76
N PHE G 222 11.23 -19.21 -1.61
CA PHE G 222 9.82 -19.54 -1.86
C PHE G 222 9.29 -20.58 -0.87
N GLU G 223 8.01 -20.46 -0.51
CA GLU G 223 7.50 -21.07 0.74
C GLU G 223 7.66 -22.59 0.79
N PRO H 8 -22.19 -2.35 20.45
CA PRO H 8 -21.89 -3.29 19.35
C PRO H 8 -20.64 -4.15 19.63
N HIS H 9 -20.79 -5.31 20.30
CA HIS H 9 -19.67 -6.18 20.74
C HIS H 9 -18.78 -5.52 21.79
N LEU H 10 -19.39 -5.07 22.88
CA LEU H 10 -18.59 -4.42 23.89
C LEU H 10 -17.96 -5.41 24.83
N LEU H 11 -18.45 -6.66 24.84
CA LEU H 11 -17.82 -7.72 25.63
C LEU H 11 -16.42 -8.03 25.10
N LYS H 12 -16.35 -8.35 23.80
CA LYS H 12 -15.07 -8.58 23.14
C LYS H 12 -14.23 -7.30 23.12
N LYS H 13 -14.87 -6.12 23.27
CA LYS H 13 -14.17 -4.86 23.44
C LYS H 13 -13.57 -4.69 24.84
N VAL H 14 -14.32 -5.05 25.89
CA VAL H 14 -13.85 -4.84 27.27
C VAL H 14 -12.93 -5.95 27.73
N VAL H 15 -13.14 -7.19 27.28
CA VAL H 15 -12.14 -8.23 27.53
C VAL H 15 -10.79 -7.80 26.98
N SER H 16 -10.81 -7.20 25.78
CA SER H 16 -9.57 -6.66 25.20
C SER H 16 -8.98 -5.54 26.05
N GLU H 17 -9.81 -4.78 26.75
CA GLU H 17 -9.26 -3.69 27.57
C GLU H 17 -8.76 -4.18 28.93
N VAL H 18 -9.33 -5.26 29.48
CA VAL H 18 -8.75 -5.80 30.69
C VAL H 18 -7.43 -6.50 30.36
N VAL H 19 -7.42 -7.34 29.32
CA VAL H 19 -6.22 -8.12 29.06
C VAL H 19 -5.04 -7.22 28.67
N ALA H 20 -5.30 -6.11 28.00
CA ALA H 20 -4.20 -5.21 27.66
C ALA H 20 -3.70 -4.49 28.89
N THR H 21 -4.61 -3.86 29.64
CA THR H 21 -4.19 -3.16 30.84
C THR H 21 -3.56 -4.12 31.85
N PHE H 22 -4.02 -5.39 31.89
CA PHE H 22 -3.34 -6.38 32.71
C PHE H 22 -1.90 -6.54 32.23
N LEU H 23 -1.68 -7.03 31.00
CA LEU H 23 -0.30 -7.12 30.51
C LEU H 23 0.41 -5.77 30.48
N LEU H 24 -0.32 -4.69 30.23
CA LEU H 24 0.25 -3.34 30.36
C LEU H 24 0.86 -3.14 31.73
N VAL H 25 0.00 -3.16 32.77
CA VAL H 25 0.43 -2.81 34.11
C VAL H 25 1.36 -3.88 34.67
N PHE H 26 0.98 -5.15 34.49
CA PHE H 26 1.84 -6.26 34.92
C PHE H 26 3.28 -6.07 34.47
N MET H 27 3.48 -5.61 33.23
CA MET H 27 4.87 -5.43 32.78
C MET H 27 5.39 -4.03 33.07
N THR H 28 4.64 -2.96 32.75
CA THR H 28 5.16 -1.61 33.01
C THR H 28 5.46 -1.43 34.48
N CYS H 29 4.62 -1.95 35.37
CA CYS H 29 4.87 -1.83 36.80
C CYS H 29 5.75 -2.94 37.31
N GLY H 30 5.47 -4.17 36.89
CA GLY H 30 6.29 -5.30 37.25
C GLY H 30 7.75 -5.16 36.93
N ALA H 31 8.09 -4.32 35.96
CA ALA H 31 9.51 -4.07 35.70
C ALA H 31 10.02 -2.85 36.43
N ALA H 32 9.19 -1.80 36.53
CA ALA H 32 9.58 -0.63 37.30
C ALA H 32 9.76 -0.98 38.77
N GLY H 33 9.03 -1.99 39.25
CA GLY H 33 9.13 -2.48 40.62
C GLY H 33 10.43 -3.23 40.89
N ILE H 34 10.71 -4.29 40.13
CA ILE H 34 12.04 -4.91 40.18
C ILE H 34 13.14 -3.87 39.99
N SER H 35 12.98 -2.97 39.01
CA SER H 35 14.04 -1.97 38.85
C SER H 35 14.17 -1.13 40.11
N GLY H 36 13.06 -0.71 40.72
CA GLY H 36 13.12 0.05 41.95
C GLY H 36 13.63 -0.79 43.13
N SER H 37 14.65 -1.60 42.88
CA SER H 37 15.19 -2.52 43.89
C SER H 37 16.57 -3.03 43.55
N ASP H 38 16.74 -3.60 42.37
CA ASP H 38 18.05 -3.98 41.90
C ASP H 38 18.25 -3.45 40.51
N LEU H 39 19.03 -2.40 40.39
CA LEU H 39 19.42 -1.96 39.07
C LEU H 39 20.41 -2.96 38.44
N SER H 40 20.79 -4.00 39.18
CA SER H 40 21.54 -5.12 38.64
C SER H 40 20.64 -6.21 38.14
N ARG H 41 19.40 -6.23 38.62
CA ARG H 41 18.51 -7.30 38.24
C ARG H 41 17.69 -6.89 37.01
N ILE H 42 17.25 -5.62 36.97
CA ILE H 42 16.65 -4.88 35.85
C ILE H 42 17.10 -3.43 35.86
N SER H 43 17.73 -3.00 34.77
CA SER H 43 18.14 -1.64 34.46
C SER H 43 17.08 -0.55 34.67
N GLN H 44 17.51 0.72 34.78
CA GLN H 44 16.57 1.85 34.81
C GLN H 44 16.08 2.22 33.43
N LEU H 45 16.97 2.19 32.43
CA LEU H 45 16.53 2.33 31.06
C LEU H 45 15.71 1.12 30.64
N GLY H 46 15.92 -0.03 31.25
CA GLY H 46 15.17 -1.20 30.85
C GLY H 46 13.71 -1.16 31.24
N GLN H 47 13.37 -0.43 32.31
CA GLN H 47 11.98 -0.39 32.75
C GLN H 47 11.17 0.68 32.04
N SER H 48 11.84 1.67 31.45
CA SER H 48 11.17 2.57 30.52
C SER H 48 10.90 1.88 29.20
N ILE H 49 11.97 1.39 28.57
CA ILE H 49 11.84 0.62 27.32
C ILE H 49 10.77 -0.47 27.46
N ALA H 50 10.92 -1.35 28.47
CA ALA H 50 9.92 -2.41 28.68
C ALA H 50 8.53 -1.83 28.81
N GLY H 51 8.39 -0.77 29.63
CA GLY H 51 7.10 -0.17 29.87
C GLY H 51 6.52 0.47 28.64
N GLY H 52 7.38 0.84 27.68
CA GLY H 52 6.97 1.50 26.45
C GLY H 52 6.62 0.51 25.34
N LEU H 53 7.39 -0.56 25.24
CA LEU H 53 7.06 -1.65 24.31
C LEU H 53 5.68 -2.22 24.60
N ILE H 54 5.34 -2.42 25.87
CA ILE H 54 4.07 -3.09 26.15
C ILE H 54 2.93 -2.25 25.62
N VAL H 55 3.02 -0.93 25.77
CA VAL H 55 2.04 -0.06 25.13
C VAL H 55 1.97 -0.30 23.64
N THR H 56 3.11 -0.51 22.99
CA THR H 56 3.08 -0.72 21.53
C THR H 56 2.48 -2.07 21.15
N VAL H 57 2.93 -3.16 21.77
CA VAL H 57 2.41 -4.44 21.32
C VAL H 57 0.95 -4.59 21.68
N MET H 58 0.50 -3.89 22.71
CA MET H 58 -0.92 -3.95 23.06
C MET H 58 -1.75 -3.25 22.02
N ILE H 59 -1.23 -2.19 21.40
CA ILE H 59 -1.94 -1.57 20.28
C ILE H 59 -2.02 -2.52 19.08
N TYR H 60 -0.97 -3.29 18.82
CA TYR H 60 -1.09 -4.28 17.76
C TYR H 60 -2.10 -5.37 18.09
N ALA H 61 -2.20 -5.77 19.37
CA ALA H 61 -3.06 -6.89 19.72
C ALA H 61 -4.52 -6.46 19.70
N VAL H 62 -4.86 -5.42 20.47
CA VAL H 62 -6.25 -5.03 20.65
C VAL H 62 -6.58 -3.68 20.01
N GLY H 63 -5.63 -3.05 19.32
CA GLY H 63 -5.89 -1.71 18.79
C GLY H 63 -7.01 -1.66 17.77
N HIS H 64 -7.10 -2.68 16.92
CA HIS H 64 -8.11 -2.67 15.87
C HIS H 64 -9.50 -3.04 16.39
N ILE H 65 -9.61 -3.49 17.63
CA ILE H 65 -10.88 -3.93 18.22
C ILE H 65 -11.53 -2.81 19.03
N SER H 66 -10.98 -2.53 20.22
CA SER H 66 -11.50 -1.50 21.12
C SER H 66 -10.92 -0.11 20.88
N GLY H 67 -9.69 -0.04 20.34
CA GLY H 67 -8.89 1.16 20.36
C GLY H 67 -7.67 1.13 21.26
N ALA H 68 -7.48 0.06 22.02
CA ALA H 68 -6.32 -0.09 22.91
C ALA H 68 -6.09 1.15 23.76
N HIS H 69 -7.05 1.46 24.62
CA HIS H 69 -6.91 2.60 25.51
C HIS H 69 -6.01 2.29 26.71
N MET H 70 -6.39 1.29 27.51
CA MET H 70 -5.60 0.88 28.66
C MET H 70 -5.40 2.02 29.65
N ASN H 71 -6.20 3.08 29.50
CA ASN H 71 -6.03 4.36 30.17
C ASN H 71 -7.36 5.11 30.24
N PRO H 72 -7.96 5.24 31.43
CA PRO H 72 -9.28 5.91 31.50
C PRO H 72 -9.26 7.36 31.04
N ALA H 73 -8.16 8.07 31.25
CA ALA H 73 -8.14 9.46 30.84
C ALA H 73 -8.02 9.62 29.35
N VAL H 74 -7.74 8.54 28.64
CA VAL H 74 -7.66 8.54 27.18
C VAL H 74 -9.03 8.32 26.54
N THR H 75 -9.73 7.28 27.01
CA THR H 75 -11.11 7.04 26.63
C THR H 75 -11.93 8.32 26.74
N LEU H 76 -11.70 9.10 27.81
CA LEU H 76 -12.34 10.39 27.93
C LEU H 76 -12.02 11.28 26.73
N ALA H 77 -10.74 11.41 26.41
CA ALA H 77 -10.38 12.37 25.38
C ALA H 77 -11.04 12.04 24.05
N PHE H 78 -11.22 10.76 23.70
CA PHE H 78 -11.94 10.48 22.46
C PHE H 78 -13.41 10.83 22.54
N ALA H 79 -14.05 10.57 23.69
CA ALA H 79 -15.48 10.82 23.81
C ALA H 79 -15.77 12.31 23.69
N VAL H 80 -14.83 13.14 24.11
CA VAL H 80 -14.99 14.58 24.01
C VAL H 80 -14.78 15.06 22.57
N PHE H 81 -13.82 14.48 21.86
CA PHE H 81 -13.29 15.07 20.62
C PHE H 81 -13.61 14.30 19.34
N ARG H 82 -13.42 12.98 19.34
CA ARG H 82 -13.67 12.14 18.19
C ARG H 82 -14.82 11.18 18.45
N HIS H 83 -15.95 11.84 18.68
CA HIS H 83 -17.31 11.35 18.73
C HIS H 83 -17.31 9.98 19.39
N PHE H 84 -16.58 9.82 20.46
CA PHE H 84 -16.55 8.44 20.88
C PHE H 84 -17.77 8.19 21.75
N PRO H 85 -18.42 7.02 21.58
CA PRO H 85 -19.70 6.77 22.27
C PRO H 85 -19.66 6.94 23.78
N TRP H 86 -20.16 8.09 24.24
CA TRP H 86 -20.40 8.37 25.65
C TRP H 86 -21.04 7.24 26.45
N ILE H 87 -21.81 6.35 25.83
CA ILE H 87 -22.39 5.25 26.59
C ILE H 87 -21.40 4.13 26.90
N GLN H 88 -20.21 4.15 26.31
CA GLN H 88 -19.25 3.05 26.46
C GLN H 88 -18.04 3.40 27.33
N VAL H 89 -17.74 4.68 27.49
CA VAL H 89 -16.64 5.13 28.33
C VAL H 89 -16.65 4.56 29.74
N PRO H 90 -17.81 4.34 30.41
CA PRO H 90 -17.75 3.68 31.74
C PRO H 90 -17.27 2.23 31.70
N PHE H 91 -17.70 1.48 30.69
CA PHE H 91 -17.37 0.06 30.59
C PHE H 91 -15.88 -0.17 30.36
N TYR H 92 -15.18 0.81 29.79
CA TYR H 92 -13.75 0.64 29.65
C TYR H 92 -13.03 0.92 30.97
N TRP H 93 -13.35 2.05 31.61
CA TRP H 93 -12.78 2.39 32.90
C TRP H 93 -12.80 1.19 33.83
N ALA H 94 -13.95 0.52 33.90
CA ALA H 94 -14.03 -0.72 34.67
C ALA H 94 -13.00 -1.71 34.19
N ALA H 95 -12.94 -1.94 32.87
CA ALA H 95 -12.09 -2.98 32.31
C ALA H 95 -10.61 -2.68 32.55
N GLN H 96 -10.24 -1.41 32.51
CA GLN H 96 -8.86 -1.05 32.76
C GLN H 96 -8.57 -1.09 34.25
N PHE H 97 -9.39 -0.39 35.03
CA PHE H 97 -9.21 -0.42 36.47
C PHE H 97 -9.23 -1.85 36.98
N THR H 98 -10.04 -2.73 36.38
CA THR H 98 -10.07 -4.13 36.79
C THR H 98 -8.76 -4.84 36.46
N GLY H 99 -8.47 -4.94 35.15
CA GLY H 99 -7.26 -5.61 34.70
C GLY H 99 -5.99 -5.01 35.29
N ALA H 100 -6.00 -3.71 35.58
CA ALA H 100 -4.86 -3.04 36.19
C ALA H 100 -4.75 -3.41 37.66
N ILE H 101 -5.83 -3.15 38.41
CA ILE H 101 -5.86 -3.50 39.83
C ILE H 101 -5.57 -4.99 40.02
N CYS H 102 -6.22 -5.84 39.20
CA CYS H 102 -5.92 -7.27 39.23
C CYS H 102 -4.45 -7.55 38.87
N ALA H 103 -3.90 -6.81 37.89
CA ALA H 103 -2.56 -7.08 37.38
C ALA H 103 -1.48 -6.82 38.42
N SER H 104 -1.50 -5.62 38.99
CA SER H 104 -0.50 -5.27 40.00
C SER H 104 -0.48 -6.28 41.14
N PHE H 105 -1.64 -6.82 41.49
CA PHE H 105 -1.70 -7.85 42.52
C PHE H 105 -1.09 -9.15 42.07
N VAL H 106 -1.39 -9.58 40.84
CA VAL H 106 -0.78 -10.82 40.33
C VAL H 106 0.75 -10.74 40.44
N LEU H 107 1.31 -9.53 40.33
CA LEU H 107 2.75 -9.36 40.46
C LEU H 107 3.20 -9.40 41.91
N LYS H 108 2.35 -8.87 42.81
CA LYS H 108 2.75 -8.82 44.22
C LYS H 108 3.34 -10.14 44.66
N ALA H 109 2.78 -11.25 44.20
CA ALA H 109 3.25 -12.56 44.63
C ALA H 109 4.37 -13.12 43.77
N VAL H 110 4.38 -12.82 42.47
CA VAL H 110 5.36 -13.46 41.59
C VAL H 110 6.74 -12.80 41.68
N ILE H 111 6.84 -11.57 42.17
CA ILE H 111 8.15 -10.94 42.29
C ILE H 111 8.43 -10.93 43.78
N HIS H 112 8.35 -12.12 44.38
CA HIS H 112 7.97 -12.25 45.78
C HIS H 112 8.54 -11.21 46.73
N PRO H 113 9.86 -11.10 46.91
CA PRO H 113 10.37 -10.23 47.98
C PRO H 113 10.04 -8.77 47.75
N VAL H 114 9.79 -8.39 46.49
CA VAL H 114 9.61 -6.99 46.07
C VAL H 114 8.16 -6.58 46.29
N ASP H 115 7.94 -5.47 46.98
CA ASP H 115 6.59 -5.05 47.32
C ASP H 115 6.22 -3.63 46.94
N VAL H 116 7.14 -2.77 46.54
CA VAL H 116 6.81 -1.52 45.86
C VAL H 116 6.97 -1.73 44.36
N ILE H 117 5.86 -2.01 43.68
CA ILE H 117 5.88 -2.41 42.29
C ILE H 117 5.63 -1.17 41.45
N GLY H 118 6.60 -0.78 40.61
CA GLY H 118 6.44 0.39 39.75
C GLY H 118 6.06 1.65 40.49
N THR H 119 4.87 1.61 41.10
CA THR H 119 4.33 2.63 42.01
C THR H 119 3.94 3.95 41.35
N THR H 120 4.93 4.65 40.81
CA THR H 120 4.77 5.93 40.15
C THR H 120 4.43 6.92 41.26
N THR H 121 5.46 7.53 41.83
CA THR H 121 5.30 8.46 42.95
C THR H 121 6.10 9.75 42.72
N PRO H 122 5.57 10.90 43.17
CA PRO H 122 6.26 12.18 42.92
C PRO H 122 7.61 12.18 43.61
N VAL H 123 8.53 13.02 43.11
CA VAL H 123 9.89 13.01 43.64
C VAL H 123 10.14 14.24 44.51
N GLY H 124 10.58 15.35 43.92
CA GLY H 124 10.87 16.55 44.68
C GLY H 124 9.60 17.24 45.14
N PRO H 125 9.53 18.56 44.94
CA PRO H 125 8.26 19.27 45.08
C PRO H 125 7.17 18.63 44.23
N HIS H 126 6.05 18.24 44.85
CA HIS H 126 4.97 17.52 44.17
C HIS H 126 4.42 18.25 42.94
N TRP H 127 4.45 19.59 42.92
CA TRP H 127 3.94 20.33 41.77
C TRP H 127 4.79 20.14 40.49
N HIS H 128 6.08 19.82 40.64
CA HIS H 128 6.87 19.46 39.49
C HIS H 128 6.17 18.43 38.65
N SER H 129 5.74 17.35 39.31
CA SER H 129 5.16 16.23 38.59
C SER H 129 3.92 16.66 37.82
N LEU H 130 3.08 17.48 38.44
CA LEU H 130 1.80 17.83 37.84
C LEU H 130 1.97 18.60 36.53
N VAL H 131 2.91 19.56 36.48
CA VAL H 131 3.18 20.26 35.22
C VAL H 131 3.77 19.33 34.19
N VAL H 132 4.73 18.50 34.62
CA VAL H 132 5.25 17.47 33.74
C VAL H 132 4.13 16.52 33.34
N GLU H 133 3.42 15.97 34.32
CA GLU H 133 2.38 15.00 33.99
C GLU H 133 1.24 15.61 33.19
N VAL H 134 1.24 16.92 32.90
CA VAL H 134 0.32 17.44 31.89
C VAL H 134 1.04 17.74 30.60
N ILE H 135 2.24 18.30 30.64
CA ILE H 135 2.94 18.56 29.38
C ILE H 135 3.30 17.25 28.71
N VAL H 136 3.69 16.24 29.48
CA VAL H 136 3.94 14.94 28.87
C VAL H 136 2.62 14.29 28.44
N THR H 137 1.55 14.51 29.19
CA THR H 137 0.30 13.88 28.73
C THR H 137 -0.32 14.62 27.55
N PHE H 138 -0.36 15.95 27.52
CA PHE H 138 -0.61 16.61 26.24
C PHE H 138 0.38 16.18 25.17
N ASN H 139 1.64 15.96 25.49
CA ASN H 139 2.46 15.37 24.44
C ASN H 139 1.81 14.08 23.93
N MET H 140 1.37 13.21 24.83
CA MET H 140 0.85 11.90 24.45
C MET H 140 -0.43 11.97 23.60
N MET H 141 -1.52 12.62 24.06
CA MET H 141 -2.69 12.68 23.16
C MET H 141 -2.43 13.49 21.91
N PHE H 142 -1.61 14.53 21.95
CA PHE H 142 -1.33 15.29 20.73
C PHE H 142 -0.98 14.33 19.61
N VAL H 143 -0.10 13.37 19.86
CA VAL H 143 0.27 12.46 18.79
C VAL H 143 -0.72 11.31 18.64
N THR H 144 -1.24 10.75 19.74
CA THR H 144 -2.26 9.70 19.64
C THR H 144 -3.39 10.09 18.72
N LEU H 145 -3.71 11.36 18.68
CA LEU H 145 -4.89 11.78 17.97
C LEU H 145 -4.55 11.98 16.51
N ALA H 146 -3.34 12.50 16.24
CA ALA H 146 -2.82 12.66 14.89
C ALA H 146 -2.51 11.32 14.20
N VAL H 147 -2.57 10.21 14.92
CA VAL H 147 -2.33 8.91 14.30
C VAL H 147 -3.52 7.96 14.42
N ALA H 148 -4.58 8.34 15.15
CA ALA H 148 -5.75 7.48 15.30
C ALA H 148 -6.57 7.47 14.02
N THR H 149 -7.19 6.32 13.72
CA THR H 149 -8.01 6.21 12.53
C THR H 149 -9.51 6.10 12.77
N ASP H 150 -9.96 6.00 14.02
CA ASP H 150 -11.36 5.75 14.39
C ASP H 150 -11.70 4.26 14.24
N THR H 151 -10.78 3.35 14.71
CA THR H 151 -11.15 1.96 15.01
C THR H 151 -10.34 1.24 16.13
N ARG H 152 -9.60 1.91 17.03
CA ARG H 152 -9.75 3.30 17.35
C ARG H 152 -8.41 4.04 17.18
N ALA H 153 -7.33 3.55 17.83
CA ALA H 153 -5.92 3.86 17.52
C ALA H 153 -5.26 2.63 16.90
N VAL H 154 -5.31 2.52 15.58
CA VAL H 154 -5.05 1.26 14.91
C VAL H 154 -3.82 1.36 14.06
N GLY H 155 -3.12 0.25 13.93
CA GLY H 155 -2.28 0.20 12.76
C GLY H 155 -0.82 0.21 13.11
N GLU H 156 -0.02 -0.15 12.13
CA GLU H 156 1.40 -0.30 12.40
C GLU H 156 2.04 0.98 12.87
N LEU H 157 1.77 2.15 12.26
CA LEU H 157 2.50 3.29 12.84
C LEU H 157 1.77 3.88 14.04
N ALA H 158 0.48 3.63 14.23
CA ALA H 158 -0.15 4.14 15.43
C ALA H 158 0.53 3.55 16.66
N GLY H 159 0.84 2.26 16.62
CA GLY H 159 1.55 1.67 17.74
C GLY H 159 2.91 2.29 17.98
N LEU H 160 3.66 2.55 16.92
CA LEU H 160 4.96 3.18 17.07
C LEU H 160 4.85 4.57 17.66
N ALA H 161 3.87 5.35 17.23
CA ALA H 161 3.76 6.72 17.76
C ALA H 161 3.49 6.71 19.26
N VAL H 162 2.43 6.05 19.68
CA VAL H 162 2.04 6.10 21.08
C VAL H 162 3.12 5.48 21.95
N GLY H 163 3.61 4.30 21.55
CA GLY H 163 4.62 3.63 22.34
C GLY H 163 5.84 4.49 22.58
N SER H 164 6.29 5.21 21.55
CA SER H 164 7.41 6.12 21.70
C SER H 164 7.13 7.14 22.79
N ALA H 165 5.91 7.70 22.81
CA ALA H 165 5.53 8.67 23.84
C ALA H 165 5.64 8.07 25.26
N VAL H 166 5.01 6.90 25.49
CA VAL H 166 5.07 6.28 26.80
C VAL H 166 6.51 6.14 27.25
N CYS H 167 7.38 5.74 26.34
CA CYS H 167 8.77 5.58 26.70
C CYS H 167 9.40 6.90 27.11
N ILE H 168 9.14 7.97 26.35
CA ILE H 168 9.72 9.27 26.72
C ILE H 168 9.27 9.67 28.12
N THR H 169 8.02 9.40 28.47
CA THR H 169 7.53 9.80 29.77
C THR H 169 8.27 9.10 30.88
N SER H 170 8.52 7.79 30.74
CA SER H 170 9.24 7.07 31.80
C SER H 170 10.62 7.66 32.03
N ILE H 171 11.32 8.03 30.95
CA ILE H 171 12.67 8.53 31.09
C ILE H 171 12.70 9.85 31.84
N PHE H 172 11.93 10.83 31.37
CA PHE H 172 11.96 12.18 31.91
C PHE H 172 11.01 12.35 33.11
N ALA H 173 9.72 12.09 32.90
CA ALA H 173 8.77 12.14 34.01
C ALA H 173 9.04 11.08 35.06
N GLY H 174 9.82 10.05 34.79
CA GLY H 174 10.19 9.13 35.85
C GLY H 174 11.10 9.79 36.87
N ALA H 175 11.94 10.70 36.42
CA ALA H 175 12.82 11.43 37.32
C ALA H 175 12.05 12.43 38.15
N ILE H 176 10.86 12.82 37.66
CA ILE H 176 10.00 13.81 38.31
C ILE H 176 8.75 13.16 38.91
N SER H 177 7.89 12.58 38.08
CA SER H 177 6.63 12.01 38.56
C SER H 177 6.65 10.51 38.80
N GLY H 178 7.67 9.78 38.34
CA GLY H 178 7.58 8.35 38.16
C GLY H 178 7.02 7.93 36.81
N GLY H 179 6.32 8.83 36.12
CA GLY H 179 5.91 8.60 34.75
C GLY H 179 4.88 7.52 34.53
N SER H 180 3.60 7.87 34.70
CA SER H 180 2.49 6.95 34.44
C SER H 180 1.60 7.51 33.33
N MET H 181 0.94 8.65 33.58
CA MET H 181 -0.10 9.29 32.75
C MET H 181 -1.40 8.50 32.76
N ASN H 182 -1.53 7.49 33.62
CA ASN H 182 -2.60 6.51 33.52
C ASN H 182 -3.21 6.27 34.88
N PRO H 183 -4.38 6.87 35.14
CA PRO H 183 -5.01 6.66 36.44
C PRO H 183 -5.20 5.19 36.74
N ALA H 184 -5.51 4.39 35.73
CA ALA H 184 -5.63 2.96 35.95
C ALA H 184 -4.26 2.31 36.21
N ARG H 185 -3.20 2.79 35.56
CA ARG H 185 -1.89 2.22 35.88
C ARG H 185 -1.30 2.81 37.15
N THR H 186 -1.78 3.97 37.60
CA THR H 186 -1.34 4.39 38.91
C THR H 186 -2.04 3.59 40.01
N LEU H 187 -3.38 3.44 39.93
CA LEU H 187 -4.12 2.75 41.00
C LEU H 187 -3.72 1.29 41.14
N GLY H 188 -3.52 0.59 40.03
CA GLY H 188 -3.19 -0.81 40.11
C GLY H 188 -2.05 -1.02 41.09
N PRO H 189 -0.87 -0.47 40.77
CA PRO H 189 0.26 -0.49 41.72
C PRO H 189 -0.01 0.18 43.05
N ALA H 190 -0.67 1.35 43.06
CA ALA H 190 -0.86 2.09 44.31
C ALA H 190 -1.54 1.25 45.39
N LEU H 191 -2.44 0.33 45.02
CA LEU H 191 -3.12 -0.46 46.03
C LEU H 191 -2.29 -1.62 46.55
N ALA H 192 -1.52 -2.29 45.69
CA ALA H 192 -0.76 -3.45 46.16
C ALA H 192 0.46 -3.05 46.98
N SER H 193 0.94 -1.83 46.83
CA SER H 193 2.12 -1.34 47.53
C SER H 193 1.78 -0.32 48.61
N ASN H 194 0.50 0.00 48.80
CA ASN H 194 0.00 0.84 49.91
C ASN H 194 0.76 2.16 49.98
N LYS H 195 0.87 2.81 48.83
CA LYS H 195 1.54 4.09 48.69
C LYS H 195 0.61 4.97 47.87
N PHE H 196 0.12 6.05 48.48
CA PHE H 196 -0.89 6.86 47.80
C PHE H 196 -0.63 8.36 47.87
N ASP H 197 0.62 8.79 48.05
CA ASP H 197 0.89 10.20 48.33
C ASP H 197 1.03 10.95 47.00
N GLY H 198 0.21 11.99 46.82
CA GLY H 198 0.13 12.67 45.54
C GLY H 198 -0.57 11.84 44.48
N LEU H 199 -1.29 10.79 44.90
CA LEU H 199 -2.00 9.90 44.00
C LEU H 199 -3.03 10.68 43.19
N TRP H 200 -3.42 11.84 43.68
CA TRP H 200 -4.37 12.68 42.99
C TRP H 200 -3.80 13.26 41.69
N ILE H 201 -2.48 13.41 41.57
CA ILE H 201 -2.02 14.03 40.32
C ILE H 201 -2.29 13.08 39.19
N TYR H 202 -2.29 11.78 39.50
CA TYR H 202 -2.52 10.73 38.55
C TYR H 202 -3.98 10.61 38.20
N PHE H 203 -4.76 11.62 38.59
CA PHE H 203 -6.13 11.78 38.15
C PHE H 203 -6.36 13.15 37.51
N LEU H 204 -5.67 14.20 37.94
CA LEU H 204 -5.75 15.48 37.22
C LEU H 204 -4.67 15.71 36.21
N GLY H 205 -3.50 15.11 36.36
CA GLY H 205 -2.54 15.18 35.30
C GLY H 205 -3.17 14.63 34.03
N PRO H 206 -3.60 13.36 34.09
CA PRO H 206 -4.28 12.74 32.95
C PRO H 206 -5.49 13.50 32.40
N VAL H 207 -6.59 13.60 33.17
CA VAL H 207 -7.84 14.14 32.63
C VAL H 207 -7.62 15.51 32.01
N MET H 208 -6.75 16.30 32.63
CA MET H 208 -6.39 17.61 32.11
C MET H 208 -5.39 17.54 30.98
N GLY H 209 -4.53 16.54 30.99
CA GLY H 209 -3.55 16.48 29.93
C GLY H 209 -4.14 15.97 28.63
N THR H 210 -4.97 14.92 28.70
CA THR H 210 -5.49 14.32 27.48
C THR H 210 -6.45 15.28 26.77
N LEU H 211 -7.30 15.96 27.51
CA LEU H 211 -8.22 16.89 26.89
C LEU H 211 -7.46 18.05 26.23
N SER H 212 -6.44 18.55 26.92
CA SER H 212 -5.64 19.66 26.40
C SER H 212 -4.91 19.26 25.12
N GLY H 213 -4.29 18.09 25.13
CA GLY H 213 -3.60 17.61 23.96
C GLY H 213 -4.51 17.33 22.79
N ALA H 214 -5.73 16.87 23.08
CA ALA H 214 -6.69 16.56 22.04
C ALA H 214 -7.10 17.79 21.25
N TRP H 215 -7.43 18.88 21.96
CA TRP H 215 -7.82 20.12 21.29
C TRP H 215 -6.70 20.64 20.40
N THR H 216 -5.44 20.49 20.83
CA THR H 216 -4.37 21.18 20.13
C THR H 216 -4.19 20.61 18.72
N TYR H 217 -4.39 19.29 18.56
CA TYR H 217 -4.22 18.73 17.22
C TYR H 217 -5.35 19.15 16.31
N THR H 218 -6.60 18.97 16.78
CA THR H 218 -7.77 19.36 16.00
C THR H 218 -7.67 20.79 15.52
N PHE H 219 -6.90 21.64 16.20
CA PHE H 219 -6.71 22.99 15.70
C PHE H 219 -6.02 22.92 14.34
N ILE H 220 -4.86 22.30 14.31
CA ILE H 220 -4.02 22.23 13.12
C ILE H 220 -4.45 21.07 12.23
N ARG H 221 -5.58 20.42 12.58
CA ARG H 221 -6.02 19.21 11.88
C ARG H 221 -6.18 19.41 10.37
N PHE H 222 -6.52 20.59 9.90
CA PHE H 222 -6.41 20.88 8.47
C PHE H 222 -5.03 21.49 8.20
N GLU H 223 -4.28 20.91 7.25
CA GLU H 223 -2.91 21.37 6.99
C GLU H 223 -2.85 22.84 6.64
CD CD I . -19.81 -8.72 14.03
CD CD J . 18.61 8.42 -15.39
CD CD K . 6.86 -24.08 -5.11
CD CD L . 11.98 20.82 -8.89
CD CD M . -7.97 24.14 3.74
CD CD N . -11.10 19.63 -45.27
CD CD O . -10.92 -20.75 10.17
CD CD P . 17.78 -14.64 -11.20
CD CD Q . -16.87 14.93 12.78
#